data_2O5T
# 
_entry.id   2O5T 
# 
_audit_conform.dict_name       mmcif_pdbx.dic 
_audit_conform.dict_version    5.383 
_audit_conform.dict_location   http://mmcif.pdb.org/dictionaries/ascii/mmcif_pdbx.dic 
# 
loop_
_database_2.database_id 
_database_2.database_code 
_database_2.pdbx_database_accession 
_database_2.pdbx_DOI 
PDB   2O5T         pdb_00002o5t 10.2210/pdb2o5t/pdb 
RCSB  RCSB040723   ?            ?                   
WWPDB D_1000040723 ?            ?                   
# 
loop_
_pdbx_audit_revision_history.ordinal 
_pdbx_audit_revision_history.data_content_type 
_pdbx_audit_revision_history.major_revision 
_pdbx_audit_revision_history.minor_revision 
_pdbx_audit_revision_history.revision_date 
1 'Structure model' 1 0 2007-10-16 
2 'Structure model' 1 1 2011-07-13 
3 'Structure model' 1 2 2023-12-27 
# 
_pdbx_audit_revision_details.ordinal             1 
_pdbx_audit_revision_details.revision_ordinal    1 
_pdbx_audit_revision_details.data_content_type   'Structure model' 
_pdbx_audit_revision_details.provider            repository 
_pdbx_audit_revision_details.type                'Initial release' 
_pdbx_audit_revision_details.description         ? 
_pdbx_audit_revision_details.details             ? 
# 
loop_
_pdbx_audit_revision_group.ordinal 
_pdbx_audit_revision_group.revision_ordinal 
_pdbx_audit_revision_group.data_content_type 
_pdbx_audit_revision_group.group 
1 2 'Structure model' 'Version format compliance' 
2 3 'Structure model' 'Data collection'           
3 3 'Structure model' 'Database references'       
4 3 'Structure model' 'Derived calculations'      
# 
loop_
_pdbx_audit_revision_category.ordinal 
_pdbx_audit_revision_category.revision_ordinal 
_pdbx_audit_revision_category.data_content_type 
_pdbx_audit_revision_category.category 
1 3 'Structure model' chem_comp_atom       
2 3 'Structure model' chem_comp_bond       
3 3 'Structure model' database_2           
4 3 'Structure model' pdbx_validate_chiral 
5 3 'Structure model' struct_site          
# 
loop_
_pdbx_audit_revision_item.ordinal 
_pdbx_audit_revision_item.revision_ordinal 
_pdbx_audit_revision_item.data_content_type 
_pdbx_audit_revision_item.item 
1 3 'Structure model' '_database_2.pdbx_DOI'                
2 3 'Structure model' '_database_2.pdbx_database_accession' 
3 3 'Structure model' '_struct_site.pdbx_auth_asym_id'      
4 3 'Structure model' '_struct_site.pdbx_auth_comp_id'      
5 3 'Structure model' '_struct_site.pdbx_auth_seq_id'       
# 
_pdbx_database_status.status_code                     REL 
_pdbx_database_status.entry_id                        2O5T 
_pdbx_database_status.recvd_initial_deposition_date   2006-12-06 
_pdbx_database_status.deposit_site                    RCSB 
_pdbx_database_status.process_site                    RCSB 
_pdbx_database_status.status_code_sf                  REL 
_pdbx_database_status.status_code_mr                  ? 
_pdbx_database_status.SG_entry                        ? 
_pdbx_database_status.status_code_cs                  ? 
_pdbx_database_status.pdb_format_compatible           Y 
_pdbx_database_status.status_code_nmr_data            ? 
_pdbx_database_status.methods_development_category    ? 
# 
loop_
_pdbx_database_related.db_name 
_pdbx_database_related.db_id 
_pdbx_database_related.details 
_pdbx_database_related.content_type 
PDB 1MMB 'Complex of BB94 with the catalytic domain of matrix metalloproteinase-8' unspecified 
PDB 2O58 'Horse heart met manganese myoglobin'                                     unspecified 
PDB 2O5B 'Manganese horse heart myoglobin, reduced'                                unspecified 
PDB 2O5L 'Manganese horse heart myoglobin, methanol modified'                      unspecified 
PDB 2O5M 'Manganese horse heart myoglobin, azide modified'                         unspecified 
PDB 2O5O 'Manganese horse heart myoglobin, nitrite modified'                       unspecified 
PDB 2O5Q 'Manganese horse heart myoglobin, nitric oxide modified'                  unspecified 
PDB 2O5S 'Cobalt horse heart myoglobin, nitrite modified'                          unspecified 
# 
loop_
_audit_author.name 
_audit_author.pdbx_ordinal 
'Richter-Addo, G.B.' 1 
'Zahran, Z.N.'       2 
'Chooback, L.'       3 
'Copeland, D.M.'     4 
'West, A.H.'         5 
# 
_citation.id                        primary 
_citation.title                     
;Crystal structures of manganese- and cobalt-substituted myoglobin in complex with NO and nitrite reveal unusual ligand conformations.
;
_citation.journal_abbrev            J.Inorg.Biochem. 
_citation.journal_volume            102 
_citation.page_first                216 
_citation.page_last                 233 
_citation.year                      2008 
_citation.journal_id_ASTM           JIBIDJ 
_citation.country                   US 
_citation.journal_id_ISSN           0162-0134 
_citation.journal_id_CSD            0525 
_citation.book_publisher            ? 
_citation.pdbx_database_id_PubMed   17905436 
_citation.pdbx_database_id_DOI      10.1016/j.jinorgbio.2007.08.002 
# 
loop_
_citation_author.citation_id 
_citation_author.name 
_citation_author.ordinal 
_citation_author.identifier_ORCID 
primary 'Zahran, Z.N.'       1 ? 
primary 'Chooback, L.'       2 ? 
primary 'Copeland, D.M.'     3 ? 
primary 'West, A.H.'         4 ? 
primary 'Richter-Addo, G.B.' 5 ? 
# 
loop_
_entity.id 
_entity.type 
_entity.src_method 
_entity.pdbx_description 
_entity.formula_weight 
_entity.pdbx_number_of_molecules 
_entity.pdbx_ec 
_entity.pdbx_mutation 
_entity.pdbx_fragment 
_entity.details 
1 polymer     nat Myoglobin                         16983.514 1   ? ? ? ? 
2 non-polymer syn 'SULFATE ION'                     96.063    2   ? ? ? ? 
3 non-polymer syn 'PROTOPORPHYRIN IX CONTAINING CO' 619.575   1   ? ? ? ? 
4 water       nat water                             18.015    147 ? ? ? ? 
# 
_entity_poly.entity_id                      1 
_entity_poly.type                           'polypeptide(L)' 
_entity_poly.nstd_linkage                   no 
_entity_poly.nstd_monomer                   no 
_entity_poly.pdbx_seq_one_letter_code       
;GLSDGEWQQVLNVWGKVEADIAGHGQEVLIRLFTGHPETLEKFDKFKHLKTEAEMKASEDLKKHGTVVLTALGGILKKKG
HHEAELKPLAQSHATKHKIPIKYLEFISDAIIHVLHSKHPGDFGADAQGAMTKALELFRNDIAAKYKELGFQG
;
_entity_poly.pdbx_seq_one_letter_code_can   
;GLSDGEWQQVLNVWGKVEADIAGHGQEVLIRLFTGHPETLEKFDKFKHLKTEAEMKASEDLKKHGTVVLTALGGILKKKG
HHEAELKPLAQSHATKHKIPIKYLEFISDAIIHVLHSKHPGDFGADAQGAMTKALELFRNDIAAKYKELGFQG
;
_entity_poly.pdbx_strand_id                 X 
_entity_poly.pdbx_target_identifier         ? 
# 
loop_
_pdbx_entity_nonpoly.entity_id 
_pdbx_entity_nonpoly.name 
_pdbx_entity_nonpoly.comp_id 
2 'SULFATE ION'                     SO4 
3 'PROTOPORPHYRIN IX CONTAINING CO' COH 
4 water                             HOH 
# 
loop_
_entity_poly_seq.entity_id 
_entity_poly_seq.num 
_entity_poly_seq.mon_id 
_entity_poly_seq.hetero 
1 1   GLY n 
1 2   LEU n 
1 3   SER n 
1 4   ASP n 
1 5   GLY n 
1 6   GLU n 
1 7   TRP n 
1 8   GLN n 
1 9   GLN n 
1 10  VAL n 
1 11  LEU n 
1 12  ASN n 
1 13  VAL n 
1 14  TRP n 
1 15  GLY n 
1 16  LYS n 
1 17  VAL n 
1 18  GLU n 
1 19  ALA n 
1 20  ASP n 
1 21  ILE n 
1 22  ALA n 
1 23  GLY n 
1 24  HIS n 
1 25  GLY n 
1 26  GLN n 
1 27  GLU n 
1 28  VAL n 
1 29  LEU n 
1 30  ILE n 
1 31  ARG n 
1 32  LEU n 
1 33  PHE n 
1 34  THR n 
1 35  GLY n 
1 36  HIS n 
1 37  PRO n 
1 38  GLU n 
1 39  THR n 
1 40  LEU n 
1 41  GLU n 
1 42  LYS n 
1 43  PHE n 
1 44  ASP n 
1 45  LYS n 
1 46  PHE n 
1 47  LYS n 
1 48  HIS n 
1 49  LEU n 
1 50  LYS n 
1 51  THR n 
1 52  GLU n 
1 53  ALA n 
1 54  GLU n 
1 55  MET n 
1 56  LYS n 
1 57  ALA n 
1 58  SER n 
1 59  GLU n 
1 60  ASP n 
1 61  LEU n 
1 62  LYS n 
1 63  LYS n 
1 64  HIS n 
1 65  GLY n 
1 66  THR n 
1 67  VAL n 
1 68  VAL n 
1 69  LEU n 
1 70  THR n 
1 71  ALA n 
1 72  LEU n 
1 73  GLY n 
1 74  GLY n 
1 75  ILE n 
1 76  LEU n 
1 77  LYS n 
1 78  LYS n 
1 79  LYS n 
1 80  GLY n 
1 81  HIS n 
1 82  HIS n 
1 83  GLU n 
1 84  ALA n 
1 85  GLU n 
1 86  LEU n 
1 87  LYS n 
1 88  PRO n 
1 89  LEU n 
1 90  ALA n 
1 91  GLN n 
1 92  SER n 
1 93  HIS n 
1 94  ALA n 
1 95  THR n 
1 96  LYS n 
1 97  HIS n 
1 98  LYS n 
1 99  ILE n 
1 100 PRO n 
1 101 ILE n 
1 102 LYS n 
1 103 TYR n 
1 104 LEU n 
1 105 GLU n 
1 106 PHE n 
1 107 ILE n 
1 108 SER n 
1 109 ASP n 
1 110 ALA n 
1 111 ILE n 
1 112 ILE n 
1 113 HIS n 
1 114 VAL n 
1 115 LEU n 
1 116 HIS n 
1 117 SER n 
1 118 LYS n 
1 119 HIS n 
1 120 PRO n 
1 121 GLY n 
1 122 ASP n 
1 123 PHE n 
1 124 GLY n 
1 125 ALA n 
1 126 ASP n 
1 127 ALA n 
1 128 GLN n 
1 129 GLY n 
1 130 ALA n 
1 131 MET n 
1 132 THR n 
1 133 LYS n 
1 134 ALA n 
1 135 LEU n 
1 136 GLU n 
1 137 LEU n 
1 138 PHE n 
1 139 ARG n 
1 140 ASN n 
1 141 ASP n 
1 142 ILE n 
1 143 ALA n 
1 144 ALA n 
1 145 LYS n 
1 146 TYR n 
1 147 LYS n 
1 148 GLU n 
1 149 LEU n 
1 150 GLY n 
1 151 PHE n 
1 152 GLN n 
1 153 GLY n 
# 
_entity_src_nat.entity_id                  1 
_entity_src_nat.pdbx_src_id                1 
_entity_src_nat.pdbx_alt_source_flag       sample 
_entity_src_nat.pdbx_beg_seq_num           ? 
_entity_src_nat.pdbx_end_seq_num           ? 
_entity_src_nat.common_name                horse 
_entity_src_nat.pdbx_organism_scientific   'Equus caballus' 
_entity_src_nat.pdbx_ncbi_taxonomy_id      9796 
_entity_src_nat.genus                      Equus 
_entity_src_nat.species                    ? 
_entity_src_nat.strain                     ? 
_entity_src_nat.tissue                     ? 
_entity_src_nat.tissue_fraction            ? 
_entity_src_nat.pdbx_secretion             ? 
_entity_src_nat.pdbx_fragment              ? 
_entity_src_nat.pdbx_variant               ? 
_entity_src_nat.pdbx_cell_line             ? 
_entity_src_nat.pdbx_atcc                  ? 
_entity_src_nat.pdbx_cellular_location     ? 
_entity_src_nat.pdbx_organ                 Heart 
_entity_src_nat.pdbx_organelle             ? 
_entity_src_nat.pdbx_cell                  ? 
_entity_src_nat.pdbx_plasmid_name          ? 
_entity_src_nat.pdbx_plasmid_details       ? 
_entity_src_nat.details                    ? 
# 
loop_
_chem_comp.id 
_chem_comp.type 
_chem_comp.mon_nstd_flag 
_chem_comp.name 
_chem_comp.pdbx_synonyms 
_chem_comp.formula 
_chem_comp.formula_weight 
ALA 'L-peptide linking' y ALANINE                           ? 'C3 H7 N O2'       89.093  
ARG 'L-peptide linking' y ARGININE                          ? 'C6 H15 N4 O2 1'   175.209 
ASN 'L-peptide linking' y ASPARAGINE                        ? 'C4 H8 N2 O3'      132.118 
ASP 'L-peptide linking' y 'ASPARTIC ACID'                   ? 'C4 H7 N O4'       133.103 
COH non-polymer         . 'PROTOPORPHYRIN IX CONTAINING CO' ? 'C34 H32 Co N4 O4' 619.575 
GLN 'L-peptide linking' y GLUTAMINE                         ? 'C5 H10 N2 O3'     146.144 
GLU 'L-peptide linking' y 'GLUTAMIC ACID'                   ? 'C5 H9 N O4'       147.129 
GLY 'peptide linking'   y GLYCINE                           ? 'C2 H5 N O2'       75.067  
HIS 'L-peptide linking' y HISTIDINE                         ? 'C6 H10 N3 O2 1'   156.162 
HOH non-polymer         . WATER                             ? 'H2 O'             18.015  
ILE 'L-peptide linking' y ISOLEUCINE                        ? 'C6 H13 N O2'      131.173 
LEU 'L-peptide linking' y LEUCINE                           ? 'C6 H13 N O2'      131.173 
LYS 'L-peptide linking' y LYSINE                            ? 'C6 H15 N2 O2 1'   147.195 
MET 'L-peptide linking' y METHIONINE                        ? 'C5 H11 N O2 S'    149.211 
PHE 'L-peptide linking' y PHENYLALANINE                     ? 'C9 H11 N O2'      165.189 
PRO 'L-peptide linking' y PROLINE                           ? 'C5 H9 N O2'       115.130 
SER 'L-peptide linking' y SERINE                            ? 'C3 H7 N O3'       105.093 
SO4 non-polymer         . 'SULFATE ION'                     ? 'O4 S -2'          96.063  
THR 'L-peptide linking' y THREONINE                         ? 'C4 H9 N O3'       119.119 
TRP 'L-peptide linking' y TRYPTOPHAN                        ? 'C11 H12 N2 O2'    204.225 
TYR 'L-peptide linking' y TYROSINE                          ? 'C9 H11 N O3'      181.189 
VAL 'L-peptide linking' y VALINE                            ? 'C5 H11 N O2'      117.146 
# 
loop_
_pdbx_poly_seq_scheme.asym_id 
_pdbx_poly_seq_scheme.entity_id 
_pdbx_poly_seq_scheme.seq_id 
_pdbx_poly_seq_scheme.mon_id 
_pdbx_poly_seq_scheme.ndb_seq_num 
_pdbx_poly_seq_scheme.pdb_seq_num 
_pdbx_poly_seq_scheme.auth_seq_num 
_pdbx_poly_seq_scheme.pdb_mon_id 
_pdbx_poly_seq_scheme.auth_mon_id 
_pdbx_poly_seq_scheme.pdb_strand_id 
_pdbx_poly_seq_scheme.pdb_ins_code 
_pdbx_poly_seq_scheme.hetero 
A 1 1   GLY 1   1   1   GLY GLY X . n 
A 1 2   LEU 2   2   2   LEU LEU X . n 
A 1 3   SER 3   3   3   SER SER X . n 
A 1 4   ASP 4   4   4   ASP ASP X . n 
A 1 5   GLY 5   5   5   GLY GLY X . n 
A 1 6   GLU 6   6   6   GLU GLU X . n 
A 1 7   TRP 7   7   7   TRP TRP X . n 
A 1 8   GLN 8   8   8   GLN GLN X . n 
A 1 9   GLN 9   9   9   GLN GLN X . n 
A 1 10  VAL 10  10  10  VAL VAL X . n 
A 1 11  LEU 11  11  11  LEU LEU X . n 
A 1 12  ASN 12  12  12  ASN ASN X . n 
A 1 13  VAL 13  13  13  VAL VAL X . n 
A 1 14  TRP 14  14  14  TRP TRP X . n 
A 1 15  GLY 15  15  15  GLY GLY X . n 
A 1 16  LYS 16  16  16  LYS LYS X . n 
A 1 17  VAL 17  17  17  VAL VAL X . n 
A 1 18  GLU 18  18  18  GLU GLU X . n 
A 1 19  ALA 19  19  19  ALA ALA X . n 
A 1 20  ASP 20  20  20  ASP ASP X . n 
A 1 21  ILE 21  21  21  ILE ILE X . n 
A 1 22  ALA 22  22  22  ALA ALA X . n 
A 1 23  GLY 23  23  23  GLY GLY X . n 
A 1 24  HIS 24  24  24  HIS HIS X . n 
A 1 25  GLY 25  25  25  GLY GLY X . n 
A 1 26  GLN 26  26  26  GLN GLN X . n 
A 1 27  GLU 27  27  27  GLU GLU X . n 
A 1 28  VAL 28  28  28  VAL VAL X . n 
A 1 29  LEU 29  29  29  LEU LEU X . n 
A 1 30  ILE 30  30  30  ILE ILE X . n 
A 1 31  ARG 31  31  31  ARG ARG X . n 
A 1 32  LEU 32  32  32  LEU LEU X . n 
A 1 33  PHE 33  33  33  PHE PHE X . n 
A 1 34  THR 34  34  34  THR THR X . n 
A 1 35  GLY 35  35  35  GLY GLY X . n 
A 1 36  HIS 36  36  36  HIS HIS X . n 
A 1 37  PRO 37  37  37  PRO PRO X . n 
A 1 38  GLU 38  38  38  GLU GLU X . n 
A 1 39  THR 39  39  39  THR THR X . n 
A 1 40  LEU 40  40  40  LEU LEU X . n 
A 1 41  GLU 41  41  41  GLU GLU X . n 
A 1 42  LYS 42  42  42  LYS LYS X . n 
A 1 43  PHE 43  43  43  PHE PHE X . n 
A 1 44  ASP 44  44  44  ASP ASP X . n 
A 1 45  LYS 45  45  45  LYS LYS X . n 
A 1 46  PHE 46  46  46  PHE PHE X . n 
A 1 47  LYS 47  47  47  LYS LYS X . n 
A 1 48  HIS 48  48  48  HIS HIS X . n 
A 1 49  LEU 49  49  49  LEU LEU X . n 
A 1 50  LYS 50  50  50  LYS LYS X . n 
A 1 51  THR 51  51  51  THR THR X . n 
A 1 52  GLU 52  52  52  GLU GLU X . n 
A 1 53  ALA 53  53  53  ALA ALA X . n 
A 1 54  GLU 54  54  54  GLU GLU X . n 
A 1 55  MET 55  55  55  MET MET X . n 
A 1 56  LYS 56  56  56  LYS LYS X . n 
A 1 57  ALA 57  57  57  ALA ALA X . n 
A 1 58  SER 58  58  58  SER SER X . n 
A 1 59  GLU 59  59  59  GLU GLU X . n 
A 1 60  ASP 60  60  60  ASP ASP X . n 
A 1 61  LEU 61  61  61  LEU LEU X . n 
A 1 62  LYS 62  62  62  LYS LYS X . n 
A 1 63  LYS 63  63  63  LYS LYS X . n 
A 1 64  HIS 64  64  64  HIS HIS X . n 
A 1 65  GLY 65  65  65  GLY GLY X . n 
A 1 66  THR 66  66  66  THR THR X . n 
A 1 67  VAL 67  67  67  VAL VAL X . n 
A 1 68  VAL 68  68  68  VAL VAL X . n 
A 1 69  LEU 69  69  69  LEU LEU X . n 
A 1 70  THR 70  70  70  THR THR X . n 
A 1 71  ALA 71  71  71  ALA ALA X . n 
A 1 72  LEU 72  72  72  LEU LEU X . n 
A 1 73  GLY 73  73  73  GLY GLY X . n 
A 1 74  GLY 74  74  74  GLY GLY X . n 
A 1 75  ILE 75  75  75  ILE ILE X . n 
A 1 76  LEU 76  76  76  LEU LEU X . n 
A 1 77  LYS 77  77  77  LYS LYS X . n 
A 1 78  LYS 78  78  78  LYS LYS X . n 
A 1 79  LYS 79  79  79  LYS LYS X . n 
A 1 80  GLY 80  80  80  GLY GLY X . n 
A 1 81  HIS 81  81  81  HIS HIS X . n 
A 1 82  HIS 82  82  82  HIS HIS X . n 
A 1 83  GLU 83  83  83  GLU GLU X . n 
A 1 84  ALA 84  84  84  ALA ALA X . n 
A 1 85  GLU 85  85  85  GLU GLU X . n 
A 1 86  LEU 86  86  86  LEU LEU X . n 
A 1 87  LYS 87  87  87  LYS LYS X . n 
A 1 88  PRO 88  88  88  PRO PRO X . n 
A 1 89  LEU 89  89  89  LEU LEU X . n 
A 1 90  ALA 90  90  90  ALA ALA X . n 
A 1 91  GLN 91  91  91  GLN GLN X . n 
A 1 92  SER 92  92  92  SER SER X . n 
A 1 93  HIS 93  93  93  HIS HIS X . n 
A 1 94  ALA 94  94  94  ALA ALA X . n 
A 1 95  THR 95  95  95  THR THR X . n 
A 1 96  LYS 96  96  96  LYS LYS X . n 
A 1 97  HIS 97  97  97  HIS HIS X . n 
A 1 98  LYS 98  98  98  LYS LYS X . n 
A 1 99  ILE 99  99  99  ILE ILE X . n 
A 1 100 PRO 100 100 100 PRO PRO X . n 
A 1 101 ILE 101 101 101 ILE ILE X . n 
A 1 102 LYS 102 102 102 LYS LYS X . n 
A 1 103 TYR 103 103 103 TYR TYR X . n 
A 1 104 LEU 104 104 104 LEU LEU X . n 
A 1 105 GLU 105 105 105 GLU GLU X . n 
A 1 106 PHE 106 106 106 PHE PHE X . n 
A 1 107 ILE 107 107 107 ILE ILE X . n 
A 1 108 SER 108 108 108 SER SER X . n 
A 1 109 ASP 109 109 109 ASP ASP X . n 
A 1 110 ALA 110 110 110 ALA ALA X . n 
A 1 111 ILE 111 111 111 ILE ILE X . n 
A 1 112 ILE 112 112 112 ILE ILE X . n 
A 1 113 HIS 113 113 113 HIS HIS X . n 
A 1 114 VAL 114 114 114 VAL VAL X . n 
A 1 115 LEU 115 115 115 LEU LEU X . n 
A 1 116 HIS 116 116 116 HIS HIS X . n 
A 1 117 SER 117 117 117 SER SER X . n 
A 1 118 LYS 118 118 118 LYS LYS X . n 
A 1 119 HIS 119 119 119 HIS HIS X . n 
A 1 120 PRO 120 120 120 PRO PRO X . n 
A 1 121 GLY 121 121 121 GLY GLY X . n 
A 1 122 ASP 122 122 122 ASP ASP X . n 
A 1 123 PHE 123 123 123 PHE PHE X . n 
A 1 124 GLY 124 124 124 GLY GLY X . n 
A 1 125 ALA 125 125 125 ALA ALA X . n 
A 1 126 ASP 126 126 126 ASP ASP X . n 
A 1 127 ALA 127 127 127 ALA ALA X . n 
A 1 128 GLN 128 128 128 GLN GLN X . n 
A 1 129 GLY 129 129 129 GLY GLY X . n 
A 1 130 ALA 130 130 130 ALA ALA X . n 
A 1 131 MET 131 131 131 MET MET X . n 
A 1 132 THR 132 132 132 THR THR X . n 
A 1 133 LYS 133 133 133 LYS LYS X . n 
A 1 134 ALA 134 134 134 ALA ALA X . n 
A 1 135 LEU 135 135 135 LEU LEU X . n 
A 1 136 GLU 136 136 136 GLU GLU X . n 
A 1 137 LEU 137 137 137 LEU LEU X . n 
A 1 138 PHE 138 138 138 PHE PHE X . n 
A 1 139 ARG 139 139 139 ARG ARG X . n 
A 1 140 ASN 140 140 140 ASN ASN X . n 
A 1 141 ASP 141 141 141 ASP ASP X . n 
A 1 142 ILE 142 142 142 ILE ILE X . n 
A 1 143 ALA 143 143 143 ALA ALA X . n 
A 1 144 ALA 144 144 144 ALA ALA X . n 
A 1 145 LYS 145 145 145 LYS LYS X . n 
A 1 146 TYR 146 146 146 TYR TYR X . n 
A 1 147 LYS 147 147 147 LYS LYS X . n 
A 1 148 GLU 148 148 148 GLU GLU X . n 
A 1 149 LEU 149 149 149 LEU LEU X . n 
A 1 150 GLY 150 150 150 GLY GLY X . n 
A 1 151 PHE 151 151 151 PHE PHE X . n 
A 1 152 GLN 152 152 152 GLN GLN X . n 
A 1 153 GLY 153 153 ?   ?   ?   X . n 
# 
loop_
_pdbx_nonpoly_scheme.asym_id 
_pdbx_nonpoly_scheme.entity_id 
_pdbx_nonpoly_scheme.mon_id 
_pdbx_nonpoly_scheme.ndb_seq_num 
_pdbx_nonpoly_scheme.pdb_seq_num 
_pdbx_nonpoly_scheme.auth_seq_num 
_pdbx_nonpoly_scheme.pdb_mon_id 
_pdbx_nonpoly_scheme.auth_mon_id 
_pdbx_nonpoly_scheme.pdb_strand_id 
_pdbx_nonpoly_scheme.pdb_ins_code 
B 2 SO4 1   157 157 SO4 SO4 X . 
C 2 SO4 1   158 158 SO4 SO4 X . 
D 3 COH 1   154 154 COH COH X . 
E 4 HOH 1   159 159 HOH HOH X . 
E 4 HOH 2   160 160 HOH HOH X . 
E 4 HOH 3   161 161 HOH HOH X . 
E 4 HOH 4   162 162 HOH HOH X . 
E 4 HOH 5   163 163 HOH HOH X . 
E 4 HOH 6   164 164 HOH HOH X . 
E 4 HOH 7   165 165 HOH HOH X . 
E 4 HOH 8   166 166 HOH HOH X . 
E 4 HOH 9   167 167 HOH HOH X . 
E 4 HOH 10  168 168 HOH HOH X . 
E 4 HOH 11  169 169 HOH HOH X . 
E 4 HOH 12  170 170 HOH HOH X . 
E 4 HOH 13  171 171 HOH HOH X . 
E 4 HOH 14  172 172 HOH HOH X . 
E 4 HOH 15  173 173 HOH HOH X . 
E 4 HOH 16  174 174 HOH HOH X . 
E 4 HOH 17  175 175 HOH HOH X . 
E 4 HOH 18  176 176 HOH HOH X . 
E 4 HOH 19  177 177 HOH HOH X . 
E 4 HOH 20  178 178 HOH HOH X . 
E 4 HOH 21  179 179 HOH HOH X . 
E 4 HOH 22  180 180 HOH HOH X . 
E 4 HOH 23  181 181 HOH HOH X . 
E 4 HOH 24  182 182 HOH HOH X . 
E 4 HOH 25  183 183 HOH HOH X . 
E 4 HOH 26  184 184 HOH HOH X . 
E 4 HOH 27  185 185 HOH HOH X . 
E 4 HOH 28  186 186 HOH HOH X . 
E 4 HOH 29  187 187 HOH HOH X . 
E 4 HOH 30  188 188 HOH HOH X . 
E 4 HOH 31  189 189 HOH HOH X . 
E 4 HOH 32  190 190 HOH HOH X . 
E 4 HOH 33  191 191 HOH HOH X . 
E 4 HOH 34  192 192 HOH HOH X . 
E 4 HOH 35  193 193 HOH HOH X . 
E 4 HOH 36  194 194 HOH HOH X . 
E 4 HOH 37  195 195 HOH HOH X . 
E 4 HOH 38  196 196 HOH HOH X . 
E 4 HOH 39  197 197 HOH HOH X . 
E 4 HOH 40  198 198 HOH HOH X . 
E 4 HOH 41  199 199 HOH HOH X . 
E 4 HOH 42  200 200 HOH HOH X . 
E 4 HOH 43  201 201 HOH HOH X . 
E 4 HOH 44  202 202 HOH HOH X . 
E 4 HOH 45  203 203 HOH HOH X . 
E 4 HOH 46  204 204 HOH HOH X . 
E 4 HOH 47  205 205 HOH HOH X . 
E 4 HOH 48  206 206 HOH HOH X . 
E 4 HOH 49  207 207 HOH HOH X . 
E 4 HOH 50  208 208 HOH HOH X . 
E 4 HOH 51  209 209 HOH HOH X . 
E 4 HOH 52  210 210 HOH HOH X . 
E 4 HOH 53  211 211 HOH HOH X . 
E 4 HOH 54  212 212 HOH HOH X . 
E 4 HOH 55  213 213 HOH HOH X . 
E 4 HOH 56  214 214 HOH HOH X . 
E 4 HOH 57  215 215 HOH HOH X . 
E 4 HOH 58  216 216 HOH HOH X . 
E 4 HOH 59  217 217 HOH HOH X . 
E 4 HOH 60  218 218 HOH HOH X . 
E 4 HOH 61  219 219 HOH HOH X . 
E 4 HOH 62  220 220 HOH HOH X . 
E 4 HOH 63  221 221 HOH HOH X . 
E 4 HOH 64  222 222 HOH HOH X . 
E 4 HOH 65  223 223 HOH HOH X . 
E 4 HOH 66  224 224 HOH HOH X . 
E 4 HOH 67  225 225 HOH HOH X . 
E 4 HOH 68  226 226 HOH HOH X . 
E 4 HOH 69  227 227 HOH HOH X . 
E 4 HOH 70  228 228 HOH HOH X . 
E 4 HOH 71  229 229 HOH HOH X . 
E 4 HOH 72  230 230 HOH HOH X . 
E 4 HOH 73  231 231 HOH HOH X . 
E 4 HOH 74  232 232 HOH HOH X . 
E 4 HOH 75  233 233 HOH HOH X . 
E 4 HOH 76  234 234 HOH HOH X . 
E 4 HOH 77  235 235 HOH HOH X . 
E 4 HOH 78  236 236 HOH HOH X . 
E 4 HOH 79  237 237 HOH HOH X . 
E 4 HOH 80  238 238 HOH HOH X . 
E 4 HOH 81  239 239 HOH HOH X . 
E 4 HOH 82  240 240 HOH HOH X . 
E 4 HOH 83  241 241 HOH HOH X . 
E 4 HOH 84  242 242 HOH HOH X . 
E 4 HOH 85  243 243 HOH HOH X . 
E 4 HOH 86  244 244 HOH HOH X . 
E 4 HOH 87  245 245 HOH HOH X . 
E 4 HOH 88  246 246 HOH HOH X . 
E 4 HOH 89  247 247 HOH HOH X . 
E 4 HOH 90  248 248 HOH HOH X . 
E 4 HOH 91  249 249 HOH HOH X . 
E 4 HOH 92  250 250 HOH HOH X . 
E 4 HOH 93  251 251 HOH HOH X . 
E 4 HOH 94  252 252 HOH HOH X . 
E 4 HOH 95  253 253 HOH HOH X . 
E 4 HOH 96  254 254 HOH HOH X . 
E 4 HOH 97  255 255 HOH HOH X . 
E 4 HOH 98  256 256 HOH HOH X . 
E 4 HOH 99  257 257 HOH HOH X . 
E 4 HOH 100 258 258 HOH HOH X . 
E 4 HOH 101 259 259 HOH HOH X . 
E 4 HOH 102 260 260 HOH HOH X . 
E 4 HOH 103 261 261 HOH HOH X . 
E 4 HOH 104 262 262 HOH HOH X . 
E 4 HOH 105 263 263 HOH HOH X . 
E 4 HOH 106 264 264 HOH HOH X . 
E 4 HOH 107 265 265 HOH HOH X . 
E 4 HOH 108 266 266 HOH HOH X . 
E 4 HOH 109 267 267 HOH HOH X . 
E 4 HOH 110 268 268 HOH HOH X . 
E 4 HOH 111 270 270 HOH HOH X . 
E 4 HOH 112 271 271 HOH HOH X . 
E 4 HOH 113 272 272 HOH HOH X . 
E 4 HOH 114 273 273 HOH HOH X . 
E 4 HOH 115 274 274 HOH HOH X . 
E 4 HOH 116 275 275 HOH HOH X . 
E 4 HOH 117 276 276 HOH HOH X . 
E 4 HOH 118 277 277 HOH HOH X . 
E 4 HOH 119 278 278 HOH HOH X . 
E 4 HOH 120 279 279 HOH HOH X . 
E 4 HOH 121 280 280 HOH HOH X . 
E 4 HOH 122 281 281 HOH HOH X . 
E 4 HOH 123 282 282 HOH HOH X . 
E 4 HOH 124 283 283 HOH HOH X . 
E 4 HOH 125 284 284 HOH HOH X . 
E 4 HOH 126 285 285 HOH HOH X . 
E 4 HOH 127 286 286 HOH HOH X . 
E 4 HOH 128 287 287 HOH HOH X . 
E 4 HOH 129 288 288 HOH HOH X . 
E 4 HOH 130 290 290 HOH HOH X . 
E 4 HOH 131 291 291 HOH HOH X . 
E 4 HOH 132 292 292 HOH HOH X . 
E 4 HOH 133 293 293 HOH HOH X . 
E 4 HOH 134 294 294 HOH HOH X . 
E 4 HOH 135 295 295 HOH HOH X . 
E 4 HOH 136 296 296 HOH HOH X . 
E 4 HOH 137 297 297 HOH HOH X . 
E 4 HOH 138 298 298 HOH HOH X . 
E 4 HOH 139 299 299 HOH HOH X . 
E 4 HOH 140 300 300 HOH HOH X . 
E 4 HOH 141 301 301 HOH HOH X . 
E 4 HOH 142 302 302 HOH HOH X . 
E 4 HOH 143 303 303 HOH HOH X . 
E 4 HOH 144 304 304 HOH HOH X . 
E 4 HOH 145 305 305 HOH HOH X . 
E 4 HOH 146 306 306 HOH HOH X . 
E 4 HOH 147 307 307 HOH HOH X . 
# 
loop_
_software.name 
_software.classification 
_software.version 
_software.citation_id 
_software.pdbx_ordinal 
REFMAC       refinement        5.2.0019 ? 1 
CrystalClear 'data collection' .        ? 2 
d*TREK       'data reduction'  .        ? 3 
d*TREK       'data scaling'    .        ? 4 
MOLREP       phasing           .        ? 5 
# 
_cell.entry_id           2O5T 
_cell.length_a           35.315 
_cell.length_b           28.746 
_cell.length_c           63.034 
_cell.angle_alpha        90.00 
_cell.angle_beta         106.49 
_cell.angle_gamma        90.00 
_cell.Z_PDB              2 
_cell.pdbx_unique_axis   ? 
_cell.length_a_esd       ? 
_cell.length_b_esd       ? 
_cell.length_c_esd       ? 
_cell.angle_alpha_esd    ? 
_cell.angle_beta_esd     ? 
_cell.angle_gamma_esd    ? 
# 
_symmetry.entry_id                         2O5T 
_symmetry.space_group_name_H-M             'P 1 21 1' 
_symmetry.pdbx_full_space_group_name_H-M   ? 
_symmetry.cell_setting                     ? 
_symmetry.Int_Tables_number                4 
_symmetry.space_group_name_Hall            ? 
# 
_exptl.entry_id          2O5T 
_exptl.method            'X-RAY DIFFRACTION' 
_exptl.crystals_number   ? 
# 
_exptl_crystal.id                    1 
_exptl_crystal.density_meas          ? 
_exptl_crystal.density_Matthews      1.81 
_exptl_crystal.density_percent_sol   31.89 
_exptl_crystal.description           ? 
_exptl_crystal.F_000                 ? 
_exptl_crystal.preparation           ? 
# 
_exptl_crystal_grow.crystal_id      1 
_exptl_crystal_grow.method          'VAPOR DIFFUSION, HANGING DROP' 
_exptl_crystal_grow.temp            296 
_exptl_crystal_grow.temp_details    'Room temperature' 
_exptl_crystal_grow.pH              7.4 
_exptl_crystal_grow.pdbx_details    'Ammonium sulfate, pH 7.4, VAPOR DIFFUSION, HANGING DROP, temperature 296K' 
_exptl_crystal_grow.pdbx_pH_range   . 
# 
_diffrn.id                     1 
_diffrn.ambient_temp           100 
_diffrn.ambient_temp_details   ? 
_diffrn.crystal_id             1 
# 
_diffrn_detector.diffrn_id              1 
_diffrn_detector.detector               'IMAGE PLATE' 
_diffrn_detector.type                   'RIGAKU RAXIS IV' 
_diffrn_detector.pdbx_collection_date   2006-05-01 
_diffrn_detector.details                ? 
# 
_diffrn_radiation.diffrn_id                        1 
_diffrn_radiation.wavelength_id                    1 
_diffrn_radiation.pdbx_monochromatic_or_laue_m_l   M 
_diffrn_radiation.monochromator                    'Osmic mirror' 
_diffrn_radiation.pdbx_diffrn_protocol             'SINGLE WAVELENGTH' 
_diffrn_radiation.pdbx_scattering_type             x-ray 
# 
_diffrn_radiation_wavelength.id           1 
_diffrn_radiation_wavelength.wavelength   1.54178 
_diffrn_radiation_wavelength.wt           1.0 
# 
_diffrn_source.diffrn_id                   1 
_diffrn_source.source                      'ROTATING ANODE' 
_diffrn_source.type                        'RIGAKU RU300' 
_diffrn_source.pdbx_synchrotron_site       ? 
_diffrn_source.pdbx_synchrotron_beamline   ? 
_diffrn_source.pdbx_wavelength             ? 
_diffrn_source.pdbx_wavelength_list        1.54178 
# 
_reflns.entry_id                     2O5T 
_reflns.observed_criterion_sigma_I   ? 
_reflns.observed_criterion_sigma_F   ? 
_reflns.d_resolution_low             33.93 
_reflns.d_resolution_high            1.60 
_reflns.number_obs                   14921 
_reflns.number_all                   ? 
_reflns.percent_possible_obs         ? 
_reflns.pdbx_Rmerge_I_obs            0.075 
_reflns.pdbx_Rsym_value              ? 
_reflns.pdbx_netI_over_sigmaI        ? 
_reflns.B_iso_Wilson_estimate        ? 
_reflns.pdbx_redundancy              ? 
_reflns.R_free_details               ? 
_reflns.limit_h_max                  ? 
_reflns.limit_h_min                  ? 
_reflns.limit_k_max                  ? 
_reflns.limit_k_min                  ? 
_reflns.limit_l_max                  ? 
_reflns.limit_l_min                  ? 
_reflns.observed_criterion_F_max     ? 
_reflns.observed_criterion_F_min     ? 
_reflns.pdbx_chi_squared             ? 
_reflns.pdbx_scaling_rejects         ? 
_reflns.pdbx_diffrn_id               1 
_reflns.pdbx_ordinal                 1 
# 
_refine.entry_id                                 2O5T 
_refine.ls_number_reflns_obs                     14921 
_refine.ls_number_reflns_all                     ? 
_refine.pdbx_ls_sigma_I                          ? 
_refine.pdbx_ls_sigma_F                          ? 
_refine.pdbx_data_cutoff_high_absF               ? 
_refine.pdbx_data_cutoff_low_absF                ? 
_refine.pdbx_data_cutoff_high_rms_absF           ? 
_refine.ls_d_res_low                             26.51 
_refine.ls_d_res_high                            1.60 
_refine.ls_percent_reflns_obs                    96.22 
_refine.ls_R_factor_obs                          0.19537 
_refine.ls_R_factor_all                          ? 
_refine.ls_R_factor_R_work                       0.19265 
_refine.ls_R_factor_R_free                       0.24799 
_refine.ls_R_factor_R_free_error                 ? 
_refine.ls_R_factor_R_free_error_details         ? 
_refine.ls_percent_reflns_R_free                 5.1 
_refine.ls_number_reflns_R_free                  794 
_refine.ls_number_parameters                     ? 
_refine.ls_number_restraints                     ? 
_refine.occupancy_min                            ? 
_refine.occupancy_max                            ? 
_refine.correlation_coeff_Fo_to_Fc               0.966 
_refine.correlation_coeff_Fo_to_Fc_free          0.943 
_refine.B_iso_mean                               21.588 
_refine.aniso_B[1][1]                            0.00 
_refine.aniso_B[2][2]                            0.00 
_refine.aniso_B[3][3]                            0.00 
_refine.aniso_B[1][2]                            0.00 
_refine.aniso_B[1][3]                            0.00 
_refine.aniso_B[2][3]                            0.00 
_refine.solvent_model_details                    MASK 
_refine.solvent_model_param_ksol                 ? 
_refine.solvent_model_param_bsol                 ? 
_refine.pdbx_solvent_vdw_probe_radii             1.20 
_refine.pdbx_solvent_ion_probe_radii             0.80 
_refine.pdbx_solvent_shrinkage_radii             0.80 
_refine.pdbx_ls_cross_valid_method               THROUGHOUT 
_refine.details                                  'HYDROGENS HAVE BEEN ADDED IN THE RIDING POSITIONS' 
_refine.pdbx_starting_model                      ? 
_refine.pdbx_method_to_determine_struct          'MOLECULAR REPLACEMENT' 
_refine.pdbx_isotropic_thermal_model             ? 
_refine.pdbx_stereochemistry_target_values       'MAXIMUM LIKELIHOOD' 
_refine.pdbx_stereochem_target_val_spec_case     ? 
_refine.pdbx_R_Free_selection_details            RANDOM 
_refine.pdbx_overall_ESU_R                       0.123 
_refine.pdbx_overall_ESU_R_Free                  0.125 
_refine.overall_SU_ML                            0.104 
_refine.overall_SU_B                             3.165 
_refine.ls_redundancy_reflns_obs                 ? 
_refine.B_iso_min                                ? 
_refine.B_iso_max                                ? 
_refine.overall_SU_R_Cruickshank_DPI             ? 
_refine.overall_SU_R_free                        ? 
_refine.ls_wR_factor_R_free                      ? 
_refine.ls_wR_factor_R_work                      ? 
_refine.overall_FOM_free_R_set                   ? 
_refine.overall_FOM_work_R_set                   ? 
_refine.pdbx_refine_id                           'X-RAY DIFFRACTION' 
_refine.pdbx_overall_phase_error                 ? 
_refine.pdbx_diffrn_id                           1 
_refine.pdbx_TLS_residual_ADP_flag               ? 
_refine.pdbx_overall_SU_R_free_Cruickshank_DPI   ? 
_refine.pdbx_overall_SU_R_Blow_DPI               ? 
_refine.pdbx_overall_SU_R_free_Blow_DPI          ? 
# 
_refine_hist.pdbx_refine_id                   'X-RAY DIFFRACTION' 
_refine_hist.cycle_id                         LAST 
_refine_hist.pdbx_number_atoms_protein        1194 
_refine_hist.pdbx_number_atoms_nucleic_acid   0 
_refine_hist.pdbx_number_atoms_ligand         53 
_refine_hist.number_atoms_solvent             147 
_refine_hist.number_atoms_total               1394 
_refine_hist.d_res_high                       1.60 
_refine_hist.d_res_low                        26.51 
# 
loop_
_refine_ls_restr.type 
_refine_ls_restr.dev_ideal 
_refine_ls_restr.dev_ideal_target 
_refine_ls_restr.weight 
_refine_ls_restr.number 
_refine_ls_restr.pdbx_refine_id 
_refine_ls_restr.pdbx_restraint_function 
r_bond_refined_d             0.017  0.021  ? 1279 'X-RAY DIFFRACTION' ? 
r_bond_other_d               ?      ?      ? ?    'X-RAY DIFFRACTION' ? 
r_angle_refined_deg          2.444  2.006  ? 1734 'X-RAY DIFFRACTION' ? 
r_angle_other_deg            ?      ?      ? ?    'X-RAY DIFFRACTION' ? 
r_dihedral_angle_1_deg       5.134  5.000  ? 151  'X-RAY DIFFRACTION' ? 
r_dihedral_angle_2_deg       38.670 25.094 ? 53   'X-RAY DIFFRACTION' ? 
r_dihedral_angle_3_deg       14.032 15.000 ? 229  'X-RAY DIFFRACTION' ? 
r_dihedral_angle_4_deg       15.737 15.000 ? 2    'X-RAY DIFFRACTION' ? 
r_chiral_restr               0.114  0.200  ? 182  'X-RAY DIFFRACTION' ? 
r_gen_planes_refined         0.007  0.020  ? 951  'X-RAY DIFFRACTION' ? 
r_gen_planes_other           ?      ?      ? ?    'X-RAY DIFFRACTION' ? 
r_nbd_refined                0.221  0.200  ? 699  'X-RAY DIFFRACTION' ? 
r_nbd_other                  ?      ?      ? ?    'X-RAY DIFFRACTION' ? 
r_nbtor_refined              0.301  0.200  ? 859  'X-RAY DIFFRACTION' ? 
r_nbtor_other                ?      ?      ? ?    'X-RAY DIFFRACTION' ? 
r_xyhbond_nbd_refined        0.175  0.200  ? 118  'X-RAY DIFFRACTION' ? 
r_xyhbond_nbd_other          ?      ?      ? ?    'X-RAY DIFFRACTION' ? 
r_metal_ion_refined          ?      ?      ? ?    'X-RAY DIFFRACTION' ? 
r_metal_ion_other            ?      ?      ? ?    'X-RAY DIFFRACTION' ? 
r_symmetry_vdw_refined       0.200  0.200  ? 64   'X-RAY DIFFRACTION' ? 
r_symmetry_vdw_other         ?      ?      ? ?    'X-RAY DIFFRACTION' ? 
r_symmetry_hbond_refined     0.242  0.200  ? 17   'X-RAY DIFFRACTION' ? 
r_symmetry_hbond_other       ?      ?      ? ?    'X-RAY DIFFRACTION' ? 
r_symmetry_metal_ion_refined ?      ?      ? ?    'X-RAY DIFFRACTION' ? 
r_symmetry_metal_ion_other   ?      ?      ? ?    'X-RAY DIFFRACTION' ? 
r_mcbond_it                  0.850  1.500  ? 766  'X-RAY DIFFRACTION' ? 
r_mcbond_other               ?      ?      ? ?    'X-RAY DIFFRACTION' ? 
r_mcangle_it                 1.362  2.000  ? 1191 'X-RAY DIFFRACTION' ? 
r_scbond_it                  2.494  3.000  ? 570  'X-RAY DIFFRACTION' ? 
r_scangle_it                 3.808  4.500  ? 541  'X-RAY DIFFRACTION' ? 
r_rigid_bond_restr           ?      ?      ? ?    'X-RAY DIFFRACTION' ? 
r_sphericity_free            ?      ?      ? ?    'X-RAY DIFFRACTION' ? 
r_sphericity_bonded          ?      ?      ? ?    'X-RAY DIFFRACTION' ? 
# 
_refine_ls_shell.pdbx_total_number_of_bins_used   20 
_refine_ls_shell.d_res_high                       1.600 
_refine_ls_shell.d_res_low                        1.642 
_refine_ls_shell.number_reflns_R_work             956 
_refine_ls_shell.R_factor_R_work                  0.352 
_refine_ls_shell.percent_reflns_obs               84.92 
_refine_ls_shell.R_factor_R_free                  0.451 
_refine_ls_shell.R_factor_R_free_error            ? 
_refine_ls_shell.percent_reflns_R_free            ? 
_refine_ls_shell.number_reflns_R_free             46 
_refine_ls_shell.number_reflns_all                ? 
_refine_ls_shell.R_factor_all                     ? 
_refine_ls_shell.redundancy_reflns_obs            ? 
_refine_ls_shell.number_reflns_obs                ? 
_refine_ls_shell.pdbx_refine_id                   'X-RAY DIFFRACTION' 
# 
_struct.entry_id                  2O5T 
_struct.title                     'Cobalt horse heart myoglobin, oxidized' 
_struct.pdbx_model_details        ? 
_struct.pdbx_CASP_flag            N 
_struct.pdbx_model_type_details   ? 
# 
_struct_keywords.entry_id        2O5T 
_struct_keywords.pdbx_keywords   'OXYGEN STORAGE/TRANSPORT' 
_struct_keywords.text            
'Cobalt protoporphyrin IX, cobalt myoglobin, oxidized form, horse heart, OXYGEN STORAGE-TRANSPORT COMPLEX' 
# 
loop_
_struct_asym.id 
_struct_asym.pdbx_blank_PDB_chainid_flag 
_struct_asym.pdbx_modified 
_struct_asym.entity_id 
_struct_asym.details 
A N N 1 ? 
B N N 2 ? 
C N N 2 ? 
D N N 3 ? 
E N N 4 ? 
# 
_struct_ref.id                         1 
_struct_ref.db_name                    UNP 
_struct_ref.db_code                    MYG_HORSE 
_struct_ref.pdbx_db_accession          P68082 
_struct_ref.entity_id                  1 
_struct_ref.pdbx_seq_one_letter_code   
;GLSDGEWQQVLNVWGKVEADIAGHGQEVLIRLFTGHPETLEKFDKFKHLKTEAEMKASEDLKKHGTVVLTALGGILKKKG
HHEAELKPLAQSHATKHKIPIKYLEFISDAIIHVLHSKHPGDFGADAQGAMTKALELFRNDIAAKYKELGFQG
;
_struct_ref.pdbx_align_begin           1 
_struct_ref.pdbx_db_isoform            ? 
# 
_struct_ref_seq.align_id                      1 
_struct_ref_seq.ref_id                        1 
_struct_ref_seq.pdbx_PDB_id_code              2O5T 
_struct_ref_seq.pdbx_strand_id                X 
_struct_ref_seq.seq_align_beg                 1 
_struct_ref_seq.pdbx_seq_align_beg_ins_code   ? 
_struct_ref_seq.seq_align_end                 153 
_struct_ref_seq.pdbx_seq_align_end_ins_code   ? 
_struct_ref_seq.pdbx_db_accession             P68082 
_struct_ref_seq.db_align_beg                  1 
_struct_ref_seq.pdbx_db_align_beg_ins_code    ? 
_struct_ref_seq.db_align_end                  153 
_struct_ref_seq.pdbx_db_align_end_ins_code    ? 
_struct_ref_seq.pdbx_auth_seq_align_beg       1 
_struct_ref_seq.pdbx_auth_seq_align_end       153 
# 
_pdbx_struct_assembly.id                   1 
_pdbx_struct_assembly.details              author_defined_assembly 
_pdbx_struct_assembly.method_details       ? 
_pdbx_struct_assembly.oligomeric_details   monomeric 
_pdbx_struct_assembly.oligomeric_count     1 
# 
_pdbx_struct_assembly_gen.assembly_id       1 
_pdbx_struct_assembly_gen.oper_expression   1 
_pdbx_struct_assembly_gen.asym_id_list      A,B,C,D,E 
# 
_pdbx_struct_oper_list.id                   1 
_pdbx_struct_oper_list.type                 'identity operation' 
_pdbx_struct_oper_list.name                 1_555 
_pdbx_struct_oper_list.symmetry_operation   x,y,z 
_pdbx_struct_oper_list.matrix[1][1]         1.0000000000 
_pdbx_struct_oper_list.matrix[1][2]         0.0000000000 
_pdbx_struct_oper_list.matrix[1][3]         0.0000000000 
_pdbx_struct_oper_list.vector[1]            0.0000000000 
_pdbx_struct_oper_list.matrix[2][1]         0.0000000000 
_pdbx_struct_oper_list.matrix[2][2]         1.0000000000 
_pdbx_struct_oper_list.matrix[2][3]         0.0000000000 
_pdbx_struct_oper_list.vector[2]            0.0000000000 
_pdbx_struct_oper_list.matrix[3][1]         0.0000000000 
_pdbx_struct_oper_list.matrix[3][2]         0.0000000000 
_pdbx_struct_oper_list.matrix[3][3]         1.0000000000 
_pdbx_struct_oper_list.vector[3]            0.0000000000 
# 
_struct_biol.id        1 
_struct_biol.details   ? 
# 
loop_
_struct_conf.conf_type_id 
_struct_conf.id 
_struct_conf.pdbx_PDB_helix_id 
_struct_conf.beg_label_comp_id 
_struct_conf.beg_label_asym_id 
_struct_conf.beg_label_seq_id 
_struct_conf.pdbx_beg_PDB_ins_code 
_struct_conf.end_label_comp_id 
_struct_conf.end_label_asym_id 
_struct_conf.end_label_seq_id 
_struct_conf.pdbx_end_PDB_ins_code 
_struct_conf.beg_auth_comp_id 
_struct_conf.beg_auth_asym_id 
_struct_conf.beg_auth_seq_id 
_struct_conf.end_auth_comp_id 
_struct_conf.end_auth_asym_id 
_struct_conf.end_auth_seq_id 
_struct_conf.pdbx_PDB_helix_class 
_struct_conf.details 
_struct_conf.pdbx_PDB_helix_length 
HELX_P HELX_P1 1 SER A 3   ? ASP A 20  ? SER X 3   ASP X 20  1 ? 18 
HELX_P HELX_P2 2 ASP A 20  ? HIS A 36  ? ASP X 20  HIS X 36  1 ? 17 
HELX_P HELX_P3 3 HIS A 36  ? GLU A 41  ? HIS X 36  GLU X 41  1 ? 6  
HELX_P HELX_P4 4 THR A 51  ? SER A 58  ? THR X 51  SER X 58  1 ? 8  
HELX_P HELX_P5 5 SER A 58  ? LYS A 78  ? SER X 58  LYS X 78  1 ? 21 
HELX_P HELX_P6 6 HIS A 82  ? LYS A 96  ? HIS X 82  LYS X 96  1 ? 15 
HELX_P HELX_P7 7 PRO A 100 ? HIS A 119 ? PRO X 100 HIS X 119 1 ? 20 
HELX_P HELX_P8 8 GLY A 124 ? GLY A 150 ? GLY X 124 GLY X 150 1 ? 27 
# 
_struct_conf_type.id          HELX_P 
_struct_conf_type.criteria    ? 
_struct_conf_type.reference   ? 
# 
loop_
_struct_conn.id 
_struct_conn.conn_type_id 
_struct_conn.pdbx_leaving_atom_flag 
_struct_conn.pdbx_PDB_id 
_struct_conn.ptnr1_label_asym_id 
_struct_conn.ptnr1_label_comp_id 
_struct_conn.ptnr1_label_seq_id 
_struct_conn.ptnr1_label_atom_id 
_struct_conn.pdbx_ptnr1_label_alt_id 
_struct_conn.pdbx_ptnr1_PDB_ins_code 
_struct_conn.pdbx_ptnr1_standard_comp_id 
_struct_conn.ptnr1_symmetry 
_struct_conn.ptnr2_label_asym_id 
_struct_conn.ptnr2_label_comp_id 
_struct_conn.ptnr2_label_seq_id 
_struct_conn.ptnr2_label_atom_id 
_struct_conn.pdbx_ptnr2_label_alt_id 
_struct_conn.pdbx_ptnr2_PDB_ins_code 
_struct_conn.ptnr1_auth_asym_id 
_struct_conn.ptnr1_auth_comp_id 
_struct_conn.ptnr1_auth_seq_id 
_struct_conn.ptnr2_auth_asym_id 
_struct_conn.ptnr2_auth_comp_id 
_struct_conn.ptnr2_auth_seq_id 
_struct_conn.ptnr2_symmetry 
_struct_conn.pdbx_ptnr3_label_atom_id 
_struct_conn.pdbx_ptnr3_label_seq_id 
_struct_conn.pdbx_ptnr3_label_comp_id 
_struct_conn.pdbx_ptnr3_label_asym_id 
_struct_conn.pdbx_ptnr3_label_alt_id 
_struct_conn.pdbx_ptnr3_PDB_ins_code 
_struct_conn.details 
_struct_conn.pdbx_dist_value 
_struct_conn.pdbx_value_order 
_struct_conn.pdbx_role 
metalc1 metalc ? ? A HIS 93 NE2 ? ? ? 1_555 D COH . CO ? ? X HIS 93  X COH 154 1_555 ? ? ? ? ? ? ? 2.154 ? ? 
metalc2 metalc ? ? D COH .  CO  ? ? ? 1_555 E HOH . O  ? ? X COH 154 X HOH 159 1_555 ? ? ? ? ? ? ? 2.464 ? ? 
# 
_struct_conn_type.id          metalc 
_struct_conn_type.criteria    ? 
_struct_conn_type.reference   ? 
# 
loop_
_pdbx_struct_conn_angle.id 
_pdbx_struct_conn_angle.ptnr1_label_atom_id 
_pdbx_struct_conn_angle.ptnr1_label_alt_id 
_pdbx_struct_conn_angle.ptnr1_label_asym_id 
_pdbx_struct_conn_angle.ptnr1_label_comp_id 
_pdbx_struct_conn_angle.ptnr1_label_seq_id 
_pdbx_struct_conn_angle.ptnr1_auth_atom_id 
_pdbx_struct_conn_angle.ptnr1_auth_asym_id 
_pdbx_struct_conn_angle.ptnr1_auth_comp_id 
_pdbx_struct_conn_angle.ptnr1_auth_seq_id 
_pdbx_struct_conn_angle.ptnr1_PDB_ins_code 
_pdbx_struct_conn_angle.ptnr1_symmetry 
_pdbx_struct_conn_angle.ptnr2_label_atom_id 
_pdbx_struct_conn_angle.ptnr2_label_alt_id 
_pdbx_struct_conn_angle.ptnr2_label_asym_id 
_pdbx_struct_conn_angle.ptnr2_label_comp_id 
_pdbx_struct_conn_angle.ptnr2_label_seq_id 
_pdbx_struct_conn_angle.ptnr2_auth_atom_id 
_pdbx_struct_conn_angle.ptnr2_auth_asym_id 
_pdbx_struct_conn_angle.ptnr2_auth_comp_id 
_pdbx_struct_conn_angle.ptnr2_auth_seq_id 
_pdbx_struct_conn_angle.ptnr2_PDB_ins_code 
_pdbx_struct_conn_angle.ptnr2_symmetry 
_pdbx_struct_conn_angle.ptnr3_label_atom_id 
_pdbx_struct_conn_angle.ptnr3_label_alt_id 
_pdbx_struct_conn_angle.ptnr3_label_asym_id 
_pdbx_struct_conn_angle.ptnr3_label_comp_id 
_pdbx_struct_conn_angle.ptnr3_label_seq_id 
_pdbx_struct_conn_angle.ptnr3_auth_atom_id 
_pdbx_struct_conn_angle.ptnr3_auth_asym_id 
_pdbx_struct_conn_angle.ptnr3_auth_comp_id 
_pdbx_struct_conn_angle.ptnr3_auth_seq_id 
_pdbx_struct_conn_angle.ptnr3_PDB_ins_code 
_pdbx_struct_conn_angle.ptnr3_symmetry 
_pdbx_struct_conn_angle.value 
_pdbx_struct_conn_angle.value_esd 
1  NE2 ? A HIS 93 ? X HIS 93  ? 1_555 CO ? D COH . ? X COH 154 ? 1_555 NA ? D COH . ? X COH 154 ? 1_555 90.4  ? 
2  NE2 ? A HIS 93 ? X HIS 93  ? 1_555 CO ? D COH . ? X COH 154 ? 1_555 NB ? D COH . ? X COH 154 ? 1_555 85.2  ? 
3  NA  ? D COH .  ? X COH 154 ? 1_555 CO ? D COH . ? X COH 154 ? 1_555 NB ? D COH . ? X COH 154 ? 1_555 89.8  ? 
4  NE2 ? A HIS 93 ? X HIS 93  ? 1_555 CO ? D COH . ? X COH 154 ? 1_555 NC ? D COH . ? X COH 154 ? 1_555 93.0  ? 
5  NA  ? D COH .  ? X COH 154 ? 1_555 CO ? D COH . ? X COH 154 ? 1_555 NC ? D COH . ? X COH 154 ? 1_555 176.5 ? 
6  NB  ? D COH .  ? X COH 154 ? 1_555 CO ? D COH . ? X COH 154 ? 1_555 NC ? D COH . ? X COH 154 ? 1_555 90.5  ? 
7  NE2 ? A HIS 93 ? X HIS 93  ? 1_555 CO ? D COH . ? X COH 154 ? 1_555 ND ? D COH . ? X COH 154 ? 1_555 95.5  ? 
8  NA  ? D COH .  ? X COH 154 ? 1_555 CO ? D COH . ? X COH 154 ? 1_555 ND ? D COH . ? X COH 154 ? 1_555 90.1  ? 
9  NB  ? D COH .  ? X COH 154 ? 1_555 CO ? D COH . ? X COH 154 ? 1_555 ND ? D COH . ? X COH 154 ? 1_555 179.2 ? 
10 NC  ? D COH .  ? X COH 154 ? 1_555 CO ? D COH . ? X COH 154 ? 1_555 ND ? D COH . ? X COH 154 ? 1_555 89.5  ? 
11 NE2 ? A HIS 93 ? X HIS 93  ? 1_555 CO ? D COH . ? X COH 154 ? 1_555 O  ? E HOH . ? X HOH 159 ? 1_555 172.5 ? 
12 NA  ? D COH .  ? X COH 154 ? 1_555 CO ? D COH . ? X COH 154 ? 1_555 O  ? E HOH . ? X HOH 159 ? 1_555 96.1  ? 
13 NB  ? D COH .  ? X COH 154 ? 1_555 CO ? D COH . ? X COH 154 ? 1_555 O  ? E HOH . ? X HOH 159 ? 1_555 98.3  ? 
14 NC  ? D COH .  ? X COH 154 ? 1_555 CO ? D COH . ? X COH 154 ? 1_555 O  ? E HOH . ? X HOH 159 ? 1_555 80.5  ? 
15 ND  ? D COH .  ? X COH 154 ? 1_555 CO ? D COH . ? X COH 154 ? 1_555 O  ? E HOH . ? X HOH 159 ? 1_555 80.9  ? 
# 
loop_
_struct_site.id 
_struct_site.pdbx_evidence_code 
_struct_site.pdbx_auth_asym_id 
_struct_site.pdbx_auth_comp_id 
_struct_site.pdbx_auth_seq_id 
_struct_site.pdbx_auth_ins_code 
_struct_site.pdbx_num_residues 
_struct_site.details 
AC1 Software X SO4 157 ? 5  'BINDING SITE FOR RESIDUE SO4 X 157' 
AC2 Software X SO4 158 ? 4  'BINDING SITE FOR RESIDUE SO4 X 158' 
AC3 Software X COH 154 ? 21 'BINDING SITE FOR RESIDUE COH X 154' 
# 
loop_
_struct_site_gen.id 
_struct_site_gen.site_id 
_struct_site_gen.pdbx_num_res 
_struct_site_gen.label_comp_id 
_struct_site_gen.label_asym_id 
_struct_site_gen.label_seq_id 
_struct_site_gen.pdbx_auth_ins_code 
_struct_site_gen.auth_comp_id 
_struct_site_gen.auth_asym_id 
_struct_site_gen.auth_seq_id 
_struct_site_gen.label_atom_id 
_struct_site_gen.label_alt_id 
_struct_site_gen.symmetry 
_struct_site_gen.details 
1  AC1 5  SER A 58  ? SER X 58  . ? 1_555 ? 
2  AC1 5  GLU A 59  ? GLU X 59  . ? 1_555 ? 
3  AC1 5  ASP A 60  ? ASP X 60  . ? 1_555 ? 
4  AC1 5  HOH E .   ? HOH X 227 . ? 1_555 ? 
5  AC1 5  HOH E .   ? HOH X 236 . ? 1_555 ? 
6  AC2 4  HIS A 81  ? HIS X 81  . ? 1_555 ? 
7  AC2 4  HIS A 82  ? HIS X 82  . ? 1_555 ? 
8  AC2 4  GLU A 83  ? GLU X 83  . ? 1_555 ? 
9  AC2 4  HOH E .   ? HOH X 266 . ? 1_555 ? 
10 AC3 21 LYS A 42  ? LYS X 42  . ? 1_555 ? 
11 AC3 21 PHE A 43  ? PHE X 43  . ? 1_555 ? 
12 AC3 21 LYS A 45  ? LYS X 45  . ? 1_555 ? 
13 AC3 21 HIS A 64  ? HIS X 64  . ? 1_555 ? 
14 AC3 21 VAL A 68  ? VAL X 68  . ? 1_555 ? 
15 AC3 21 ALA A 71  ? ALA X 71  . ? 1_555 ? 
16 AC3 21 SER A 92  ? SER X 92  . ? 1_555 ? 
17 AC3 21 HIS A 93  ? HIS X 93  . ? 1_555 ? 
18 AC3 21 HIS A 97  ? HIS X 97  . ? 1_555 ? 
19 AC3 21 ILE A 99  ? ILE X 99  . ? 1_555 ? 
20 AC3 21 TYR A 103 ? TYR X 103 . ? 1_555 ? 
21 AC3 21 HIS A 113 ? HIS X 113 . ? 1_545 ? 
22 AC3 21 HIS A 116 ? HIS X 116 . ? 1_545 ? 
23 AC3 21 GLN A 128 ? GLN X 128 . ? 1_545 ? 
24 AC3 21 PHE A 138 ? PHE X 138 . ? 1_555 ? 
25 AC3 21 HOH E .   ? HOH X 159 . ? 1_555 ? 
26 AC3 21 HOH E .   ? HOH X 214 . ? 1_555 ? 
27 AC3 21 HOH E .   ? HOH X 245 . ? 1_555 ? 
28 AC3 21 HOH E .   ? HOH X 249 . ? 1_555 ? 
29 AC3 21 HOH E .   ? HOH X 264 . ? 1_555 ? 
30 AC3 21 HOH E .   ? HOH X 283 . ? 1_555 ? 
# 
_pdbx_validate_torsion.id              1 
_pdbx_validate_torsion.PDB_model_num   1 
_pdbx_validate_torsion.auth_comp_id    ASP 
_pdbx_validate_torsion.auth_asym_id    X 
_pdbx_validate_torsion.auth_seq_id     20 
_pdbx_validate_torsion.PDB_ins_code    ? 
_pdbx_validate_torsion.label_alt_id    ? 
_pdbx_validate_torsion.phi             -152.97 
_pdbx_validate_torsion.psi             76.79 
# 
_pdbx_validate_chiral.id              1 
_pdbx_validate_chiral.PDB_model_num   1 
_pdbx_validate_chiral.auth_atom_id    NB 
_pdbx_validate_chiral.label_alt_id    ? 
_pdbx_validate_chiral.auth_asym_id    X 
_pdbx_validate_chiral.auth_comp_id    COH 
_pdbx_validate_chiral.auth_seq_id     154 
_pdbx_validate_chiral.PDB_ins_code    ? 
_pdbx_validate_chiral.details         PLANAR 
_pdbx_validate_chiral.omega           . 
# 
_pdbx_unobs_or_zero_occ_residues.id               1 
_pdbx_unobs_or_zero_occ_residues.PDB_model_num    1 
_pdbx_unobs_or_zero_occ_residues.polymer_flag     Y 
_pdbx_unobs_or_zero_occ_residues.occupancy_flag   1 
_pdbx_unobs_or_zero_occ_residues.auth_asym_id     X 
_pdbx_unobs_or_zero_occ_residues.auth_comp_id     GLY 
_pdbx_unobs_or_zero_occ_residues.auth_seq_id      153 
_pdbx_unobs_or_zero_occ_residues.PDB_ins_code     ? 
_pdbx_unobs_or_zero_occ_residues.label_asym_id    A 
_pdbx_unobs_or_zero_occ_residues.label_comp_id    GLY 
_pdbx_unobs_or_zero_occ_residues.label_seq_id     153 
# 
loop_
_chem_comp_atom.comp_id 
_chem_comp_atom.atom_id 
_chem_comp_atom.type_symbol 
_chem_comp_atom.pdbx_aromatic_flag 
_chem_comp_atom.pdbx_stereo_config 
_chem_comp_atom.pdbx_ordinal 
ALA N    N  N N 1   
ALA CA   C  N S 2   
ALA C    C  N N 3   
ALA O    O  N N 4   
ALA CB   C  N N 5   
ALA OXT  O  N N 6   
ALA H    H  N N 7   
ALA H2   H  N N 8   
ALA HA   H  N N 9   
ALA HB1  H  N N 10  
ALA HB2  H  N N 11  
ALA HB3  H  N N 12  
ALA HXT  H  N N 13  
ARG N    N  N N 14  
ARG CA   C  N S 15  
ARG C    C  N N 16  
ARG O    O  N N 17  
ARG CB   C  N N 18  
ARG CG   C  N N 19  
ARG CD   C  N N 20  
ARG NE   N  N N 21  
ARG CZ   C  N N 22  
ARG NH1  N  N N 23  
ARG NH2  N  N N 24  
ARG OXT  O  N N 25  
ARG H    H  N N 26  
ARG H2   H  N N 27  
ARG HA   H  N N 28  
ARG HB2  H  N N 29  
ARG HB3  H  N N 30  
ARG HG2  H  N N 31  
ARG HG3  H  N N 32  
ARG HD2  H  N N 33  
ARG HD3  H  N N 34  
ARG HE   H  N N 35  
ARG HH11 H  N N 36  
ARG HH12 H  N N 37  
ARG HH21 H  N N 38  
ARG HH22 H  N N 39  
ARG HXT  H  N N 40  
ASN N    N  N N 41  
ASN CA   C  N S 42  
ASN C    C  N N 43  
ASN O    O  N N 44  
ASN CB   C  N N 45  
ASN CG   C  N N 46  
ASN OD1  O  N N 47  
ASN ND2  N  N N 48  
ASN OXT  O  N N 49  
ASN H    H  N N 50  
ASN H2   H  N N 51  
ASN HA   H  N N 52  
ASN HB2  H  N N 53  
ASN HB3  H  N N 54  
ASN HD21 H  N N 55  
ASN HD22 H  N N 56  
ASN HXT  H  N N 57  
ASP N    N  N N 58  
ASP CA   C  N S 59  
ASP C    C  N N 60  
ASP O    O  N N 61  
ASP CB   C  N N 62  
ASP CG   C  N N 63  
ASP OD1  O  N N 64  
ASP OD2  O  N N 65  
ASP OXT  O  N N 66  
ASP H    H  N N 67  
ASP H2   H  N N 68  
ASP HA   H  N N 69  
ASP HB2  H  N N 70  
ASP HB3  H  N N 71  
ASP HD2  H  N N 72  
ASP HXT  H  N N 73  
COH CO   CO N N 74  
COH CHA  C  N N 75  
COH CHB  C  N N 76  
COH CHC  C  N N 77  
COH CHD  C  N N 78  
COH NA   N  N N 79  
COH C1A  C  N N 80  
COH C2A  C  N N 81  
COH C3A  C  N N 82  
COH C4A  C  N N 83  
COH CMA  C  N N 84  
COH CAA  C  N N 85  
COH CBA  C  N N 86  
COH CGA  C  N N 87  
COH O1A  O  N N 88  
COH O2A  O  N N 89  
COH NB   N  N R 90  
COH C1B  C  N N 91  
COH C2B  C  N N 92  
COH C3B  C  N N 93  
COH C4B  C  N N 94  
COH CMB  C  N N 95  
COH CAB  C  N N 96  
COH CBB  C  N N 97  
COH NC   N  N N 98  
COH C1C  C  N N 99  
COH C2C  C  N N 100 
COH C3C  C  N N 101 
COH C4C  C  N N 102 
COH CMC  C  N N 103 
COH CAC  C  N N 104 
COH CBC  C  N N 105 
COH ND   N  Y N 106 
COH C1D  C  Y N 107 
COH C2D  C  Y N 108 
COH C3D  C  Y N 109 
COH C4D  C  Y N 110 
COH CMD  C  N N 111 
COH CAD  C  N N 112 
COH CBD  C  N N 113 
COH CGD  C  N N 114 
COH O1D  O  N N 115 
COH O2D  O  N N 116 
COH HHA  H  N N 117 
COH HHB  H  N N 118 
COH HHC  H  N N 119 
COH HHD  H  N N 120 
COH HMA1 H  N N 121 
COH HMA2 H  N N 122 
COH HMA3 H  N N 123 
COH HAA1 H  N N 124 
COH HAA2 H  N N 125 
COH HBA1 H  N N 126 
COH HBA2 H  N N 127 
COH H2A  H  N N 128 
COH HMB1 H  N N 129 
COH HMB2 H  N N 130 
COH HMB3 H  N N 131 
COH HAB  H  N N 132 
COH HBB1 H  N N 133 
COH HBB2 H  N N 134 
COH HMC1 H  N N 135 
COH HMC2 H  N N 136 
COH HMC3 H  N N 137 
COH HAC  H  N N 138 
COH HBC1 H  N N 139 
COH HBC2 H  N N 140 
COH HMD1 H  N N 141 
COH HMD2 H  N N 142 
COH HMD3 H  N N 143 
COH HAD1 H  N N 144 
COH HAD2 H  N N 145 
COH HBD1 H  N N 146 
COH HBD2 H  N N 147 
COH H2D  H  N N 148 
GLN N    N  N N 149 
GLN CA   C  N S 150 
GLN C    C  N N 151 
GLN O    O  N N 152 
GLN CB   C  N N 153 
GLN CG   C  N N 154 
GLN CD   C  N N 155 
GLN OE1  O  N N 156 
GLN NE2  N  N N 157 
GLN OXT  O  N N 158 
GLN H    H  N N 159 
GLN H2   H  N N 160 
GLN HA   H  N N 161 
GLN HB2  H  N N 162 
GLN HB3  H  N N 163 
GLN HG2  H  N N 164 
GLN HG3  H  N N 165 
GLN HE21 H  N N 166 
GLN HE22 H  N N 167 
GLN HXT  H  N N 168 
GLU N    N  N N 169 
GLU CA   C  N S 170 
GLU C    C  N N 171 
GLU O    O  N N 172 
GLU CB   C  N N 173 
GLU CG   C  N N 174 
GLU CD   C  N N 175 
GLU OE1  O  N N 176 
GLU OE2  O  N N 177 
GLU OXT  O  N N 178 
GLU H    H  N N 179 
GLU H2   H  N N 180 
GLU HA   H  N N 181 
GLU HB2  H  N N 182 
GLU HB3  H  N N 183 
GLU HG2  H  N N 184 
GLU HG3  H  N N 185 
GLU HE2  H  N N 186 
GLU HXT  H  N N 187 
GLY N    N  N N 188 
GLY CA   C  N N 189 
GLY C    C  N N 190 
GLY O    O  N N 191 
GLY OXT  O  N N 192 
GLY H    H  N N 193 
GLY H2   H  N N 194 
GLY HA2  H  N N 195 
GLY HA3  H  N N 196 
GLY HXT  H  N N 197 
HIS N    N  N N 198 
HIS CA   C  N S 199 
HIS C    C  N N 200 
HIS O    O  N N 201 
HIS CB   C  N N 202 
HIS CG   C  Y N 203 
HIS ND1  N  Y N 204 
HIS CD2  C  Y N 205 
HIS CE1  C  Y N 206 
HIS NE2  N  Y N 207 
HIS OXT  O  N N 208 
HIS H    H  N N 209 
HIS H2   H  N N 210 
HIS HA   H  N N 211 
HIS HB2  H  N N 212 
HIS HB3  H  N N 213 
HIS HD1  H  N N 214 
HIS HD2  H  N N 215 
HIS HE1  H  N N 216 
HIS HE2  H  N N 217 
HIS HXT  H  N N 218 
HOH O    O  N N 219 
HOH H1   H  N N 220 
HOH H2   H  N N 221 
ILE N    N  N N 222 
ILE CA   C  N S 223 
ILE C    C  N N 224 
ILE O    O  N N 225 
ILE CB   C  N S 226 
ILE CG1  C  N N 227 
ILE CG2  C  N N 228 
ILE CD1  C  N N 229 
ILE OXT  O  N N 230 
ILE H    H  N N 231 
ILE H2   H  N N 232 
ILE HA   H  N N 233 
ILE HB   H  N N 234 
ILE HG12 H  N N 235 
ILE HG13 H  N N 236 
ILE HG21 H  N N 237 
ILE HG22 H  N N 238 
ILE HG23 H  N N 239 
ILE HD11 H  N N 240 
ILE HD12 H  N N 241 
ILE HD13 H  N N 242 
ILE HXT  H  N N 243 
LEU N    N  N N 244 
LEU CA   C  N S 245 
LEU C    C  N N 246 
LEU O    O  N N 247 
LEU CB   C  N N 248 
LEU CG   C  N N 249 
LEU CD1  C  N N 250 
LEU CD2  C  N N 251 
LEU OXT  O  N N 252 
LEU H    H  N N 253 
LEU H2   H  N N 254 
LEU HA   H  N N 255 
LEU HB2  H  N N 256 
LEU HB3  H  N N 257 
LEU HG   H  N N 258 
LEU HD11 H  N N 259 
LEU HD12 H  N N 260 
LEU HD13 H  N N 261 
LEU HD21 H  N N 262 
LEU HD22 H  N N 263 
LEU HD23 H  N N 264 
LEU HXT  H  N N 265 
LYS N    N  N N 266 
LYS CA   C  N S 267 
LYS C    C  N N 268 
LYS O    O  N N 269 
LYS CB   C  N N 270 
LYS CG   C  N N 271 
LYS CD   C  N N 272 
LYS CE   C  N N 273 
LYS NZ   N  N N 274 
LYS OXT  O  N N 275 
LYS H    H  N N 276 
LYS H2   H  N N 277 
LYS HA   H  N N 278 
LYS HB2  H  N N 279 
LYS HB3  H  N N 280 
LYS HG2  H  N N 281 
LYS HG3  H  N N 282 
LYS HD2  H  N N 283 
LYS HD3  H  N N 284 
LYS HE2  H  N N 285 
LYS HE3  H  N N 286 
LYS HZ1  H  N N 287 
LYS HZ2  H  N N 288 
LYS HZ3  H  N N 289 
LYS HXT  H  N N 290 
MET N    N  N N 291 
MET CA   C  N S 292 
MET C    C  N N 293 
MET O    O  N N 294 
MET CB   C  N N 295 
MET CG   C  N N 296 
MET SD   S  N N 297 
MET CE   C  N N 298 
MET OXT  O  N N 299 
MET H    H  N N 300 
MET H2   H  N N 301 
MET HA   H  N N 302 
MET HB2  H  N N 303 
MET HB3  H  N N 304 
MET HG2  H  N N 305 
MET HG3  H  N N 306 
MET HE1  H  N N 307 
MET HE2  H  N N 308 
MET HE3  H  N N 309 
MET HXT  H  N N 310 
PHE N    N  N N 311 
PHE CA   C  N S 312 
PHE C    C  N N 313 
PHE O    O  N N 314 
PHE CB   C  N N 315 
PHE CG   C  Y N 316 
PHE CD1  C  Y N 317 
PHE CD2  C  Y N 318 
PHE CE1  C  Y N 319 
PHE CE2  C  Y N 320 
PHE CZ   C  Y N 321 
PHE OXT  O  N N 322 
PHE H    H  N N 323 
PHE H2   H  N N 324 
PHE HA   H  N N 325 
PHE HB2  H  N N 326 
PHE HB3  H  N N 327 
PHE HD1  H  N N 328 
PHE HD2  H  N N 329 
PHE HE1  H  N N 330 
PHE HE2  H  N N 331 
PHE HZ   H  N N 332 
PHE HXT  H  N N 333 
PRO N    N  N N 334 
PRO CA   C  N S 335 
PRO C    C  N N 336 
PRO O    O  N N 337 
PRO CB   C  N N 338 
PRO CG   C  N N 339 
PRO CD   C  N N 340 
PRO OXT  O  N N 341 
PRO H    H  N N 342 
PRO HA   H  N N 343 
PRO HB2  H  N N 344 
PRO HB3  H  N N 345 
PRO HG2  H  N N 346 
PRO HG3  H  N N 347 
PRO HD2  H  N N 348 
PRO HD3  H  N N 349 
PRO HXT  H  N N 350 
SER N    N  N N 351 
SER CA   C  N S 352 
SER C    C  N N 353 
SER O    O  N N 354 
SER CB   C  N N 355 
SER OG   O  N N 356 
SER OXT  O  N N 357 
SER H    H  N N 358 
SER H2   H  N N 359 
SER HA   H  N N 360 
SER HB2  H  N N 361 
SER HB3  H  N N 362 
SER HG   H  N N 363 
SER HXT  H  N N 364 
SO4 S    S  N N 365 
SO4 O1   O  N N 366 
SO4 O2   O  N N 367 
SO4 O3   O  N N 368 
SO4 O4   O  N N 369 
THR N    N  N N 370 
THR CA   C  N S 371 
THR C    C  N N 372 
THR O    O  N N 373 
THR CB   C  N R 374 
THR OG1  O  N N 375 
THR CG2  C  N N 376 
THR OXT  O  N N 377 
THR H    H  N N 378 
THR H2   H  N N 379 
THR HA   H  N N 380 
THR HB   H  N N 381 
THR HG1  H  N N 382 
THR HG21 H  N N 383 
THR HG22 H  N N 384 
THR HG23 H  N N 385 
THR HXT  H  N N 386 
TRP N    N  N N 387 
TRP CA   C  N S 388 
TRP C    C  N N 389 
TRP O    O  N N 390 
TRP CB   C  N N 391 
TRP CG   C  Y N 392 
TRP CD1  C  Y N 393 
TRP CD2  C  Y N 394 
TRP NE1  N  Y N 395 
TRP CE2  C  Y N 396 
TRP CE3  C  Y N 397 
TRP CZ2  C  Y N 398 
TRP CZ3  C  Y N 399 
TRP CH2  C  Y N 400 
TRP OXT  O  N N 401 
TRP H    H  N N 402 
TRP H2   H  N N 403 
TRP HA   H  N N 404 
TRP HB2  H  N N 405 
TRP HB3  H  N N 406 
TRP HD1  H  N N 407 
TRP HE1  H  N N 408 
TRP HE3  H  N N 409 
TRP HZ2  H  N N 410 
TRP HZ3  H  N N 411 
TRP HH2  H  N N 412 
TRP HXT  H  N N 413 
TYR N    N  N N 414 
TYR CA   C  N S 415 
TYR C    C  N N 416 
TYR O    O  N N 417 
TYR CB   C  N N 418 
TYR CG   C  Y N 419 
TYR CD1  C  Y N 420 
TYR CD2  C  Y N 421 
TYR CE1  C  Y N 422 
TYR CE2  C  Y N 423 
TYR CZ   C  Y N 424 
TYR OH   O  N N 425 
TYR OXT  O  N N 426 
TYR H    H  N N 427 
TYR H2   H  N N 428 
TYR HA   H  N N 429 
TYR HB2  H  N N 430 
TYR HB3  H  N N 431 
TYR HD1  H  N N 432 
TYR HD2  H  N N 433 
TYR HE1  H  N N 434 
TYR HE2  H  N N 435 
TYR HH   H  N N 436 
TYR HXT  H  N N 437 
VAL N    N  N N 438 
VAL CA   C  N S 439 
VAL C    C  N N 440 
VAL O    O  N N 441 
VAL CB   C  N N 442 
VAL CG1  C  N N 443 
VAL CG2  C  N N 444 
VAL OXT  O  N N 445 
VAL H    H  N N 446 
VAL H2   H  N N 447 
VAL HA   H  N N 448 
VAL HB   H  N N 449 
VAL HG11 H  N N 450 
VAL HG12 H  N N 451 
VAL HG13 H  N N 452 
VAL HG21 H  N N 453 
VAL HG22 H  N N 454 
VAL HG23 H  N N 455 
VAL HXT  H  N N 456 
# 
loop_
_chem_comp_bond.comp_id 
_chem_comp_bond.atom_id_1 
_chem_comp_bond.atom_id_2 
_chem_comp_bond.value_order 
_chem_comp_bond.pdbx_aromatic_flag 
_chem_comp_bond.pdbx_stereo_config 
_chem_comp_bond.pdbx_ordinal 
ALA N   CA   sing N N 1   
ALA N   H    sing N N 2   
ALA N   H2   sing N N 3   
ALA CA  C    sing N N 4   
ALA CA  CB   sing N N 5   
ALA CA  HA   sing N N 6   
ALA C   O    doub N N 7   
ALA C   OXT  sing N N 8   
ALA CB  HB1  sing N N 9   
ALA CB  HB2  sing N N 10  
ALA CB  HB3  sing N N 11  
ALA OXT HXT  sing N N 12  
ARG N   CA   sing N N 13  
ARG N   H    sing N N 14  
ARG N   H2   sing N N 15  
ARG CA  C    sing N N 16  
ARG CA  CB   sing N N 17  
ARG CA  HA   sing N N 18  
ARG C   O    doub N N 19  
ARG C   OXT  sing N N 20  
ARG CB  CG   sing N N 21  
ARG CB  HB2  sing N N 22  
ARG CB  HB3  sing N N 23  
ARG CG  CD   sing N N 24  
ARG CG  HG2  sing N N 25  
ARG CG  HG3  sing N N 26  
ARG CD  NE   sing N N 27  
ARG CD  HD2  sing N N 28  
ARG CD  HD3  sing N N 29  
ARG NE  CZ   sing N N 30  
ARG NE  HE   sing N N 31  
ARG CZ  NH1  sing N N 32  
ARG CZ  NH2  doub N N 33  
ARG NH1 HH11 sing N N 34  
ARG NH1 HH12 sing N N 35  
ARG NH2 HH21 sing N N 36  
ARG NH2 HH22 sing N N 37  
ARG OXT HXT  sing N N 38  
ASN N   CA   sing N N 39  
ASN N   H    sing N N 40  
ASN N   H2   sing N N 41  
ASN CA  C    sing N N 42  
ASN CA  CB   sing N N 43  
ASN CA  HA   sing N N 44  
ASN C   O    doub N N 45  
ASN C   OXT  sing N N 46  
ASN CB  CG   sing N N 47  
ASN CB  HB2  sing N N 48  
ASN CB  HB3  sing N N 49  
ASN CG  OD1  doub N N 50  
ASN CG  ND2  sing N N 51  
ASN ND2 HD21 sing N N 52  
ASN ND2 HD22 sing N N 53  
ASN OXT HXT  sing N N 54  
ASP N   CA   sing N N 55  
ASP N   H    sing N N 56  
ASP N   H2   sing N N 57  
ASP CA  C    sing N N 58  
ASP CA  CB   sing N N 59  
ASP CA  HA   sing N N 60  
ASP C   O    doub N N 61  
ASP C   OXT  sing N N 62  
ASP CB  CG   sing N N 63  
ASP CB  HB2  sing N N 64  
ASP CB  HB3  sing N N 65  
ASP CG  OD1  doub N N 66  
ASP CG  OD2  sing N N 67  
ASP OD2 HD2  sing N N 68  
ASP OXT HXT  sing N N 69  
COH CO  NA   sing N N 70  
COH CO  NB   sing N N 71  
COH CO  NC   sing N N 72  
COH CO  ND   sing N N 73  
COH CHA C1A  doub N N 74  
COH CHA C4D  sing N N 75  
COH CHA HHA  sing N N 76  
COH CHB C4A  sing N N 77  
COH CHB C1B  doub N N 78  
COH CHB HHB  sing N N 79  
COH CHC C4B  doub N N 80  
COH CHC C1C  sing N N 81  
COH CHC HHC  sing N N 82  
COH CHD C4C  doub N N 83  
COH CHD C1D  sing N N 84  
COH CHD HHD  sing N N 85  
COH NA  C1A  sing N N 86  
COH NA  C4A  doub N N 87  
COH C1A C2A  sing N N 88  
COH C2A C3A  doub N N 89  
COH C2A CAA  sing N N 90  
COH C3A C4A  sing N N 91  
COH C3A CMA  sing N N 92  
COH CMA HMA1 sing N N 93  
COH CMA HMA2 sing N N 94  
COH CMA HMA3 sing N N 95  
COH CAA CBA  sing N N 96  
COH CAA HAA1 sing N N 97  
COH CAA HAA2 sing N N 98  
COH CBA CGA  sing N N 99  
COH CBA HBA1 sing N N 100 
COH CBA HBA2 sing N N 101 
COH CGA O1A  doub N N 102 
COH CGA O2A  sing N N 103 
COH O2A H2A  sing N N 104 
COH NB  C1B  sing N N 105 
COH NB  C4B  sing N N 106 
COH C1B C2B  sing N N 107 
COH C2B C3B  doub N N 108 
COH C2B CMB  sing N N 109 
COH C3B C4B  sing N N 110 
COH C3B CAB  sing N N 111 
COH CMB HMB1 sing N N 112 
COH CMB HMB2 sing N N 113 
COH CMB HMB3 sing N N 114 
COH CAB CBB  doub N N 115 
COH CAB HAB  sing N N 116 
COH CBB HBB1 sing N N 117 
COH CBB HBB2 sing N N 118 
COH NC  C1C  doub N N 119 
COH NC  C4C  sing N N 120 
COH C1C C2C  sing N N 121 
COH C2C C3C  doub N N 122 
COH C2C CMC  sing N N 123 
COH C3C C4C  sing N N 124 
COH C3C CAC  sing N N 125 
COH CMC HMC1 sing N N 126 
COH CMC HMC2 sing N N 127 
COH CMC HMC3 sing N N 128 
COH CAC CBC  doub N N 129 
COH CAC HAC  sing N N 130 
COH CBC HBC1 sing N N 131 
COH CBC HBC2 sing N N 132 
COH ND  C1D  sing Y N 133 
COH ND  C4D  sing Y N 134 
COH C1D C2D  doub Y N 135 
COH C2D C3D  sing Y N 136 
COH C2D CMD  sing N N 137 
COH C3D C4D  doub Y N 138 
COH C3D CAD  sing N N 139 
COH CMD HMD1 sing N N 140 
COH CMD HMD2 sing N N 141 
COH CMD HMD3 sing N N 142 
COH CAD CBD  sing N N 143 
COH CAD HAD1 sing N N 144 
COH CAD HAD2 sing N N 145 
COH CBD CGD  sing N N 146 
COH CBD HBD1 sing N N 147 
COH CBD HBD2 sing N N 148 
COH CGD O1D  doub N N 149 
COH CGD O2D  sing N N 150 
COH O2D H2D  sing N N 151 
GLN N   CA   sing N N 152 
GLN N   H    sing N N 153 
GLN N   H2   sing N N 154 
GLN CA  C    sing N N 155 
GLN CA  CB   sing N N 156 
GLN CA  HA   sing N N 157 
GLN C   O    doub N N 158 
GLN C   OXT  sing N N 159 
GLN CB  CG   sing N N 160 
GLN CB  HB2  sing N N 161 
GLN CB  HB3  sing N N 162 
GLN CG  CD   sing N N 163 
GLN CG  HG2  sing N N 164 
GLN CG  HG3  sing N N 165 
GLN CD  OE1  doub N N 166 
GLN CD  NE2  sing N N 167 
GLN NE2 HE21 sing N N 168 
GLN NE2 HE22 sing N N 169 
GLN OXT HXT  sing N N 170 
GLU N   CA   sing N N 171 
GLU N   H    sing N N 172 
GLU N   H2   sing N N 173 
GLU CA  C    sing N N 174 
GLU CA  CB   sing N N 175 
GLU CA  HA   sing N N 176 
GLU C   O    doub N N 177 
GLU C   OXT  sing N N 178 
GLU CB  CG   sing N N 179 
GLU CB  HB2  sing N N 180 
GLU CB  HB3  sing N N 181 
GLU CG  CD   sing N N 182 
GLU CG  HG2  sing N N 183 
GLU CG  HG3  sing N N 184 
GLU CD  OE1  doub N N 185 
GLU CD  OE2  sing N N 186 
GLU OE2 HE2  sing N N 187 
GLU OXT HXT  sing N N 188 
GLY N   CA   sing N N 189 
GLY N   H    sing N N 190 
GLY N   H2   sing N N 191 
GLY CA  C    sing N N 192 
GLY CA  HA2  sing N N 193 
GLY CA  HA3  sing N N 194 
GLY C   O    doub N N 195 
GLY C   OXT  sing N N 196 
GLY OXT HXT  sing N N 197 
HIS N   CA   sing N N 198 
HIS N   H    sing N N 199 
HIS N   H2   sing N N 200 
HIS CA  C    sing N N 201 
HIS CA  CB   sing N N 202 
HIS CA  HA   sing N N 203 
HIS C   O    doub N N 204 
HIS C   OXT  sing N N 205 
HIS CB  CG   sing N N 206 
HIS CB  HB2  sing N N 207 
HIS CB  HB3  sing N N 208 
HIS CG  ND1  sing Y N 209 
HIS CG  CD2  doub Y N 210 
HIS ND1 CE1  doub Y N 211 
HIS ND1 HD1  sing N N 212 
HIS CD2 NE2  sing Y N 213 
HIS CD2 HD2  sing N N 214 
HIS CE1 NE2  sing Y N 215 
HIS CE1 HE1  sing N N 216 
HIS NE2 HE2  sing N N 217 
HIS OXT HXT  sing N N 218 
HOH O   H1   sing N N 219 
HOH O   H2   sing N N 220 
ILE N   CA   sing N N 221 
ILE N   H    sing N N 222 
ILE N   H2   sing N N 223 
ILE CA  C    sing N N 224 
ILE CA  CB   sing N N 225 
ILE CA  HA   sing N N 226 
ILE C   O    doub N N 227 
ILE C   OXT  sing N N 228 
ILE CB  CG1  sing N N 229 
ILE CB  CG2  sing N N 230 
ILE CB  HB   sing N N 231 
ILE CG1 CD1  sing N N 232 
ILE CG1 HG12 sing N N 233 
ILE CG1 HG13 sing N N 234 
ILE CG2 HG21 sing N N 235 
ILE CG2 HG22 sing N N 236 
ILE CG2 HG23 sing N N 237 
ILE CD1 HD11 sing N N 238 
ILE CD1 HD12 sing N N 239 
ILE CD1 HD13 sing N N 240 
ILE OXT HXT  sing N N 241 
LEU N   CA   sing N N 242 
LEU N   H    sing N N 243 
LEU N   H2   sing N N 244 
LEU CA  C    sing N N 245 
LEU CA  CB   sing N N 246 
LEU CA  HA   sing N N 247 
LEU C   O    doub N N 248 
LEU C   OXT  sing N N 249 
LEU CB  CG   sing N N 250 
LEU CB  HB2  sing N N 251 
LEU CB  HB3  sing N N 252 
LEU CG  CD1  sing N N 253 
LEU CG  CD2  sing N N 254 
LEU CG  HG   sing N N 255 
LEU CD1 HD11 sing N N 256 
LEU CD1 HD12 sing N N 257 
LEU CD1 HD13 sing N N 258 
LEU CD2 HD21 sing N N 259 
LEU CD2 HD22 sing N N 260 
LEU CD2 HD23 sing N N 261 
LEU OXT HXT  sing N N 262 
LYS N   CA   sing N N 263 
LYS N   H    sing N N 264 
LYS N   H2   sing N N 265 
LYS CA  C    sing N N 266 
LYS CA  CB   sing N N 267 
LYS CA  HA   sing N N 268 
LYS C   O    doub N N 269 
LYS C   OXT  sing N N 270 
LYS CB  CG   sing N N 271 
LYS CB  HB2  sing N N 272 
LYS CB  HB3  sing N N 273 
LYS CG  CD   sing N N 274 
LYS CG  HG2  sing N N 275 
LYS CG  HG3  sing N N 276 
LYS CD  CE   sing N N 277 
LYS CD  HD2  sing N N 278 
LYS CD  HD3  sing N N 279 
LYS CE  NZ   sing N N 280 
LYS CE  HE2  sing N N 281 
LYS CE  HE3  sing N N 282 
LYS NZ  HZ1  sing N N 283 
LYS NZ  HZ2  sing N N 284 
LYS NZ  HZ3  sing N N 285 
LYS OXT HXT  sing N N 286 
MET N   CA   sing N N 287 
MET N   H    sing N N 288 
MET N   H2   sing N N 289 
MET CA  C    sing N N 290 
MET CA  CB   sing N N 291 
MET CA  HA   sing N N 292 
MET C   O    doub N N 293 
MET C   OXT  sing N N 294 
MET CB  CG   sing N N 295 
MET CB  HB2  sing N N 296 
MET CB  HB3  sing N N 297 
MET CG  SD   sing N N 298 
MET CG  HG2  sing N N 299 
MET CG  HG3  sing N N 300 
MET SD  CE   sing N N 301 
MET CE  HE1  sing N N 302 
MET CE  HE2  sing N N 303 
MET CE  HE3  sing N N 304 
MET OXT HXT  sing N N 305 
PHE N   CA   sing N N 306 
PHE N   H    sing N N 307 
PHE N   H2   sing N N 308 
PHE CA  C    sing N N 309 
PHE CA  CB   sing N N 310 
PHE CA  HA   sing N N 311 
PHE C   O    doub N N 312 
PHE C   OXT  sing N N 313 
PHE CB  CG   sing N N 314 
PHE CB  HB2  sing N N 315 
PHE CB  HB3  sing N N 316 
PHE CG  CD1  doub Y N 317 
PHE CG  CD2  sing Y N 318 
PHE CD1 CE1  sing Y N 319 
PHE CD1 HD1  sing N N 320 
PHE CD2 CE2  doub Y N 321 
PHE CD2 HD2  sing N N 322 
PHE CE1 CZ   doub Y N 323 
PHE CE1 HE1  sing N N 324 
PHE CE2 CZ   sing Y N 325 
PHE CE2 HE2  sing N N 326 
PHE CZ  HZ   sing N N 327 
PHE OXT HXT  sing N N 328 
PRO N   CA   sing N N 329 
PRO N   CD   sing N N 330 
PRO N   H    sing N N 331 
PRO CA  C    sing N N 332 
PRO CA  CB   sing N N 333 
PRO CA  HA   sing N N 334 
PRO C   O    doub N N 335 
PRO C   OXT  sing N N 336 
PRO CB  CG   sing N N 337 
PRO CB  HB2  sing N N 338 
PRO CB  HB3  sing N N 339 
PRO CG  CD   sing N N 340 
PRO CG  HG2  sing N N 341 
PRO CG  HG3  sing N N 342 
PRO CD  HD2  sing N N 343 
PRO CD  HD3  sing N N 344 
PRO OXT HXT  sing N N 345 
SER N   CA   sing N N 346 
SER N   H    sing N N 347 
SER N   H2   sing N N 348 
SER CA  C    sing N N 349 
SER CA  CB   sing N N 350 
SER CA  HA   sing N N 351 
SER C   O    doub N N 352 
SER C   OXT  sing N N 353 
SER CB  OG   sing N N 354 
SER CB  HB2  sing N N 355 
SER CB  HB3  sing N N 356 
SER OG  HG   sing N N 357 
SER OXT HXT  sing N N 358 
SO4 S   O1   doub N N 359 
SO4 S   O2   doub N N 360 
SO4 S   O3   sing N N 361 
SO4 S   O4   sing N N 362 
THR N   CA   sing N N 363 
THR N   H    sing N N 364 
THR N   H2   sing N N 365 
THR CA  C    sing N N 366 
THR CA  CB   sing N N 367 
THR CA  HA   sing N N 368 
THR C   O    doub N N 369 
THR C   OXT  sing N N 370 
THR CB  OG1  sing N N 371 
THR CB  CG2  sing N N 372 
THR CB  HB   sing N N 373 
THR OG1 HG1  sing N N 374 
THR CG2 HG21 sing N N 375 
THR CG2 HG22 sing N N 376 
THR CG2 HG23 sing N N 377 
THR OXT HXT  sing N N 378 
TRP N   CA   sing N N 379 
TRP N   H    sing N N 380 
TRP N   H2   sing N N 381 
TRP CA  C    sing N N 382 
TRP CA  CB   sing N N 383 
TRP CA  HA   sing N N 384 
TRP C   O    doub N N 385 
TRP C   OXT  sing N N 386 
TRP CB  CG   sing N N 387 
TRP CB  HB2  sing N N 388 
TRP CB  HB3  sing N N 389 
TRP CG  CD1  doub Y N 390 
TRP CG  CD2  sing Y N 391 
TRP CD1 NE1  sing Y N 392 
TRP CD1 HD1  sing N N 393 
TRP CD2 CE2  doub Y N 394 
TRP CD2 CE3  sing Y N 395 
TRP NE1 CE2  sing Y N 396 
TRP NE1 HE1  sing N N 397 
TRP CE2 CZ2  sing Y N 398 
TRP CE3 CZ3  doub Y N 399 
TRP CE3 HE3  sing N N 400 
TRP CZ2 CH2  doub Y N 401 
TRP CZ2 HZ2  sing N N 402 
TRP CZ3 CH2  sing Y N 403 
TRP CZ3 HZ3  sing N N 404 
TRP CH2 HH2  sing N N 405 
TRP OXT HXT  sing N N 406 
TYR N   CA   sing N N 407 
TYR N   H    sing N N 408 
TYR N   H2   sing N N 409 
TYR CA  C    sing N N 410 
TYR CA  CB   sing N N 411 
TYR CA  HA   sing N N 412 
TYR C   O    doub N N 413 
TYR C   OXT  sing N N 414 
TYR CB  CG   sing N N 415 
TYR CB  HB2  sing N N 416 
TYR CB  HB3  sing N N 417 
TYR CG  CD1  doub Y N 418 
TYR CG  CD2  sing Y N 419 
TYR CD1 CE1  sing Y N 420 
TYR CD1 HD1  sing N N 421 
TYR CD2 CE2  doub Y N 422 
TYR CD2 HD2  sing N N 423 
TYR CE1 CZ   doub Y N 424 
TYR CE1 HE1  sing N N 425 
TYR CE2 CZ   sing Y N 426 
TYR CE2 HE2  sing N N 427 
TYR CZ  OH   sing N N 428 
TYR OH  HH   sing N N 429 
TYR OXT HXT  sing N N 430 
VAL N   CA   sing N N 431 
VAL N   H    sing N N 432 
VAL N   H2   sing N N 433 
VAL CA  C    sing N N 434 
VAL CA  CB   sing N N 435 
VAL CA  HA   sing N N 436 
VAL C   O    doub N N 437 
VAL C   OXT  sing N N 438 
VAL CB  CG1  sing N N 439 
VAL CB  CG2  sing N N 440 
VAL CB  HB   sing N N 441 
VAL CG1 HG11 sing N N 442 
VAL CG1 HG12 sing N N 443 
VAL CG1 HG13 sing N N 444 
VAL CG2 HG21 sing N N 445 
VAL CG2 HG22 sing N N 446 
VAL CG2 HG23 sing N N 447 
VAL OXT HXT  sing N N 448 
# 
_atom_sites.entry_id                    2O5T 
_atom_sites.fract_transf_matrix[1][1]   0.01708991 
_atom_sites.fract_transf_matrix[1][2]   -0.00159443 
_atom_sites.fract_transf_matrix[1][3]   0.02403129 
_atom_sites.fract_transf_matrix[2][1]   0.02620729 
_atom_sites.fract_transf_matrix[2][2]   -0.01206193 
_atom_sites.fract_transf_matrix[2][3]   -0.01943767 
_atom_sites.fract_transf_matrix[3][1]   0.00767249 
_atom_sites.fract_transf_matrix[3][2]   0.01460216 
_atom_sites.fract_transf_matrix[3][3]   0.00128333 
_atom_sites.fract_transf_vector[1]      0.253195 
_atom_sites.fract_transf_vector[2]      0.035584 
_atom_sites.fract_transf_vector[3]      0.254438 
# 
loop_
_atom_type.symbol 
C  
CO 
N  
O  
S  
# 
loop_
_atom_site.group_PDB 
_atom_site.id 
_atom_site.type_symbol 
_atom_site.label_atom_id 
_atom_site.label_alt_id 
_atom_site.label_comp_id 
_atom_site.label_asym_id 
_atom_site.label_entity_id 
_atom_site.label_seq_id 
_atom_site.pdbx_PDB_ins_code 
_atom_site.Cartn_x 
_atom_site.Cartn_y 
_atom_site.Cartn_z 
_atom_site.occupancy 
_atom_site.B_iso_or_equiv 
_atom_site.pdbx_formal_charge 
_atom_site.auth_seq_id 
_atom_site.auth_comp_id 
_atom_site.auth_asym_id 
_atom_site.auth_atom_id 
_atom_site.pdbx_PDB_model_num 
ATOM   1    N  N   . GLY A 1 1   ? 2.065   -18.678 4.666   1.00 23.26 ? 1   GLY X N   1 
ATOM   2    C  CA  . GLY A 1 1   ? 2.651   -17.653 5.586   1.00 21.75 ? 1   GLY X CA  1 
ATOM   3    C  C   . GLY A 1 1   ? 4.106   -17.326 5.277   1.00 20.78 ? 1   GLY X C   1 
ATOM   4    O  O   . GLY A 1 1   ? 4.744   -17.952 4.428   1.00 22.07 ? 1   GLY X O   1 
ATOM   5    N  N   . LEU A 1 2   ? 4.628   -16.334 5.979   1.00 19.86 ? 2   LEU X N   1 
ATOM   6    C  CA  . LEU A 1 2   ? 6.038   -15.959 5.864   1.00 18.50 ? 2   LEU X CA  1 
ATOM   7    C  C   . LEU A 1 2   ? 6.795   -16.658 6.982   1.00 18.63 ? 2   LEU X C   1 
ATOM   8    O  O   . LEU A 1 2   ? 6.239   -16.860 8.093   1.00 18.17 ? 2   LEU X O   1 
ATOM   9    C  CB  . LEU A 1 2   ? 6.186   -14.433 5.964   1.00 17.89 ? 2   LEU X CB  1 
ATOM   10   C  CG  . LEU A 1 2   ? 5.844   -13.594 4.715   1.00 17.25 ? 2   LEU X CG  1 
ATOM   11   C  CD1 . LEU A 1 2   ? 4.324   -13.648 4.363   1.00 14.37 ? 2   LEU X CD1 1 
ATOM   12   C  CD2 . LEU A 1 2   ? 6.382   -12.174 4.955   1.00 16.94 ? 2   LEU X CD2 1 
ATOM   13   N  N   . SER A 1 3   ? 8.052   -17.003 6.707   1.00 18.01 ? 3   SER X N   1 
ATOM   14   C  CA  . SER A 1 3   ? 8.945   -17.521 7.719   1.00 17.84 ? 3   SER X CA  1 
ATOM   15   C  C   . SER A 1 3   ? 9.346   -16.417 8.746   1.00 18.44 ? 3   SER X C   1 
ATOM   16   O  O   . SER A 1 3   ? 9.128   -15.236 8.509   1.00 17.18 ? 3   SER X O   1 
ATOM   17   C  CB  . SER A 1 3   ? 10.191  -18.133 7.058   1.00 18.13 ? 3   SER X CB  1 
ATOM   18   O  OG  . SER A 1 3   ? 11.099  -17.138 6.637   1.00 17.32 ? 3   SER X OG  1 
ATOM   19   N  N   . ASP A 1 4   ? 9.924   -16.822 9.893   1.00 18.52 ? 4   ASP X N   1 
ATOM   20   C  CA  . ASP A 1 4   ? 10.490  -15.847 10.823  1.00 20.21 ? 4   ASP X CA  1 
ATOM   21   C  C   . ASP A 1 4   ? 11.531  -14.976 10.131  1.00 19.58 ? 4   ASP X C   1 
ATOM   22   O  O   . ASP A 1 4   ? 11.504  -13.780 10.298  1.00 19.27 ? 4   ASP X O   1 
ATOM   23   C  CB  . ASP A 1 4   ? 11.051  -16.523 12.080  1.00 21.55 ? 4   ASP X CB  1 
ATOM   24   C  CG  . ASP A 1 4   ? 9.945   -17.121 12.933  1.00 25.34 ? 4   ASP X CG  1 
ATOM   25   O  OD1 . ASP A 1 4   ? 9.015   -16.378 13.314  1.00 29.36 ? 4   ASP X OD1 1 
ATOM   26   O  OD2 . ASP A 1 4   ? 9.973   -18.339 13.174  1.00 32.36 ? 4   ASP X OD2 1 
ATOM   27   N  N   . GLY A 1 5   ? 12.407  -15.597 9.330   1.00 19.03 ? 5   GLY X N   1 
ATOM   28   C  CA  . GLY A 1 5   ? 13.469  -14.896 8.599   1.00 18.15 ? 5   GLY X CA  1 
ATOM   29   C  C   . GLY A 1 5   ? 12.876  -13.851 7.665   1.00 16.71 ? 5   GLY X C   1 
ATOM   30   O  O   . GLY A 1 5   ? 13.343  -12.727 7.641   1.00 16.58 ? 5   GLY X O   1 
ATOM   31   N  N   . GLU A 1 6   ? 11.810  -14.248 6.970   1.00 16.15 ? 6   GLU X N   1 
ATOM   32   C  CA  . GLU A 1 6   ? 11.071  -13.410 6.019   1.00 15.52 ? 6   GLU X CA  1 
ATOM   33   C  C   . GLU A 1 6   ? 10.395  -12.211 6.702   1.00 15.43 ? 6   GLU X C   1 
ATOM   34   O  O   . GLU A 1 6   ? 10.563  -11.070 6.262   1.00 14.23 ? 6   GLU X O   1 
ATOM   35   C  CB  . GLU A 1 6   ? 10.050  -14.254 5.276   1.00 15.52 ? 6   GLU X CB  1 
ATOM   36   C  CG  . GLU A 1 6   ? 10.677  -14.944 4.050   1.00 16.28 ? 6   GLU X CG  1 
ATOM   37   C  CD  . GLU A 1 6   ? 9.825   -16.066 3.479   1.00 17.86 ? 6   GLU X CD  1 
ATOM   38   O  OE1 . GLU A 1 6   ? 8.788   -16.481 4.054   1.00 15.87 ? 6   GLU X OE1 1 
ATOM   39   O  OE2 . GLU A 1 6   ? 10.237  -16.574 2.423   1.00 19.66 ? 6   GLU X OE2 1 
ATOM   40   N  N   . TRP A 1 7   ? 9.660   -12.467 7.788   1.00 15.60 ? 7   TRP X N   1 
ATOM   41   C  CA  . TRP A 1 7   ? 9.106   -11.356 8.591   1.00 15.97 ? 7   TRP X CA  1 
ATOM   42   C  C   . TRP A 1 7   ? 10.181  -10.336 9.014   1.00 15.82 ? 7   TRP X C   1 
ATOM   43   O  O   . TRP A 1 7   ? 9.950   -9.149  8.999   1.00 15.25 ? 7   TRP X O   1 
ATOM   44   C  CB  . TRP A 1 7   ? 8.332   -11.869 9.811   1.00 15.94 ? 7   TRP X CB  1 
ATOM   45   C  CG  . TRP A 1 7   ? 6.941   -12.329 9.428   1.00 16.82 ? 7   TRP X CG  1 
ATOM   46   C  CD1 . TRP A 1 7   ? 6.375   -13.570 9.635   1.00 18.65 ? 7   TRP X CD1 1 
ATOM   47   C  CD2 . TRP A 1 7   ? 5.937   -11.544 8.723   1.00 17.24 ? 7   TRP X CD2 1 
ATOM   48   N  NE1 . TRP A 1 7   ? 5.077   -13.598 9.143   1.00 21.08 ? 7   TRP X NE1 1 
ATOM   49   C  CE2 . TRP A 1 7   ? 4.788   -12.375 8.570   1.00 18.16 ? 7   TRP X CE2 1 
ATOM   50   C  CE3 . TRP A 1 7   ? 5.889   -10.229 8.245   1.00 19.19 ? 7   TRP X CE3 1 
ATOM   51   C  CZ2 . TRP A 1 7   ? 3.626   -11.926 7.925   1.00 18.67 ? 7   TRP X CZ2 1 
ATOM   52   C  CZ3 . TRP A 1 7   ? 4.729   -9.784  7.583   1.00 18.74 ? 7   TRP X CZ3 1 
ATOM   53   C  CH2 . TRP A 1 7   ? 3.615   -10.637 7.434   1.00 19.40 ? 7   TRP X CH2 1 
ATOM   54   N  N   . GLN A 1 8   ? 11.359  -10.818 9.400   1.00 16.54 ? 8   GLN X N   1 
ATOM   55   C  CA  . GLN A 1 8   ? 12.433  -9.933  9.844   1.00 17.86 ? 8   GLN X CA  1 
ATOM   56   C  C   . GLN A 1 8   ? 12.918  -9.040  8.719   1.00 17.17 ? 8   GLN X C   1 
ATOM   57   O  O   . GLN A 1 8   ? 13.178  -7.865  8.945   1.00 16.96 ? 8   GLN X O   1 
ATOM   58   C  CB  . GLN A 1 8   ? 13.593  -10.764 10.397  1.00 19.70 ? 8   GLN X CB  1 
ATOM   59   C  CG  . GLN A 1 8   ? 14.680  -9.865  11.001  1.00 21.60 ? 8   GLN X CG  1 
ATOM   60   C  CD  . GLN A 1 8   ? 15.814  -10.639 11.651  1.00 25.87 ? 8   GLN X CD  1 
ATOM   61   O  OE1 . GLN A 1 8   ? 16.328  -11.614 11.085  1.00 27.46 ? 8   GLN X OE1 1 
ATOM   62   N  NE2 . GLN A 1 8   ? 16.238  -10.175 12.831  1.00 26.22 ? 8   GLN X NE2 1 
ATOM   63   N  N   . GLN A 1 9   ? 13.039  -9.619  7.517   1.00 16.37 ? 9   GLN X N   1 
ATOM   64   C  CA  . GLN A 1 9   ? 13.314  -8.873  6.282   1.00 17.36 ? 9   GLN X CA  1 
ATOM   65   C  C   . GLN A 1 9   ? 12.268  -7.828  5.979   1.00 16.23 ? 9   GLN X C   1 
ATOM   66   O  O   . GLN A 1 9   ? 12.603  -6.664  5.724   1.00 15.94 ? 9   GLN X O   1 
ATOM   67   C  CB  . GLN A 1 9   ? 13.491  -9.829  5.096   1.00 17.58 ? 9   GLN X CB  1 
ATOM   68   C  CG  . GLN A 1 9   ? 14.802  -10.545 5.217   1.00 23.73 ? 9   GLN X CG  1 
ATOM   69   C  CD  . GLN A 1 9   ? 15.684  -10.293 4.032   1.00 29.84 ? 9   GLN X CD  1 
ATOM   70   O  OE1 . GLN A 1 9   ? 15.850  -11.188 3.184   1.00 35.62 ? 9   GLN X OE1 1 
ATOM   71   N  NE2 . GLN A 1 9   ? 16.213  -9.069  3.919   1.00 27.14 ? 9   GLN X NE2 1 
ATOM   72   N  N   . VAL A 1 10  ? 11.003  -8.240  6.027   1.00 15.58 ? 10  VAL X N   1 
ATOM   73   C  CA  . VAL A 1 10  ? 9.883   -7.316  5.859   1.00 13.30 ? 10  VAL X CA  1 
ATOM   74   C  C   . VAL A 1 10  ? 10.007  -6.108  6.816   1.00 13.42 ? 10  VAL X C   1 
ATOM   75   O  O   . VAL A 1 10  ? 9.938   -4.976  6.376   1.00 15.38 ? 10  VAL X O   1 
ATOM   76   C  CB  . VAL A 1 10  ? 8.498   -8.009  6.034   1.00 12.24 ? 10  VAL X CB  1 
ATOM   77   C  CG1 . VAL A 1 10  ? 7.346   -6.964  6.008   1.00 15.08 ? 10  VAL X CG1 1 
ATOM   78   C  CG2 . VAL A 1 10  ? 8.273   -9.086  4.962   1.00 12.43 ? 10  VAL X CG2 1 
ATOM   79   N  N   . LEU A 1 11  ? 10.199  -6.353  8.106   1.00 13.30 ? 11  LEU X N   1 
ATOM   80   C  CA  . LEU A 1 11  ? 10.231  -5.258  9.083   1.00 15.22 ? 11  LEU X CA  1 
ATOM   81   C  C   . LEU A 1 11  ? 11.559  -4.455  9.005   1.00 15.32 ? 11  LEU X C   1 
ATOM   82   O  O   . LEU A 1 11  ? 11.634  -3.306  9.421   1.00 16.63 ? 11  LEU X O   1 
ATOM   83   C  CB  . LEU A 1 11  ? 9.926   -5.827  10.484  1.00 14.83 ? 11  LEU X CB  1 
ATOM   84   C  CG  . LEU A 1 11  ? 8.521   -6.478  10.559  1.00 17.15 ? 11  LEU X CG  1 
ATOM   85   C  CD1 . LEU A 1 11  ? 8.185   -6.969  11.920  1.00 16.86 ? 11  LEU X CD1 1 
ATOM   86   C  CD2 . LEU A 1 11  ? 7.447   -5.458  10.158  1.00 22.04 ? 11  LEU X CD2 1 
ATOM   87   N  N   . ASN A 1 12  ? 12.594  -5.081  8.459   1.00 16.17 ? 12  ASN X N   1 
ATOM   88   C  CA  . ASN A 1 12  ? 13.834  -4.380  8.193   1.00 17.41 ? 12  ASN X CA  1 
ATOM   89   C  C   . ASN A 1 12  ? 13.656  -3.370  7.045   1.00 16.47 ? 12  ASN X C   1 
ATOM   90   O  O   . ASN A 1 12  ? 14.003  -2.218  7.202   1.00 17.33 ? 12  ASN X O   1 
ATOM   91   C  CB  . ASN A 1 12  ? 15.005  -5.315  7.893   1.00 18.16 ? 12  ASN X CB  1 
ATOM   92   C  CG  . ASN A 1 12  ? 16.327  -4.541  7.822   1.00 21.26 ? 12  ASN X CG  1 
ATOM   93   O  OD1 . ASN A 1 12  ? 16.762  -4.142  6.754   1.00 26.48 ? 12  ASN X OD1 1 
ATOM   94   N  ND2 . ASN A 1 12  ? 16.880  -4.219  8.970   1.00 25.53 ? 12  ASN X ND2 1 
ATOM   95   N  N   . VAL A 1 13  ? 13.128  -3.831  5.913   1.00 17.85 ? 13  VAL X N   1 
ATOM   96   C  CA  . VAL A 1 13  ? 12.692  -2.955  4.821   1.00 18.25 ? 13  VAL X CA  1 
ATOM   97   C  C   . VAL A 1 13  ? 11.802  -1.829  5.325   1.00 18.84 ? 13  VAL X C   1 
ATOM   98   O  O   . VAL A 1 13  ? 12.010  -0.666  4.971   1.00 18.78 ? 13  VAL X O   1 
ATOM   99   C  CB  . VAL A 1 13  ? 11.988  -3.719  3.674   1.00 18.64 ? 13  VAL X CB  1 
ATOM   100  C  CG1 . VAL A 1 13  ? 11.378  -2.724  2.642   1.00 16.97 ? 13  VAL X CG1 1 
ATOM   101  C  CG2 . VAL A 1 13  ? 12.999  -4.668  3.001   1.00 20.90 ? 13  VAL X CG2 1 
ATOM   102  N  N   . TRP A 1 14  ? 10.820  -2.168  6.153   1.00 17.82 ? 14  TRP X N   1 
ATOM   103  C  CA  . TRP A 1 14  ? 9.860   -1.184  6.607   1.00 18.31 ? 14  TRP X CA  1 
ATOM   104  C  C   . TRP A 1 14  ? 10.553  -0.051  7.386   1.00 18.67 ? 14  TRP X C   1 
ATOM   105  O  O   . TRP A 1 14  ? 10.055  1.069   7.430   1.00 18.95 ? 14  TRP X O   1 
ATOM   106  C  CB  . TRP A 1 14  ? 8.783   -1.831  7.457   1.00 19.00 ? 14  TRP X CB  1 
ATOM   107  C  CG  . TRP A 1 14  ? 7.618   -0.934  7.588   1.00 19.33 ? 14  TRP X CG  1 
ATOM   108  C  CD1 . TRP A 1 14  ? 7.270   -0.219  8.695   1.00 20.42 ? 14  TRP X CD1 1 
ATOM   109  C  CD2 . TRP A 1 14  ? 6.681   -0.566  6.559   1.00 20.40 ? 14  TRP X CD2 1 
ATOM   110  N  NE1 . TRP A 1 14  ? 6.153   0.538   8.446   1.00 20.29 ? 14  TRP X NE1 1 
ATOM   111  C  CE2 . TRP A 1 14  ? 5.770   0.349   7.149   1.00 20.37 ? 14  TRP X CE2 1 
ATOM   112  C  CE3 . TRP A 1 14  ? 6.498   -0.951  5.210   1.00 19.23 ? 14  TRP X CE3 1 
ATOM   113  C  CZ2 . TRP A 1 14  ? 4.690   0.912   6.437   1.00 20.52 ? 14  TRP X CZ2 1 
ATOM   114  C  CZ3 . TRP A 1 14  ? 5.424   -0.367  4.487   1.00 22.02 ? 14  TRP X CZ3 1 
ATOM   115  C  CH2 . TRP A 1 14  ? 4.532   0.545   5.125   1.00 20.78 ? 14  TRP X CH2 1 
ATOM   116  N  N   . GLY A 1 15  ? 11.688  -0.357  8.030   1.00 16.76 ? 15  GLY X N   1 
ATOM   117  C  CA  . GLY A 1 15  ? 12.522  0.687   8.655   1.00 17.17 ? 15  GLY X CA  1 
ATOM   118  C  C   . GLY A 1 15  ? 12.813  1.865   7.729   1.00 16.90 ? 15  GLY X C   1 
ATOM   119  O  O   . GLY A 1 15  ? 12.959  3.000   8.168   1.00 17.75 ? 15  GLY X O   1 
ATOM   120  N  N   . LYS A 1 16  ? 12.950  1.565   6.440   1.00 17.64 ? 16  LYS X N   1 
ATOM   121  C  CA  . LYS A 1 16  ? 13.262  2.579   5.433   1.00 18.55 ? 16  LYS X CA  1 
ATOM   122  C  C   . LYS A 1 16  ? 12.063  3.472   5.275   1.00 18.70 ? 16  LYS X C   1 
ATOM   123  O  O   . LYS A 1 16  ? 12.183  4.696   5.179   1.00 17.67 ? 16  LYS X O   1 
ATOM   124  C  CB  . LYS A 1 16  ? 13.593  1.936   4.076   1.00 18.33 ? 16  LYS X CB  1 
ATOM   125  C  CG  . LYS A 1 16  ? 14.883  1.174   4.060   1.00 22.00 ? 16  LYS X CG  1 
ATOM   126  C  CD  . LYS A 1 16  ? 15.027  0.362   2.783   1.00 26.23 ? 16  LYS X CD  1 
ATOM   127  C  CE  . LYS A 1 16  ? 16.451  -0.161  2.654   1.00 27.02 ? 16  LYS X CE  1 
ATOM   128  N  NZ  . LYS A 1 16  ? 16.999  -0.761  3.902   1.00 30.84 ? 16  LYS X NZ  1 
ATOM   129  N  N   . VAL A 1 17  ? 10.884  2.846   5.252   1.00 18.21 ? 17  VAL X N   1 
ATOM   130  C  CA  . VAL A 1 17  ? 9.662   3.625   5.048   1.00 16.93 ? 17  VAL X CA  1 
ATOM   131  C  C   . VAL A 1 17  ? 9.428   4.545   6.245   1.00 17.46 ? 17  VAL X C   1 
ATOM   132  O  O   . VAL A 1 17  ? 9.037   5.695   6.075   1.00 17.24 ? 17  VAL X O   1 
ATOM   133  C  CB  . VAL A 1 17  ? 8.419   2.711   4.829   1.00 16.09 ? 17  VAL X CB  1 
ATOM   134  C  CG1 . VAL A 1 17  ? 7.092   3.568   4.749   1.00 16.20 ? 17  VAL X CG1 1 
ATOM   135  C  CG2 . VAL A 1 17  ? 8.624   1.768   3.592   1.00 16.44 ? 17  VAL X CG2 1 
ATOM   136  N  N   . GLU A 1 18  ? 9.677   4.038   7.438   1.00 17.34 ? 18  GLU X N   1 
ATOM   137  C  CA  . GLU A 1 18  ? 9.441   4.791   8.667   1.00 19.54 ? 18  GLU X CA  1 
ATOM   138  C  C   . GLU A 1 18  ? 10.342  6.022   8.841   1.00 19.57 ? 18  GLU X C   1 
ATOM   139  O  O   . GLU A 1 18  ? 10.000  6.929   9.606   1.00 20.75 ? 18  GLU X O   1 
ATOM   140  C  CB  . GLU A 1 18  ? 9.544   3.875   9.910   1.00 20.18 ? 18  GLU X CB  1 
ATOM   141  C  CG  . GLU A 1 18  ? 8.459   2.815   9.915   1.00 22.05 ? 18  GLU X CG  1 
ATOM   142  C  CD  . GLU A 1 18  ? 8.311   2.088   11.230  1.00 27.33 ? 18  GLU X CD  1 
ATOM   143  O  OE1 . GLU A 1 18  ? 9.327   1.911   11.933  1.00 28.93 ? 18  GLU X OE1 1 
ATOM   144  O  OE2 . GLU A 1 18  ? 7.170   1.691   11.541  1.00 27.12 ? 18  GLU X OE2 1 
ATOM   145  N  N   . ALA A 1 19  ? 11.470  6.072   8.129   1.00 19.87 ? 19  ALA X N   1 
ATOM   146  C  CA  . ALA A 1 19  ? 12.379  7.227   8.254   1.00 19.09 ? 19  ALA X CA  1 
ATOM   147  C  C   . ALA A 1 19  ? 11.787  8.429   7.492   1.00 19.06 ? 19  ALA X C   1 
ATOM   148  O  O   . ALA A 1 19  ? 12.139  9.588   7.793   1.00 18.78 ? 19  ALA X O   1 
ATOM   149  C  CB  . ALA A 1 19  ? 13.775  6.879   7.765   1.00 19.91 ? 19  ALA X CB  1 
ATOM   150  N  N   . ASP A 1 20  ? 10.885  8.137   6.541   1.00 17.26 ? 20  ASP X N   1 
ATOM   151  C  CA  . ASP A 1 20  ? 10.157  9.160   5.776   1.00 17.83 ? 20  ASP X CA  1 
ATOM   152  C  C   . ASP A 1 20  ? 8.794   8.654   5.278   1.00 18.19 ? 20  ASP X C   1 
ATOM   153  O  O   . ASP A 1 20  ? 8.606   8.357   4.091   1.00 17.69 ? 20  ASP X O   1 
ATOM   154  C  CB  . ASP A 1 20  ? 11.002  9.644   4.609   1.00 18.65 ? 20  ASP X CB  1 
ATOM   155  C  CG  . ASP A 1 20  ? 10.337  10.749  3.828   1.00 17.42 ? 20  ASP X CG  1 
ATOM   156  O  OD1 . ASP A 1 20  ? 9.386   11.383  4.325   1.00 20.24 ? 20  ASP X OD1 1 
ATOM   157  O  OD2 . ASP A 1 20  ? 10.746  10.941  2.691   1.00 25.51 ? 20  ASP X OD2 1 
ATOM   158  N  N   . ILE A 1 21  ? 7.847   8.608   6.196   1.00 18.57 ? 21  ILE X N   1 
ATOM   159  C  CA  . ILE A 1 21  ? 6.545   7.991   5.954   1.00 19.84 ? 21  ILE X CA  1 
ATOM   160  C  C   . ILE A 1 21  ? 5.738   8.801   4.915   1.00 20.48 ? 21  ILE X C   1 
ATOM   161  O  O   . ILE A 1 21  ? 5.179   8.248   3.963   1.00 20.25 ? 21  ILE X O   1 
ATOM   162  C  CB  . ILE A 1 21  ? 5.768   7.681   7.317   1.00 19.80 ? 21  ILE X CB  1 
ATOM   163  C  CG1 . ILE A 1 21  ? 4.499   6.880   7.049   1.00 22.41 ? 21  ILE X CG1 1 
ATOM   164  C  CG2 . ILE A 1 21  ? 5.370   8.956   8.054   1.00 20.28 ? 21  ILE X CG2 1 
ATOM   165  C  CD1 . ILE A 1 21  ? 4.797   5.484   6.569   1.00 27.44 ? 21  ILE X CD1 1 
ATOM   166  N  N   . ALA A 1 22  ? 5.725   10.116  5.095   1.00 21.88 ? 22  ALA X N   1 
ATOM   167  C  CA  . ALA A 1 22  ? 5.029   11.019  4.189   1.00 21.51 ? 22  ALA X CA  1 
ATOM   168  C  C   . ALA A 1 22  ? 5.595   11.014  2.755   1.00 21.84 ? 22  ALA X C   1 
ATOM   169  O  O   . ALA A 1 22  ? 4.823   11.047  1.805   1.00 22.41 ? 22  ALA X O   1 
ATOM   170  C  CB  . ALA A 1 22  ? 5.007   12.430  4.768   1.00 22.83 ? 22  ALA X CB  1 
ATOM   171  N  N   . GLY A 1 23  ? 6.926   10.986  2.605   1.00 20.28 ? 23  GLY X N   1 
ATOM   172  C  CA  . GLY A 1 23  ? 7.584   10.966  1.292   1.00 18.51 ? 23  GLY X CA  1 
ATOM   173  C  C   . GLY A 1 23  ? 7.322   9.647   0.587   1.00 17.69 ? 23  GLY X C   1 
ATOM   174  O  O   . GLY A 1 23  ? 6.935   9.606   -0.578  1.00 17.98 ? 23  GLY X O   1 
ATOM   175  N  N   . HIS A 1 24  ? 7.487   8.547   1.307   1.00 16.12 ? 24  HIS X N   1 
ATOM   176  C  CA  . HIS A 1 24  ? 7.148   7.226   0.758   1.00 15.39 ? 24  HIS X CA  1 
ATOM   177  C  C   . HIS A 1 24  ? 5.654   7.158   0.397   1.00 15.53 ? 24  HIS X C   1 
ATOM   178  O  O   . HIS A 1 24  ? 5.290   6.668   -0.670  1.00 15.64 ? 24  HIS X O   1 
ATOM   179  C  CB  . HIS A 1 24  ? 7.550   6.098   1.746   1.00 14.96 ? 24  HIS X CB  1 
ATOM   180  C  CG  . HIS A 1 24  ? 9.023   5.813   1.750   1.00 14.75 ? 24  HIS X CG  1 
ATOM   181  N  ND1 . HIS A 1 24  ? 9.927   6.621   2.401   1.00 14.44 ? 24  HIS X ND1 1 
ATOM   182  C  CD2 . HIS A 1 24  ? 9.750   4.820   1.179   1.00 15.13 ? 24  HIS X CD2 1 
ATOM   183  C  CE1 . HIS A 1 24  ? 11.144  6.136   2.258   1.00 14.70 ? 24  HIS X CE1 1 
ATOM   184  N  NE2 . HIS A 1 24  ? 11.068  5.067   1.486   1.00 15.33 ? 24  HIS X NE2 1 
ATOM   185  N  N   . GLY A 1 25  ? 4.810   7.618   1.314   1.00 15.78 ? 25  GLY X N   1 
ATOM   186  C  CA  . GLY A 1 25  ? 3.355   7.655   1.108   1.00 16.93 ? 25  GLY X CA  1 
ATOM   187  C  C   . GLY A 1 25  ? 2.924   8.422   -0.130  1.00 16.68 ? 25  GLY X C   1 
ATOM   188  O  O   . GLY A 1 25  ? 2.203   7.880   -0.945  1.00 17.41 ? 25  GLY X O   1 
ATOM   189  N  N   . GLN A 1 26  ? 3.390   9.660   -0.260  1.00 18.27 ? 26  GLN X N   1 
ATOM   190  C  CA  . GLN A 1 26  ? 3.127   10.481  -1.445  1.00 18.43 ? 26  GLN X CA  1 
ATOM   191  C  C   . GLN A 1 26  ? 3.603   9.798   -2.753  1.00 19.35 ? 26  GLN X C   1 
ATOM   192  O  O   . GLN A 1 26  ? 2.826   9.726   -3.721  1.00 18.33 ? 26  GLN X O   1 
ATOM   193  C  CB  . GLN A 1 26  ? 3.787   11.850  -1.267  1.00 19.46 ? 26  GLN X CB  1 
ATOM   194  C  CG  . GLN A 1 26  ? 3.879   12.647  -2.550  1.00 22.78 ? 26  GLN X CG  1 
ATOM   195  C  CD  . GLN A 1 26  ? 4.876   13.762  -2.434  1.00 26.82 ? 26  GLN X CD  1 
ATOM   196  O  OE1 . GLN A 1 26  ? 4.502   14.900  -2.161  1.00 31.56 ? 26  GLN X OE1 1 
ATOM   197  N  NE2 . GLN A 1 26  ? 6.165   13.432  -2.582  1.00 30.67 ? 26  GLN X NE2 1 
ATOM   198  N  N   . GLU A 1 27  ? 4.860   9.323   -2.793  1.00 18.51 ? 27  GLU X N   1 
ATOM   199  C  CA  . GLU A 1 27  ? 5.383   8.657   -4.015  1.00 18.78 ? 27  GLU X CA  1 
ATOM   200  C  C   . GLU A 1 27  ? 4.576   7.414   -4.384  1.00 18.40 ? 27  GLU X C   1 
ATOM   201  O  O   . GLU A 1 27  ? 4.317   7.180   -5.563  1.00 18.39 ? 27  GLU X O   1 
ATOM   202  C  CB  . GLU A 1 27  ? 6.867   8.329   -3.930  1.00 19.38 ? 27  GLU X CB  1 
ATOM   203  C  CG  . GLU A 1 27  ? 7.724   9.576   -3.896  1.00 22.33 ? 27  GLU X CG  1 
ATOM   204  C  CD  . GLU A 1 27  ? 9.223   9.267   -3.981  1.00 26.65 ? 27  GLU X CD  1 
ATOM   205  O  OE1 . GLU A 1 27  ? 9.608   8.392   -4.788  1.00 28.42 ? 27  GLU X OE1 1 
ATOM   206  O  OE2 . GLU A 1 27  ? 10.008  9.921   -3.234  1.00 29.29 ? 27  GLU X OE2 1 
ATOM   207  N  N   . VAL A 1 28  ? 4.192   6.616   -3.391  1.00 16.81 ? 28  VAL X N   1 
ATOM   208  C  CA  . VAL A 1 28  ? 3.317   5.445   -3.656  1.00 16.59 ? 28  VAL X CA  1 
ATOM   209  C  C   . VAL A 1 28  ? 2.024   5.918   -4.339  1.00 16.83 ? 28  VAL X C   1 
ATOM   210  O  O   . VAL A 1 28  ? 1.665   5.415   -5.425  1.00 18.01 ? 28  VAL X O   1 
ATOM   211  C  CB  . VAL A 1 28  ? 3.018   4.594   -2.368  1.00 16.04 ? 28  VAL X CB  1 
ATOM   212  C  CG1 . VAL A 1 28  ? 1.850   3.588   -2.572  1.00 15.31 ? 28  VAL X CG1 1 
ATOM   213  C  CG2 . VAL A 1 28  ? 4.292   3.861   -1.954  1.00 14.40 ? 28  VAL X CG2 1 
ATOM   214  N  N   . LEU A 1 29  ? 1.351   6.893   -3.728  1.00 16.68 ? 29  LEU X N   1 
ATOM   215  C  CA  . LEU A 1 29  ? 0.060   7.372   -4.292  1.00 17.29 ? 29  LEU X CA  1 
ATOM   216  C  C   . LEU A 1 29  ? 0.209   7.982   -5.692  1.00 17.14 ? 29  LEU X C   1 
ATOM   217  O  O   . LEU A 1 29  ? -0.523  7.602   -6.572  1.00 17.77 ? 29  LEU X O   1 
ATOM   218  C  CB  . LEU A 1 29  ? -0.652  8.354   -3.341  1.00 16.48 ? 29  LEU X CB  1 
ATOM   219  C  CG  . LEU A 1 29  ? -1.203  7.731   -2.031  1.00 17.73 ? 29  LEU X CG  1 
ATOM   220  C  CD1 . LEU A 1 29  ? -1.702  8.826   -1.088  1.00 17.22 ? 29  LEU X CD1 1 
ATOM   221  C  CD2 . LEU A 1 29  ? -2.296  6.666   -2.312  1.00 14.80 ? 29  LEU X CD2 1 
ATOM   222  N  N   . ILE A 1 30  ? 1.196   8.866   -5.889  1.00 17.03 ? 30  ILE X N   1 
ATOM   223  C  CA  . ILE A 1 30  ? 1.487   9.389   -7.244  1.00 16.79 ? 30  ILE X CA  1 
ATOM   224  C  C   . ILE A 1 30  ? 1.792   8.272   -8.261  1.00 16.52 ? 30  ILE X C   1 
ATOM   225  O  O   . ILE A 1 30  ? 1.337   8.330   -9.403  1.00 16.64 ? 30  ILE X O   1 
ATOM   226  C  CB  . ILE A 1 30  ? 2.610   10.456  -7.247  1.00 17.49 ? 30  ILE X CB  1 
ATOM   227  C  CG1 . ILE A 1 30  ? 2.150   11.691  -6.455  1.00 15.71 ? 30  ILE X CG1 1 
ATOM   228  C  CG2 . ILE A 1 30  ? 3.018   10.834  -8.695  1.00 17.65 ? 30  ILE X CG2 1 
ATOM   229  C  CD1 . ILE A 1 30  ? 3.233   12.763  -6.226  1.00 15.73 ? 30  ILE X CD1 1 
ATOM   230  N  N   . ARG A 1 31  ? 2.578   7.276   -7.861  1.00 16.07 ? 31  ARG X N   1 
ATOM   231  C  CA  . ARG A 1 31  ? 2.896   6.143   -8.755  1.00 16.47 ? 31  ARG X CA  1 
ATOM   232  C  C   . ARG A 1 31  ? 1.573   5.435   -9.182  1.00 17.33 ? 31  ARG X C   1 
ATOM   233  O  O   . ARG A 1 31  ? 1.360   5.128   -10.362 1.00 17.15 ? 31  ARG X O   1 
ATOM   234  C  CB  . ARG A 1 31  ? 3.886   5.191   -8.058  1.00 16.76 ? 31  ARG X CB  1 
ATOM   235  C  CG  . ARG A 1 31  ? 4.210   3.916   -8.830  1.00 18.05 ? 31  ARG X CG  1 
ATOM   236  C  CD  . ARG A 1 31  ? 5.020   4.269   -10.059 1.00 21.76 ? 31  ARG X CD  1 
ATOM   237  N  NE  . ARG A 1 31  ? 5.259   3.110   -10.898 1.00 25.47 ? 31  ARG X NE  1 
ATOM   238  C  CZ  . ARG A 1 31  ? 6.050   3.151   -11.967 1.00 27.43 ? 31  ARG X CZ  1 
ATOM   239  N  NH1 . ARG A 1 31  ? 6.632   4.307   -12.273 1.00 27.05 ? 31  ARG X NH1 1 
ATOM   240  N  NH2 . ARG A 1 31  ? 6.250   2.060   -12.708 1.00 24.05 ? 31  ARG X NH2 1 
ATOM   241  N  N   . LEU A 1 32  ? 0.672   5.229   -8.229  1.00 16.67 ? 32  LEU X N   1 
ATOM   242  C  CA  . LEU A 1 32  ? -0.606  4.542   -8.466  1.00 17.12 ? 32  LEU X CA  1 
ATOM   243  C  C   . LEU A 1 32  ? -1.490  5.391   -9.398  1.00 17.62 ? 32  LEU X C   1 
ATOM   244  O  O   . LEU A 1 32  ? -2.016  4.898   -10.412 1.00 17.96 ? 32  LEU X O   1 
ATOM   245  C  CB  . LEU A 1 32  ? -1.306  4.385   -7.117  1.00 17.93 ? 32  LEU X CB  1 
ATOM   246  C  CG  . LEU A 1 32  ? -2.694  3.745   -7.092  1.00 16.52 ? 32  LEU X CG  1 
ATOM   247  C  CD1 . LEU A 1 32  ? -2.618  2.319   -7.536  1.00 16.55 ? 32  LEU X CD1 1 
ATOM   248  C  CD2 . LEU A 1 32  ? -3.280  3.908   -5.686  1.00 17.57 ? 32  LEU X CD2 1 
ATOM   249  N  N   . PHE A 1 33  ? -1.589  6.670   -9.056  1.00 17.64 ? 33  PHE X N   1 
ATOM   250  C  CA  . PHE A 1 33  ? -2.431  7.607   -9.819  1.00 18.79 ? 33  PHE X CA  1 
ATOM   251  C  C   . PHE A 1 33  ? -1.947  7.813   -11.255 1.00 19.39 ? 33  PHE X C   1 
ATOM   252  O  O   . PHE A 1 33  ? -2.769  7.900   -12.169 1.00 18.72 ? 33  PHE X O   1 
ATOM   253  C  CB  . PHE A 1 33  ? -2.598  8.991   -9.128  1.00 18.42 ? 33  PHE X CB  1 
ATOM   254  C  CG  . PHE A 1 33  ? -3.266  8.943   -7.779  1.00 19.80 ? 33  PHE X CG  1 
ATOM   255  C  CD1 . PHE A 1 33  ? -4.193  7.923   -7.447  1.00 16.52 ? 33  PHE X CD1 1 
ATOM   256  C  CD2 . PHE A 1 33  ? -3.010  9.953   -6.845  1.00 19.43 ? 33  PHE X CD2 1 
ATOM   257  C  CE1 . PHE A 1 33  ? -4.815  7.891   -6.179  1.00 17.24 ? 33  PHE X CE1 1 
ATOM   258  C  CE2 . PHE A 1 33  ? -3.619  9.937   -5.597  1.00 21.03 ? 33  PHE X CE2 1 
ATOM   259  C  CZ  . PHE A 1 33  ? -4.539  8.912   -5.260  1.00 18.64 ? 33  PHE X CZ  1 
ATOM   260  N  N   . THR A 1 34  ? -0.631  7.952   -11.441 1.00 19.72 ? 34  THR X N   1 
ATOM   261  C  CA  . THR A 1 34  ? -0.090  8.241   -12.759 1.00 21.34 ? 34  THR X CA  1 
ATOM   262  C  C   . THR A 1 34  ? -0.092  6.988   -13.620 1.00 21.00 ? 34  THR X C   1 
ATOM   263  O  O   . THR A 1 34  ? -0.350  7.063   -14.823 1.00 21.43 ? 34  THR X O   1 
ATOM   264  C  CB  . THR A 1 34  ? 1.349   8.890   -12.725 1.00 20.80 ? 34  THR X CB  1 
ATOM   265  O  OG1 . THR A 1 34  ? 2.271   8.009   -12.063 1.00 21.88 ? 34  THR X OG1 1 
ATOM   266  C  CG2 . THR A 1 34  ? 1.306   10.235  -12.016 1.00 21.63 ? 34  THR X CG2 1 
ATOM   267  N  N   . GLY A 1 35  ? 0.193   5.836   -13.018 1.00 20.77 ? 35  GLY X N   1 
ATOM   268  C  CA  . GLY A 1 35  ? 0.185   4.586   -13.769 1.00 20.06 ? 35  GLY X CA  1 
ATOM   269  C  C   . GLY A 1 35  ? -1.222  4.064   -14.059 1.00 19.28 ? 35  GLY X C   1 
ATOM   270  O  O   . GLY A 1 35  ? -1.454  3.351   -15.045 1.00 19.50 ? 35  GLY X O   1 
ATOM   271  N  N   . HIS A 1 36  ? -2.155  4.398   -13.169 1.00 19.12 ? 36  HIS X N   1 
ATOM   272  C  CA  . HIS A 1 36  ? -3.537  3.898   -13.287 1.00 18.93 ? 36  HIS X CA  1 
ATOM   273  C  C   . HIS A 1 36  ? -4.531  5.027   -12.999 1.00 18.61 ? 36  HIS X C   1 
ATOM   274  O  O   . HIS A 1 36  ? -5.080  5.111   -11.907 1.00 18.16 ? 36  HIS X O   1 
ATOM   275  C  CB  . HIS A 1 36  ? -3.735  2.708   -12.350 1.00 18.98 ? 36  HIS X CB  1 
ATOM   276  C  CG  . HIS A 1 36  ? -2.635  1.687   -12.438 1.00 19.99 ? 36  HIS X CG  1 
ATOM   277  N  ND1 . HIS A 1 36  ? -2.677  0.624   -13.316 1.00 21.42 ? 36  HIS X ND1 1 
ATOM   278  C  CD2 . HIS A 1 36  ? -1.452  1.585   -11.785 1.00 21.52 ? 36  HIS X CD2 1 
ATOM   279  C  CE1 . HIS A 1 36  ? -1.579  -0.096  -13.188 1.00 20.81 ? 36  HIS X CE1 1 
ATOM   280  N  NE2 . HIS A 1 36  ? -0.811  0.474   -12.276 1.00 21.35 ? 36  HIS X NE2 1 
ATOM   281  N  N   . PRO A 1 37  ? -4.759  5.924   -13.977 1.00 18.76 ? 37  PRO X N   1 
ATOM   282  C  CA  . PRO A 1 37  ? -5.578  7.087   -13.687 1.00 18.97 ? 37  PRO X CA  1 
ATOM   283  C  C   . PRO A 1 37  ? -6.988  6.780   -13.214 1.00 19.46 ? 37  PRO X C   1 
ATOM   284  O  O   . PRO A 1 37  ? -7.618  7.634   -12.567 1.00 19.55 ? 37  PRO X O   1 
ATOM   285  C  CB  . PRO A 1 37  ? -5.637  7.793   -15.046 1.00 19.75 ? 37  PRO X CB  1 
ATOM   286  C  CG  . PRO A 1 37  ? -4.344  7.431   -15.681 1.00 19.39 ? 37  PRO X CG  1 
ATOM   287  C  CD  . PRO A 1 37  ? -4.239  5.976   -15.359 1.00 18.28 ? 37  PRO X CD  1 
ATOM   288  N  N   . GLU A 1 38  ? -7.499  5.592   -13.528 1.00 19.06 ? 38  GLU X N   1 
ATOM   289  C  CA  . GLU A 1 38  ? -8.828  5.221   -13.061 1.00 19.15 ? 38  GLU X CA  1 
ATOM   290  C  C   . GLU A 1 38  ? -8.918  5.235   -11.523 1.00 20.21 ? 38  GLU X C   1 
ATOM   291  O  O   . GLU A 1 38  ? -10.003 5.473   -10.971 1.00 20.92 ? 38  GLU X O   1 
ATOM   292  C  CB  . GLU A 1 38  ? -9.263  3.863   -13.622 1.00 19.06 ? 38  GLU X CB  1 
ATOM   293  C  CG  . GLU A 1 38  ? -8.492  2.647   -13.121 1.00 18.84 ? 38  GLU X CG  1 
ATOM   294  C  CD  . GLU A 1 38  ? -7.246  2.341   -13.956 1.00 22.34 ? 38  GLU X CD  1 
ATOM   295  O  OE1 . GLU A 1 38  ? -6.596  3.256   -14.515 1.00 21.58 ? 38  GLU X OE1 1 
ATOM   296  O  OE2 . GLU A 1 38  ? -6.899  1.166   -14.041 1.00 23.71 ? 38  GLU X OE2 1 
ATOM   297  N  N   . THR A 1 39  ? -7.771  5.001   -10.864 1.00 20.16 ? 39  THR X N   1 
ATOM   298  C  CA  . THR A 1 39  ? -7.678  4.927   -9.411  1.00 20.14 ? 39  THR X CA  1 
ATOM   299  C  C   . THR A 1 39  ? -7.950  6.310   -8.816  1.00 20.48 ? 39  THR X C   1 
ATOM   300  O  O   . THR A 1 39  ? -8.625  6.411   -7.785  1.00 20.56 ? 39  THR X O   1 
ATOM   301  C  CB  . THR A 1 39  ? -6.318  4.326   -8.887  1.00 20.45 ? 39  THR X CB  1 
ATOM   302  O  OG1 . THR A 1 39  ? -5.220  5.172   -9.251  1.00 18.90 ? 39  THR X OG1 1 
ATOM   303  C  CG2 . THR A 1 39  ? -6.093  2.883   -9.420  1.00 20.53 ? 39  THR X CG2 1 
ATOM   304  N  N   . LEU A 1 40  ? -7.441  7.362   -9.473  1.00 20.73 ? 40  LEU X N   1 
ATOM   305  C  CA  . LEU A 1 40  ? -7.663  8.735   -9.017  1.00 21.21 ? 40  LEU X CA  1 
ATOM   306  C  C   . LEU A 1 40  ? -9.166  9.024   -8.881  1.00 20.58 ? 40  LEU X C   1 
ATOM   307  O  O   . LEU A 1 40  ? -9.588  9.726   -7.947  1.00 19.14 ? 40  LEU X O   1 
ATOM   308  C  CB  . LEU A 1 40  ? -7.035  9.746   -9.977  1.00 21.65 ? 40  LEU X CB  1 
ATOM   309  C  CG  . LEU A 1 40  ? -6.943  11.188  -9.466  1.00 22.88 ? 40  LEU X CG  1 
ATOM   310  C  CD1 . LEU A 1 40  ? -5.910  11.316  -8.331  1.00 21.51 ? 40  LEU X CD1 1 
ATOM   311  C  CD2 . LEU A 1 40  ? -6.604  12.143  -10.635 1.00 21.60 ? 40  LEU X CD2 1 
ATOM   312  N  N   . GLU A 1 41  ? -9.965  8.467   -9.803  1.00 20.27 ? 41  GLU X N   1 
ATOM   313  C  CA  . GLU A 1 41  ? -11.429 8.704   -9.776  1.00 21.43 ? 41  GLU X CA  1 
ATOM   314  C  C   . GLU A 1 41  ? -12.141 8.165   -8.538  1.00 20.88 ? 41  GLU X C   1 
ATOM   315  O  O   . GLU A 1 41  ? -13.261 8.568   -8.249  1.00 22.35 ? 41  GLU X O   1 
ATOM   316  C  CB  . GLU A 1 41  ? -12.138 8.163   -11.039 1.00 22.14 ? 41  GLU X CB  1 
ATOM   317  C  CG  . GLU A 1 41  ? -11.718 8.835   -12.323 1.00 26.04 ? 41  GLU X CG  1 
ATOM   318  C  CD  . GLU A 1 41  ? -11.652 10.370  -12.229 1.00 29.13 ? 41  GLU X CD  1 
ATOM   319  O  OE1 . GLU A 1 41  ? -12.712 10.973  -11.962 1.00 29.19 ? 41  GLU X OE1 1 
ATOM   320  O  OE2 . GLU A 1 41  ? -10.542 10.968  -12.412 1.00 31.60 ? 41  GLU X OE2 1 
ATOM   321  N  N   . LYS A 1 42  ? -11.501 7.260   -7.793  1.00 20.71 ? 42  LYS X N   1 
ATOM   322  C  CA  . LYS A 1 42  ? -12.128 6.740   -6.586  1.00 20.40 ? 42  LYS X CA  1 
ATOM   323  C  C   . LYS A 1 42  ? -12.029 7.727   -5.403  1.00 20.67 ? 42  LYS X C   1 
ATOM   324  O  O   . LYS A 1 42  ? -12.651 7.511   -4.367  1.00 19.70 ? 42  LYS X O   1 
ATOM   325  C  CB  . LYS A 1 42  ? -11.490 5.402   -6.208  1.00 19.26 ? 42  LYS X CB  1 
ATOM   326  C  CG  . LYS A 1 42  ? -11.786 4.311   -7.194  1.00 18.81 ? 42  LYS X CG  1 
ATOM   327  C  CD  . LYS A 1 42  ? -13.300 3.938   -7.170  1.00 18.26 ? 42  LYS X CD  1 
ATOM   328  C  CE  . LYS A 1 42  ? -13.632 2.821   -8.139  1.00 18.36 ? 42  LYS X CE  1 
ATOM   329  N  NZ  . LYS A 1 42  ? -14.991 2.264   -7.840  1.00 21.55 ? 42  LYS X NZ  1 
ATOM   330  N  N   . PHE A 1 43  ? -11.223 8.783   -5.570  1.00 20.52 ? 43  PHE X N   1 
ATOM   331  C  CA  . PHE A 1 43  ? -10.940 9.771   -4.523  1.00 21.38 ? 43  PHE X CA  1 
ATOM   332  C  C   . PHE A 1 43  ? -11.541 11.096  -4.943  1.00 23.72 ? 43  PHE X C   1 
ATOM   333  O  O   . PHE A 1 43  ? -10.899 11.838  -5.688  1.00 24.61 ? 43  PHE X O   1 
ATOM   334  C  CB  . PHE A 1 43  ? -9.416  10.026  -4.389  1.00 20.19 ? 43  PHE X CB  1 
ATOM   335  C  CG  . PHE A 1 43  ? -8.617  8.845   -3.857  1.00 19.44 ? 43  PHE X CG  1 
ATOM   336  C  CD1 . PHE A 1 43  ? -8.136  7.847   -4.726  1.00 20.25 ? 43  PHE X CD1 1 
ATOM   337  C  CD2 . PHE A 1 43  ? -8.317  8.749   -2.487  1.00 19.56 ? 43  PHE X CD2 1 
ATOM   338  C  CE1 . PHE A 1 43  ? -7.385  6.753   -4.238  1.00 19.61 ? 43  PHE X CE1 1 
ATOM   339  C  CE2 . PHE A 1 43  ? -7.550  7.665   -1.993  1.00 19.66 ? 43  PHE X CE2 1 
ATOM   340  C  CZ  . PHE A 1 43  ? -7.094  6.659   -2.895  1.00 18.03 ? 43  PHE X CZ  1 
ATOM   341  N  N   . ASP A 1 44  ? -12.749 11.403  -4.476  1.00 25.79 ? 44  ASP X N   1 
ATOM   342  C  CA  . ASP A 1 44  ? -13.343 12.726  -4.677  1.00 28.22 ? 44  ASP X CA  1 
ATOM   343  C  C   . ASP A 1 44  ? -12.422 13.847  -4.228  1.00 27.99 ? 44  ASP X C   1 
ATOM   344  O  O   . ASP A 1 44  ? -12.446 14.914  -4.799  1.00 28.95 ? 44  ASP X O   1 
ATOM   345  C  CB  . ASP A 1 44  ? -14.641 12.896  -3.891  1.00 29.65 ? 44  ASP X CB  1 
ATOM   346  C  CG  . ASP A 1 44  ? -15.778 12.094  -4.451  1.00 33.02 ? 44  ASP X CG  1 
ATOM   347  O  OD1 . ASP A 1 44  ? -15.761 11.730  -5.657  1.00 35.59 ? 44  ASP X OD1 1 
ATOM   348  O  OD2 . ASP A 1 44  ? -16.700 11.825  -3.651  1.00 39.01 ? 44  ASP X OD2 1 
ATOM   349  N  N   . LYS A 1 45  ? -11.623 13.614  -3.203  1.00 27.32 ? 45  LYS X N   1 
ATOM   350  C  CA  . LYS A 1 45  ? -10.730 14.660  -2.732  1.00 27.83 ? 45  LYS X CA  1 
ATOM   351  C  C   . LYS A 1 45  ? -9.382  14.786  -3.511  1.00 26.87 ? 45  LYS X C   1 
ATOM   352  O  O   . LYS A 1 45  ? -8.567  15.675  -3.221  1.00 26.19 ? 45  LYS X O   1 
ATOM   353  C  CB  . LYS A 1 45  ? -10.525 14.535  -1.231  1.00 27.95 ? 45  LYS X CB  1 
ATOM   354  C  CG  . LYS A 1 45  ? -9.589  13.418  -0.791  1.00 29.23 ? 45  LYS X CG  1 
ATOM   355  C  CD  . LYS A 1 45  ? -9.327  13.578  0.697   1.00 31.25 ? 45  LYS X CD  1 
ATOM   356  C  CE  . LYS A 1 45  ? -8.517  12.432  1.249   1.00 33.49 ? 45  LYS X CE  1 
ATOM   357  N  NZ  . LYS A 1 45  ? -8.515  12.551  2.731   1.00 35.19 ? 45  LYS X NZ  1 
ATOM   358  N  N   . PHE A 1 46  ? -9.138  13.897  -4.477  1.00 25.11 ? 46  PHE X N   1 
ATOM   359  C  CA  . PHE A 1 46  ? -7.936  14.027  -5.312  1.00 24.71 ? 46  PHE X CA  1 
ATOM   360  C  C   . PHE A 1 46  ? -8.221  14.090  -6.801  1.00 25.03 ? 46  PHE X C   1 
ATOM   361  O  O   . PHE A 1 46  ? -7.305  14.273  -7.591  1.00 24.73 ? 46  PHE X O   1 
ATOM   362  C  CB  . PHE A 1 46  ? -6.904  12.908  -5.053  1.00 23.70 ? 46  PHE X CB  1 
ATOM   363  C  CG  . PHE A 1 46  ? -6.407  12.837  -3.624  1.00 20.43 ? 46  PHE X CG  1 
ATOM   364  C  CD1 . PHE A 1 46  ? -5.946  13.975  -2.969  1.00 20.42 ? 46  PHE X CD1 1 
ATOM   365  C  CD2 . PHE A 1 46  ? -6.367  11.609  -2.944  1.00 21.81 ? 46  PHE X CD2 1 
ATOM   366  C  CE1 . PHE A 1 46  ? -5.455  13.907  -1.620  1.00 22.44 ? 46  PHE X CE1 1 
ATOM   367  C  CE2 . PHE A 1 46  ? -5.902  11.527  -1.615  1.00 20.57 ? 46  PHE X CE2 1 
ATOM   368  C  CZ  . PHE A 1 46  ? -5.439  12.690  -0.953  1.00 20.52 ? 46  PHE X CZ  1 
ATOM   369  N  N   . LYS A 1 47  ? -9.476  13.930  -7.200  1.00 26.88 ? 47  LYS X N   1 
ATOM   370  C  CA  . LYS A 1 47  ? -9.772  13.956  -8.628  1.00 28.31 ? 47  LYS X CA  1 
ATOM   371  C  C   . LYS A 1 47  ? -9.582  15.340  -9.280  1.00 29.66 ? 47  LYS X C   1 
ATOM   372  O  O   . LYS A 1 47  ? -9.425  15.421  -10.495 1.00 30.80 ? 47  LYS X O   1 
ATOM   373  C  CB  . LYS A 1 47  ? -11.104 13.273  -8.977  0.50 27.84 ? 47  LYS X CB  1 
ATOM   374  C  CG  . LYS A 1 47  ? -12.322 13.796  -8.280  0.50 27.31 ? 47  LYS X CG  1 
ATOM   375  C  CD  . LYS A 1 47  ? -13.519 12.968  -8.718  0.50 27.35 ? 47  LYS X CD  1 
ATOM   376  C  CE  . LYS A 1 47  ? -14.805 13.311  -7.970  0.50 28.79 ? 47  LYS X CE  1 
ATOM   377  N  NZ  . LYS A 1 47  ? -14.965 14.732  -7.510  0.50 28.02 ? 47  LYS X NZ  1 
ATOM   378  N  N   . HIS A 1 48  ? -9.507  16.411  -8.476  1.00 30.87 ? 48  HIS X N   1 
ATOM   379  C  CA  . HIS A 1 48  ? -9.081  17.734  -8.970  1.00 31.25 ? 48  HIS X CA  1 
ATOM   380  C  C   . HIS A 1 48  ? -7.614  17.768  -9.442  1.00 31.60 ? 48  HIS X C   1 
ATOM   381  O  O   . HIS A 1 48  ? -7.205  18.737  -10.083 1.00 32.20 ? 48  HIS X O   1 
ATOM   382  C  CB  . HIS A 1 48  ? -9.246  18.804  -7.883  1.00 31.77 ? 48  HIS X CB  1 
ATOM   383  C  CG  . HIS A 1 48  ? -8.297  18.633  -6.737  1.00 31.08 ? 48  HIS X CG  1 
ATOM   384  N  ND1 . HIS A 1 48  ? -7.070  19.266  -6.678  1.00 30.76 ? 48  HIS X ND1 1 
ATOM   385  C  CD2 . HIS A 1 48  ? -8.370  17.847  -5.638  1.00 29.30 ? 48  HIS X CD2 1 
ATOM   386  C  CE1 . HIS A 1 48  ? -6.444  18.903  -5.570  1.00 30.39 ? 48  HIS X CE1 1 
ATOM   387  N  NE2 . HIS A 1 48  ? -7.213  18.044  -4.922  1.00 32.45 ? 48  HIS X NE2 1 
ATOM   388  N  N   . LEU A 1 49  ? -6.812  16.759  -9.082  1.00 31.18 ? 49  LEU X N   1 
ATOM   389  C  CA  . LEU A 1 49  ? -5.390  16.742  -9.437  1.00 31.17 ? 49  LEU X CA  1 
ATOM   390  C  C   . LEU A 1 49  ? -5.245  16.299  -10.872 1.00 31.40 ? 49  LEU X C   1 
ATOM   391  O  O   . LEU A 1 49  ? -5.473  15.140  -11.211 1.00 31.40 ? 49  LEU X O   1 
ATOM   392  C  CB  . LEU A 1 49  ? -4.553  15.865  -8.483  1.00 30.90 ? 49  LEU X CB  1 
ATOM   393  C  CG  . LEU A 1 49  ? -4.507  16.301  -6.997  1.00 30.17 ? 49  LEU X CG  1 
ATOM   394  C  CD1 . LEU A 1 49  ? -3.917  15.217  -6.119  1.00 28.37 ? 49  LEU X CD1 1 
ATOM   395  C  CD2 . LEU A 1 49  ? -3.739  17.603  -6.799  1.00 29.70 ? 49  LEU X CD2 1 
ATOM   396  N  N   . LYS A 1 50  ? -4.900  17.250  -11.733 1.00 31.87 ? 50  LYS X N   1 
ATOM   397  C  CA  . LYS A 1 50  ? -4.816  16.973  -13.164 1.00 32.30 ? 50  LYS X CA  1 
ATOM   398  C  C   . LYS A 1 50  ? -3.419  16.592  -13.635 1.00 31.34 ? 50  LYS X C   1 
ATOM   399  O  O   . LYS A 1 50  ? -3.278  15.783  -14.558 1.00 32.09 ? 50  LYS X O   1 
ATOM   400  C  CB  . LYS A 1 50  ? -5.393  18.145  -13.965 1.00 33.42 ? 50  LYS X CB  1 
ATOM   401  C  CG  . LYS A 1 50  ? -6.933  18.122  -13.947 1.00 35.44 ? 50  LYS X CG  1 
ATOM   402  C  CD  . LYS A 1 50  ? -7.456  16.807  -14.595 1.00 37.83 ? 50  LYS X CD  1 
ATOM   403  C  CE  . LYS A 1 50  ? -8.968  16.817  -14.861 1.00 38.32 ? 50  LYS X CE  1 
ATOM   404  N  NZ  . LYS A 1 50  ? -9.738  16.647  -13.590 1.00 40.69 ? 50  LYS X NZ  1 
ATOM   405  N  N   . THR A 1 51  ? -2.400  17.153  -12.988 1.00 29.56 ? 51  THR X N   1 
ATOM   406  C  CA  . THR A 1 51  ? -1.003  16.927  -13.353 1.00 28.50 ? 51  THR X CA  1 
ATOM   407  C  C   . THR A 1 51  ? -0.262  16.329  -12.174 1.00 28.11 ? 51  THR X C   1 
ATOM   408  O  O   . THR A 1 51  ? -0.643  16.562  -11.019 1.00 27.74 ? 51  THR X O   1 
ATOM   409  C  CB  . THR A 1 51  ? -0.285  18.247  -13.737 1.00 28.45 ? 51  THR X CB  1 
ATOM   410  O  OG1 . THR A 1 51  ? -0.339  19.174  -12.633 1.00 27.24 ? 51  THR X OG1 1 
ATOM   411  C  CG2 . THR A 1 51  ? -0.902  18.894  -14.981 1.00 29.00 ? 51  THR X CG2 1 
ATOM   412  N  N   . GLU A 1 52  ? 0.806   15.584  -12.458 1.00 27.24 ? 52  GLU X N   1 
ATOM   413  C  CA  . GLU A 1 52  ? 1.748   15.173  -11.418 1.00 26.94 ? 52  GLU X CA  1 
ATOM   414  C  C   . GLU A 1 52  ? 2.353   16.342  -10.594 1.00 26.47 ? 52  GLU X C   1 
ATOM   415  O  O   . GLU A 1 52  ? 2.625   16.178  -9.408  1.00 24.90 ? 52  GLU X O   1 
ATOM   416  C  CB  . GLU A 1 52  ? 2.856   14.310  -12.015 1.00 26.62 ? 52  GLU X CB  1 
ATOM   417  C  CG  . GLU A 1 52  ? 3.809   13.771  -10.979 1.00 28.14 ? 52  GLU X CG  1 
ATOM   418  C  CD  . GLU A 1 52  ? 4.759   12.721  -11.522 1.00 30.01 ? 52  GLU X CD  1 
ATOM   419  O  OE1 . GLU A 1 52  ? 4.513   12.160  -12.608 1.00 31.73 ? 52  GLU X OE1 1 
ATOM   420  O  OE2 . GLU A 1 52  ? 5.758   12.439  -10.827 1.00 32.59 ? 52  GLU X OE2 1 
ATOM   421  N  N   . ALA A 1 53  ? 2.567   17.504  -11.215 1.00 25.56 ? 53  ALA X N   1 
ATOM   422  C  CA  . ALA A 1 53  ? 3.090   18.653  -10.468 1.00 25.86 ? 53  ALA X CA  1 
ATOM   423  C  C   . ALA A 1 53  ? 2.055   18.991  -9.403  1.00 26.12 ? 53  ALA X C   1 
ATOM   424  O  O   . ALA A 1 53  ? 2.395   19.223  -8.249  1.00 26.50 ? 53  ALA X O   1 
ATOM   425  C  CB  . ALA A 1 53  ? 3.322   19.868  -11.390 1.00 26.14 ? 53  ALA X CB  1 
ATOM   426  N  N   . GLU A 1 54  ? 0.789   18.968  -9.794  1.00 25.92 ? 54  GLU X N   1 
ATOM   427  C  CA  . GLU A 1 54  ? -0.291  19.217  -8.860  1.00 26.66 ? 54  GLU X CA  1 
ATOM   428  C  C   . GLU A 1 54  ? -0.306  18.197  -7.710  1.00 25.10 ? 54  GLU X C   1 
ATOM   429  O  O   . GLU A 1 54  ? -0.447  18.586  -6.554  1.00 24.29 ? 54  GLU X O   1 
ATOM   430  C  CB  . GLU A 1 54  ? -1.635  19.297  -9.587  1.00 26.70 ? 54  GLU X CB  1 
ATOM   431  C  CG  . GLU A 1 54  ? -1.853  20.641  -10.300 1.00 29.03 ? 54  GLU X CG  1 
ATOM   432  C  CD  . GLU A 1 54  ? -3.047  20.647  -11.237 1.00 30.70 ? 54  GLU X CD  1 
ATOM   433  O  OE1 . GLU A 1 54  ? -3.452  19.564  -11.748 1.00 34.82 ? 54  GLU X OE1 1 
ATOM   434  O  OE2 . GLU A 1 54  ? -3.565  21.759  -11.480 1.00 36.71 ? 54  GLU X OE2 1 
ATOM   435  N  N   . MET A 1 55  ? -0.144  16.913  -8.045  1.00 23.78 ? 55  MET X N   1 
ATOM   436  C  CA  . MET A 1 55  ? -0.082  15.831  -7.053  1.00 22.67 ? 55  MET X CA  1 
ATOM   437  C  C   . MET A 1 55  ? 1.033   16.058  -6.034  1.00 22.66 ? 55  MET X C   1 
ATOM   438  O  O   . MET A 1 55  ? 0.816   16.015  -4.806  1.00 21.93 ? 55  MET X O   1 
ATOM   439  C  CB  . MET A 1 55  ? 0.166   14.503  -7.768  1.00 21.97 ? 55  MET X CB  1 
ATOM   440  C  CG  . MET A 1 55  ? -1.013  14.043  -8.608  1.00 22.38 ? 55  MET X CG  1 
ATOM   441  S  SD  . MET A 1 55  ? -0.652  12.481  -9.445  1.00 22.19 ? 55  MET X SD  1 
ATOM   442  C  CE  . MET A 1 55  ? -2.138  12.463  -10.449 1.00 22.34 ? 55  MET X CE  1 
ATOM   443  N  N   . LYS A 1 56  ? 2.226   16.288  -6.576  1.00 23.26 ? 56  LYS X N   1 
ATOM   444  C  CA  . LYS A 1 56  ? 3.444   16.520  -5.814  1.00 24.49 ? 56  LYS X CA  1 
ATOM   445  C  C   . LYS A 1 56  ? 3.312   17.677  -4.848  1.00 24.02 ? 56  LYS X C   1 
ATOM   446  O  O   . LYS A 1 56  ? 3.851   17.611  -3.751  1.00 24.23 ? 56  LYS X O   1 
ATOM   447  C  CB  . LYS A 1 56  ? 4.604   16.784  -6.767  1.00 24.99 ? 56  LYS X CB  1 
ATOM   448  C  CG  . LYS A 1 56  ? 5.959   16.473  -6.172  1.00 29.43 ? 56  LYS X CG  1 
ATOM   449  C  CD  . LYS A 1 56  ? 6.179   14.954  -6.122  1.00 33.79 ? 56  LYS X CD  1 
ATOM   450  C  CE  . LYS A 1 56  ? 7.436   14.625  -5.280  1.00 37.98 ? 56  LYS X CE  1 
ATOM   451  N  NZ  . LYS A 1 56  ? 7.767   15.619  -4.177  1.00 38.96 ? 56  LYS X NZ  1 
ATOM   452  N  N   . ALA A 1 57  ? 2.597   18.725  -5.261  1.00 23.26 ? 57  ALA X N   1 
ATOM   453  C  CA  . ALA A 1 57  ? 2.429   19.944  -4.472  1.00 22.99 ? 57  ALA X CA  1 
ATOM   454  C  C   . ALA A 1 57  ? 1.247   19.847  -3.509  1.00 22.32 ? 57  ALA X C   1 
ATOM   455  O  O   . ALA A 1 57  ? 1.034   20.738  -2.707  1.00 21.59 ? 57  ALA X O   1 
ATOM   456  C  CB  . ALA A 1 57  ? 2.269   21.158  -5.396  1.00 24.00 ? 57  ALA X CB  1 
ATOM   457  N  N   . SER A 1 58  ? 0.484   18.760  -3.578  1.00 21.26 ? 58  SER X N   1 
ATOM   458  C  CA  . SER A 1 58  ? -0.680  18.598  -2.700  1.00 20.19 ? 58  SER X CA  1 
ATOM   459  C  C   . SER A 1 58  ? -0.286  18.101  -1.295  1.00 19.88 ? 58  SER X C   1 
ATOM   460  O  O   . SER A 1 58  ? 0.231   16.999  -1.131  1.00 20.34 ? 58  SER X O   1 
ATOM   461  C  CB  . SER A 1 58  ? -1.689  17.658  -3.338  1.00 19.95 ? 58  SER X CB  1 
ATOM   462  O  OG  . SER A 1 58  ? -2.722  17.382  -2.411  1.00 20.38 ? 58  SER X OG  1 
ATOM   463  N  N   . GLU A 1 59  ? -0.484  18.947  -0.277  1.00 21.00 ? 59  GLU X N   1 
ATOM   464  C  CA  . GLU A 1 59  ? -0.144  18.572  1.095   1.00 20.91 ? 59  GLU X CA  1 
ATOM   465  C  C   . GLU A 1 59  ? -1.123  17.509  1.630   1.00 20.13 ? 59  GLU X C   1 
ATOM   466  O  O   . GLU A 1 59  ? -0.754  16.652  2.433   1.00 20.15 ? 59  GLU X O   1 
ATOM   467  C  CB  . GLU A 1 59  ? -0.066  19.829  1.997   1.00 21.85 ? 59  GLU X CB  1 
ATOM   468  C  CG  . GLU A 1 59  ? 1.154   20.733  1.683   1.00 23.69 ? 59  GLU X CG  1 
ATOM   469  C  CD  . GLU A 1 59  ? 2.499   19.974  1.652   1.00 26.78 ? 59  GLU X CD  1 
ATOM   470  O  OE1 . GLU A 1 59  ? 2.774   19.136  2.528   1.00 30.29 ? 59  GLU X OE1 1 
ATOM   471  O  OE2 . GLU A 1 59  ? 3.326   20.213  0.754   1.00 32.10 ? 59  GLU X OE2 1 
ATOM   472  N  N   . ASP A 1 60  ? -2.360  17.553  1.165   1.00 20.21 ? 60  ASP X N   1 
ATOM   473  C  CA  . ASP A 1 60  ? -3.364  16.601  1.584   1.00 19.70 ? 60  ASP X CA  1 
ATOM   474  C  C   . ASP A 1 60  ? -3.086  15.190  1.024   1.00 19.87 ? 60  ASP X C   1 
ATOM   475  O  O   . ASP A 1 60  ? -3.384  14.193  1.693   1.00 19.15 ? 60  ASP X O   1 
ATOM   476  C  CB  . ASP A 1 60  ? -4.757  17.097  1.194   1.00 20.78 ? 60  ASP X CB  1 
ATOM   477  C  CG  . ASP A 1 60  ? -5.840  16.359  1.920   1.00 22.98 ? 60  ASP X CG  1 
ATOM   478  O  OD1 . ASP A 1 60  ? -5.807  16.333  3.171   1.00 27.90 ? 60  ASP X OD1 1 
ATOM   479  O  OD2 . ASP A 1 60  ? -6.688  15.753  1.249   1.00 25.95 ? 60  ASP X OD2 1 
ATOM   480  N  N   . LEU A 1 61  ? -2.492  15.118  -0.181  1.00 18.18 ? 61  LEU X N   1 
ATOM   481  C  CA  . LEU A 1 61  ? -2.108  13.850  -0.799  1.00 18.35 ? 61  LEU X CA  1 
ATOM   482  C  C   . LEU A 1 61  ? -1.018  13.219  0.057   1.00 17.99 ? 61  LEU X C   1 
ATOM   483  O  O   . LEU A 1 61  ? -1.002  12.006  0.318   1.00 18.93 ? 61  LEU X O   1 
ATOM   484  C  CB  . LEU A 1 61  ? -1.665  14.075  -2.270  1.00 17.64 ? 61  LEU X CB  1 
ATOM   485  C  CG  . LEU A 1 61  ? -1.409  12.814  -3.136  1.00 19.33 ? 61  LEU X CG  1 
ATOM   486  C  CD1 . LEU A 1 61  ? -1.462  13.052  -4.626  1.00 21.90 ? 61  LEU X CD1 1 
ATOM   487  C  CD2 . LEU A 1 61  ? -0.068  12.287  -2.838  1.00 22.98 ? 61  LEU X CD2 1 
ATOM   488  N  N   . LYS A 1 62  ? -0.069  14.048  0.494   1.00 19.05 ? 62  LYS X N   1 
ATOM   489  C  CA  . LYS A 1 62  ? 1.001   13.576  1.357   1.00 18.46 ? 62  LYS X CA  1 
ATOM   490  C  C   . LYS A 1 62  ? 0.437   13.106  2.705   1.00 17.62 ? 62  LYS X C   1 
ATOM   491  O  O   . LYS A 1 62  ? 0.830   12.046  3.207   1.00 17.09 ? 62  LYS X O   1 
ATOM   492  C  CB  . LYS A 1 62  ? 2.052   14.682  1.541   1.00 19.86 ? 62  LYS X CB  1 
ATOM   493  C  CG  . LYS A 1 62  ? 2.959   14.412  2.687   1.00 22.37 ? 62  LYS X CG  1 
ATOM   494  C  CD  . LYS A 1 62  ? 3.782   15.642  3.096   1.00 29.29 ? 62  LYS X CD  1 
ATOM   495  C  CE  . LYS A 1 62  ? 4.949   15.894  2.190   1.00 30.80 ? 62  LYS X CE  1 
ATOM   496  N  NZ  . LYS A 1 62  ? 6.065   16.426  3.011   1.00 31.26 ? 62  LYS X NZ  1 
ATOM   497  N  N   . LYS A 1 63  ? -0.458  13.904  3.292   1.00 16.62 ? 63  LYS X N   1 
ATOM   498  C  CA  . LYS A 1 63  ? -1.168  13.534  4.517   1.00 16.67 ? 63  LYS X CA  1 
ATOM   499  C  C   . LYS A 1 63  ? -1.879  12.152  4.367   1.00 16.40 ? 63  LYS X C   1 
ATOM   500  O  O   . LYS A 1 63  ? -1.725  11.267  5.209   1.00 16.85 ? 63  LYS X O   1 
ATOM   501  C  CB  . LYS A 1 63  ? -2.202  14.601  4.865   1.00 15.92 ? 63  LYS X CB  1 
ATOM   502  C  CG  . LYS A 1 63  ? -2.946  14.325  6.179   1.00 17.69 ? 63  LYS X CG  1 
ATOM   503  C  CD  . LYS A 1 63  ? -4.079  15.361  6.297   1.00 18.32 ? 63  LYS X CD  1 
ATOM   504  C  CE  . LYS A 1 63  ? -4.905  15.267  7.544   1.00 19.37 ? 63  LYS X CE  1 
ATOM   505  N  NZ  . LYS A 1 63  ? -5.748  16.543  7.652   1.00 21.13 ? 63  LYS X NZ  1 
ATOM   506  N  N   . HIS A 1 64  ? -2.646  11.978  3.303   1.00 16.85 ? 64  HIS X N   1 
ATOM   507  C  CA  . HIS A 1 64  ? -3.252  10.654  3.011   1.00 17.43 ? 64  HIS X CA  1 
ATOM   508  C  C   . HIS A 1 64  ? -2.198  9.517   2.870   1.00 16.30 ? 64  HIS X C   1 
ATOM   509  O  O   . HIS A 1 64  ? -2.419  8.415   3.379   1.00 15.65 ? 64  HIS X O   1 
ATOM   510  C  CB  . HIS A 1 64  ? -4.168  10.691  1.786   1.00 18.67 ? 64  HIS X CB  1 
ATOM   511  C  CG  . HIS A 1 64  ? -5.051  9.483   1.681   1.00 20.44 ? 64  HIS X CG  1 
ATOM   512  N  ND1 . HIS A 1 64  ? -6.040  9.197   2.605   1.00 21.78 ? 64  HIS X ND1 1 
ATOM   513  C  CD2 . HIS A 1 64  ? -5.053  8.455   0.797   1.00 23.55 ? 64  HIS X CD2 1 
ATOM   514  C  CE1 . HIS A 1 64  ? -6.630  8.062   2.276   1.00 24.24 ? 64  HIS X CE1 1 
ATOM   515  N  NE2 . HIS A 1 64  ? -6.053  7.594   1.180   1.00 21.79 ? 64  HIS X NE2 1 
ATOM   516  N  N   . GLY A 1 65  ? -1.067  9.792   2.193   1.00 16.25 ? 65  GLY X N   1 
ATOM   517  C  CA  . GLY A 1 65  ? 0.028   8.810   2.074   1.00 15.62 ? 65  GLY X CA  1 
ATOM   518  C  C   . GLY A 1 65  ? 0.448   8.369   3.475   1.00 15.81 ? 65  GLY X C   1 
ATOM   519  O  O   . GLY A 1 65  ? 0.691   7.166   3.749   1.00 15.61 ? 65  GLY X O   1 
ATOM   520  N  N   . THR A 1 66  ? 0.553   9.346   4.374   1.00 15.53 ? 66  THR X N   1 
ATOM   521  C  CA  . THR A 1 66  ? 0.884   9.035   5.752   1.00 16.02 ? 66  THR X CA  1 
ATOM   522  C  C   . THR A 1 66  ? -0.189  8.125   6.415   1.00 15.47 ? 66  THR X C   1 
ATOM   523  O  O   . THR A 1 66  ? 0.142   7.171   7.139   1.00 16.22 ? 66  THR X O   1 
ATOM   524  C  CB  . THR A 1 66  ? 1.133   10.319  6.613   1.00 15.95 ? 66  THR X CB  1 
ATOM   525  O  OG1 . THR A 1 66  ? 2.283   11.022  6.097   1.00 19.24 ? 66  THR X OG1 1 
ATOM   526  C  CG2 . THR A 1 66  ? 1.447   9.885   8.004   1.00 17.55 ? 66  THR X CG2 1 
ATOM   527  N  N   . VAL A 1 67  ? -1.464  8.435   6.188   1.00 16.25 ? 67  VAL X N   1 
ATOM   528  C  CA  . VAL A 1 67  ? -2.542  7.641   6.782   1.00 15.38 ? 67  VAL X CA  1 
ATOM   529  C  C   . VAL A 1 67  ? -2.434  6.181   6.256   1.00 16.30 ? 67  VAL X C   1 
ATOM   530  O  O   . VAL A 1 67  ? -2.423  5.221   7.023   1.00 15.99 ? 67  VAL X O   1 
ATOM   531  C  CB  . VAL A 1 67  ? -3.922  8.294   6.523   1.00 16.46 ? 67  VAL X CB  1 
ATOM   532  C  CG1 . VAL A 1 67  ? -5.096  7.314   6.905   1.00 14.58 ? 67  VAL X CG1 1 
ATOM   533  C  CG2 . VAL A 1 67  ? -4.039  9.654   7.313   1.00 15.46 ? 67  VAL X CG2 1 
ATOM   534  N  N   . VAL A 1 68  ? -2.289  6.071   4.946   1.00 15.63 ? 68  VAL X N   1 
ATOM   535  C  CA  . VAL A 1 68  ? -2.179  4.779   4.209   1.00 14.22 ? 68  VAL X CA  1 
ATOM   536  C  C   . VAL A 1 68  ? -1.038  3.903   4.766   1.00 14.13 ? 68  VAL X C   1 
ATOM   537  O  O   . VAL A 1 68  ? -1.283  2.804   5.200   1.00 14.64 ? 68  VAL X O   1 
ATOM   538  C  CB  . VAL A 1 68  ? -2.117  5.024   2.670   1.00 15.36 ? 68  VAL X CB  1 
ATOM   539  C  CG1 . VAL A 1 68  ? -1.935  3.726   1.882   1.00 15.50 ? 68  VAL X CG1 1 
ATOM   540  C  CG2 . VAL A 1 68  ? -3.376  5.621   2.279   1.00 12.06 ? 68  VAL X CG2 1 
ATOM   541  N  N   . LEU A 1 69  ? 0.188   4.432   4.767   1.00 14.17 ? 69  LEU X N   1 
ATOM   542  C  CA  . LEU A 1 69  ? 1.351   3.642   5.116   1.00 13.96 ? 69  LEU X CA  1 
ATOM   543  C  C   . LEU A 1 69  ? 1.386   3.367   6.577   1.00 14.00 ? 69  LEU X C   1 
ATOM   544  O  O   . LEU A 1 69  ? 1.861   2.315   6.992   1.00 15.17 ? 69  LEU X O   1 
ATOM   545  C  CB  . LEU A 1 69  ? 2.660   4.296   4.657   1.00 13.54 ? 69  LEU X CB  1 
ATOM   546  C  CG  . LEU A 1 69  ? 2.826   4.323   3.130   1.00 15.92 ? 69  LEU X CG  1 
ATOM   547  C  CD1 . LEU A 1 69  ? 4.265   4.608   2.815   1.00 16.81 ? 69  LEU X CD1 1 
ATOM   548  C  CD2 . LEU A 1 69  ? 2.365   3.043   2.439   1.00 14.80 ? 69  LEU X CD2 1 
ATOM   549  N  N   . THR A 1 70  ? 0.868   4.293   7.388   1.00 14.35 ? 70  THR X N   1 
ATOM   550  C  CA  . THR A 1 70  ? 0.748   4.012   8.833   1.00 14.20 ? 70  THR X CA  1 
ATOM   551  C  C   . THR A 1 70  ? -0.154  2.802   9.107   1.00 14.23 ? 70  THR X C   1 
ATOM   552  O  O   . THR A 1 70  ? 0.190   1.923   9.917   1.00 13.58 ? 70  THR X O   1 
ATOM   553  C  CB  . THR A 1 70  ? 0.211   5.259   9.588   1.00 14.64 ? 70  THR X CB  1 
ATOM   554  O  OG1 . THR A 1 70  ? 1.191   6.299   9.505   1.00 12.81 ? 70  THR X OG1 1 
ATOM   555  C  CG2 . THR A 1 70  ? -0.102  4.917   11.052  1.00 17.11 ? 70  THR X CG2 1 
ATOM   556  N  N   . ALA A 1 71  ? -1.302  2.762   8.458   1.00 14.29 ? 71  ALA X N   1 
ATOM   557  C  CA  . ALA A 1 71  ? -2.224  1.640   8.550   1.00 14.96 ? 71  ALA X CA  1 
ATOM   558  C  C   . ALA A 1 71  ? -1.537  0.319   8.068   1.00 15.94 ? 71  ALA X C   1 
ATOM   559  O  O   . ALA A 1 71  ? -1.593  -0.711  8.739   1.00 16.03 ? 71  ALA X O   1 
ATOM   560  C  CB  . ALA A 1 71  ? -3.525  1.944   7.786   1.00 15.74 ? 71  ALA X CB  1 
ATOM   561  N  N   . LEU A 1 72  ? -0.845  0.384   6.945   1.00 15.71 ? 72  LEU X N   1 
ATOM   562  C  CA  . LEU A 1 72  ? -0.115  -0.775  6.407   1.00 15.74 ? 72  LEU X CA  1 
ATOM   563  C  C   . LEU A 1 72  ? 1.006   -1.247  7.342   1.00 14.63 ? 72  LEU X C   1 
ATOM   564  O  O   . LEU A 1 72  ? 1.171   -2.459  7.556   1.00 14.42 ? 72  LEU X O   1 
ATOM   565  C  CB  . LEU A 1 72  ? 0.427   -0.476  4.987   1.00 16.31 ? 72  LEU X CB  1 
ATOM   566  C  CG  . LEU A 1 72  ? 1.149   -1.691  4.348   1.00 16.34 ? 72  LEU X CG  1 
ATOM   567  C  CD1 . LEU A 1 72  ? 0.247   -2.951  4.274   1.00 14.85 ? 72  LEU X CD1 1 
ATOM   568  C  CD2 . LEU A 1 72  ? 1.698   -1.378  2.953   1.00 15.65 ? 72  LEU X CD2 1 
ATOM   569  N  N   . GLY A 1 73  ? 1.794   -0.300  7.861   1.00 13.83 ? 73  GLY X N   1 
ATOM   570  C  CA  . GLY A 1 73  ? 2.849   -0.599  8.853   1.00 15.26 ? 73  GLY X CA  1 
ATOM   571  C  C   . GLY A 1 73  ? 2.306   -1.325  10.073  1.00 16.08 ? 73  GLY X C   1 
ATOM   572  O  O   . GLY A 1 73  ? 2.906   -2.312  10.532  1.00 15.66 ? 73  GLY X O   1 
ATOM   573  N  N   . GLY A 1 74  ? 1.173   -0.849  10.604  1.00 17.40 ? 74  GLY X N   1 
ATOM   574  C  CA  . GLY A 1 74  ? 0.493   -1.486  11.748  1.00 17.10 ? 74  GLY X CA  1 
ATOM   575  C  C   . GLY A 1 74  ? 0.196   -2.957  11.473  1.00 17.76 ? 74  GLY X C   1 
ATOM   576  O  O   . GLY A 1 74  ? 0.480   -3.848  12.296  1.00 18.38 ? 74  GLY X O   1 
ATOM   577  N  N   . ILE A 1 75  ? -0.323  -3.195  10.282  1.00 17.33 ? 75  ILE X N   1 
ATOM   578  C  CA  . ILE A 1 75  ? -0.732  -4.512  9.827   1.00 17.24 ? 75  ILE X CA  1 
ATOM   579  C  C   . ILE A 1 75  ? 0.523   -5.371  9.694   1.00 16.96 ? 75  ILE X C   1 
ATOM   580  O  O   . ILE A 1 75  ? 0.562   -6.471  10.210  1.00 15.93 ? 75  ILE X O   1 
ATOM   581  C  CB  . ILE A 1 75  ? -1.597  -4.424  8.534   1.00 16.92 ? 75  ILE X CB  1 
ATOM   582  C  CG1 . ILE A 1 75  ? -3.028  -3.939  8.844   1.00 17.92 ? 75  ILE X CG1 1 
ATOM   583  C  CG2 . ILE A 1 75  ? -1.729  -5.795  7.844   1.00 17.07 ? 75  ILE X CG2 1 
ATOM   584  C  CD1 . ILE A 1 75  ? -3.771  -3.411  7.589   1.00 16.59 ? 75  ILE X CD1 1 
ATOM   585  N  N   . LEU A 1 76  ? 1.578   -4.842  9.062   1.00 17.88 ? 76  LEU X N   1 
ATOM   586  C  CA  . LEU A 1 76  ? 2.815   -5.639  8.862   1.00 17.33 ? 76  LEU X CA  1 
ATOM   587  C  C   . LEU A 1 76  ? 3.459   -6.086  10.167  1.00 17.72 ? 76  LEU X C   1 
ATOM   588  O  O   . LEU A 1 76  ? 3.962   -7.225  10.260  1.00 18.12 ? 76  LEU X O   1 
ATOM   589  C  CB  . LEU A 1 76  ? 3.841   -4.924  7.982   1.00 17.86 ? 76  LEU X CB  1 
ATOM   590  C  CG  . LEU A 1 76  ? 3.391   -4.610  6.561   1.00 18.17 ? 76  LEU X CG  1 
ATOM   591  C  CD1 . LEU A 1 76  ? 4.455   -3.770  5.910   1.00 19.93 ? 76  LEU X CD1 1 
ATOM   592  C  CD2 . LEU A 1 76  ? 3.089   -5.905  5.724   1.00 18.07 ? 76  LEU X CD2 1 
ATOM   593  N  N   . LYS A 1 77  ? 3.445   -5.191  11.170  1.00 15.95 ? 77  LYS X N   1 
ATOM   594  C  CA  . LYS A 1 77  ? 4.057   -5.491  12.475  1.00 16.90 ? 77  LYS X CA  1 
ATOM   595  C  C   . LYS A 1 77  ? 3.339   -6.618  13.264  1.00 16.51 ? 77  LYS X C   1 
ATOM   596  O  O   . LYS A 1 77  ? 3.937   -7.219  14.167  1.00 18.49 ? 77  LYS X O   1 
ATOM   597  C  CB  . LYS A 1 77  ? 4.207   -4.216  13.299  1.00 16.07 ? 77  LYS X CB  1 
ATOM   598  C  CG  . LYS A 1 77  ? 5.241   -3.279  12.744  1.00 18.17 ? 77  LYS X CG  1 
ATOM   599  C  CD  . LYS A 1 77  ? 5.241   -1.988  13.505  1.00 23.59 ? 77  LYS X CD  1 
ATOM   600  C  CE  . LYS A 1 77  ? 5.995   -0.877  12.771  1.00 25.43 ? 77  LYS X CE  1 
ATOM   601  N  NZ  . LYS A 1 77  ? 7.273   -1.383  12.293  1.00 29.66 ? 77  LYS X NZ  1 
ATOM   602  N  N   . LYS A 1 78  ? 2.094   -6.931  12.896  1.00 16.31 ? 78  LYS X N   1 
ATOM   603  C  CA  . LYS A 1 78  ? 1.346   -8.093  13.404  1.00 16.78 ? 78  LYS X CA  1 
ATOM   604  C  C   . LYS A 1 78  ? 1.835   -9.435  12.819  1.00 17.01 ? 78  LYS X C   1 
ATOM   605  O  O   . LYS A 1 78  ? 1.450   -10.505 13.315  1.00 17.14 ? 78  LYS X O   1 
ATOM   606  C  CB  . LYS A 1 78  ? -0.170  -7.938  13.172  1.00 16.44 ? 78  LYS X CB  1 
ATOM   607  C  CG  . LYS A 1 78  ? -0.806  -6.787  13.957  1.00 20.21 ? 78  LYS X CG  1 
ATOM   608  C  CD  . LYS A 1 78  ? -0.486  -6.862  15.443  1.00 26.06 ? 78  LYS X CD  1 
ATOM   609  C  CE  . LYS A 1 78  ? -1.227  -7.972  16.200  1.00 32.07 ? 78  LYS X CE  1 
ATOM   610  N  NZ  . LYS A 1 78  ? -2.720  -8.004  15.978  1.00 34.56 ? 78  LYS X NZ  1 
ATOM   611  N  N   . LYS A 1 79  ? 2.652   -9.365  11.759  1.00 15.92 ? 79  LYS X N   1 
ATOM   612  C  CA  . LYS A 1 79  ? 3.263   -10.567 11.142  1.00 16.49 ? 79  LYS X CA  1 
ATOM   613  C  C   . LYS A 1 79  ? 2.185   -11.650 10.818  1.00 16.62 ? 79  LYS X C   1 
ATOM   614  O  O   . LYS A 1 79  ? 2.301   -12.825 11.216  1.00 17.76 ? 79  LYS X O   1 
ATOM   615  C  CB  . LYS A 1 79  ? 4.384   -11.142 12.024  1.00 15.16 ? 79  LYS X CB  1 
ATOM   616  C  CG  . LYS A 1 79  ? 5.523   -10.142 12.392  1.00 15.12 ? 79  LYS X CG  1 
ATOM   617  C  CD  . LYS A 1 79  ? 6.753   -10.840 13.008  1.00 18.47 ? 79  LYS X CD  1 
ATOM   618  C  CE  . LYS A 1 79  ? 6.492   -11.502 14.348  1.00 21.05 ? 79  LYS X CE  1 
ATOM   619  N  NZ  . LYS A 1 79  ? 7.720   -12.234 14.877  1.00 20.20 ? 79  LYS X NZ  1 
ATOM   620  N  N   . GLY A 1 80  ? 1.121   -11.220 10.145  1.00 18.46 ? 80  GLY X N   1 
ATOM   621  C  CA  . GLY A 1 80  ? 0.067   -12.142 9.705   1.00 18.83 ? 80  GLY X CA  1 
ATOM   622  C  C   . GLY A 1 80  ? -1.053  -12.314 10.728  1.00 19.30 ? 80  GLY X C   1 
ATOM   623  O  O   . GLY A 1 80  ? -2.094  -12.846 10.388  1.00 19.25 ? 80  GLY X O   1 
ATOM   624  N  N   . HIS A 1 81  ? -0.847  -11.886 11.983  1.00 19.02 ? 81  HIS X N   1 
ATOM   625  C  CA  . HIS A 1 81  ? -1.923  -11.966 12.981  1.00 20.99 ? 81  HIS X CA  1 
ATOM   626  C  C   . HIS A 1 81  ? -2.699  -10.656 12.974  1.00 19.77 ? 81  HIS X C   1 
ATOM   627  O  O   . HIS A 1 81  ? -2.735  -9.922  13.987  1.00 20.31 ? 81  HIS X O   1 
ATOM   628  C  CB  . HIS A 1 81  ? -1.369  -12.242 14.369  1.00 20.82 ? 81  HIS X CB  1 
ATOM   629  C  CG  . HIS A 1 81  ? -0.663  -13.549 14.478  1.00 26.99 ? 81  HIS X CG  1 
ATOM   630  N  ND1 . HIS A 1 81  ? 0.687   -13.692 14.224  1.00 30.30 ? 81  HIS X ND1 1 
ATOM   631  C  CD2 . HIS A 1 81  ? -1.123  -14.783 14.777  1.00 29.23 ? 81  HIS X CD2 1 
ATOM   632  C  CE1 . HIS A 1 81  ? 1.028   -14.956 14.384  1.00 31.11 ? 81  HIS X CE1 1 
ATOM   633  N  NE2 . HIS A 1 81  ? -0.053  -15.638 14.718  1.00 31.05 ? 81  HIS X NE2 1 
ATOM   634  N  N   . HIS A 1 82  ? -3.282  -10.344 11.816  1.00 19.98 ? 82  HIS X N   1 
ATOM   635  C  CA  . HIS A 1 82  ? -3.817  -8.989  11.577  1.00 18.98 ? 82  HIS X CA  1 
ATOM   636  C  C   . HIS A 1 82  ? -5.343  -8.986  11.352  1.00 18.62 ? 82  HIS X C   1 
ATOM   637  O  O   . HIS A 1 82  ? -5.863  -8.041  10.772  1.00 18.48 ? 82  HIS X O   1 
ATOM   638  C  CB  . HIS A 1 82  ? -3.128  -8.337  10.354  1.00 19.28 ? 82  HIS X CB  1 
ATOM   639  C  CG  . HIS A 1 82  ? -3.152  -9.208  9.135   1.00 18.23 ? 82  HIS X CG  1 
ATOM   640  N  ND1 . HIS A 1 82  ? -2.081  -9.325  8.278   1.00 18.54 ? 82  HIS X ND1 1 
ATOM   641  C  CD2 . HIS A 1 82  ? -4.105  -10.051 8.667   1.00 17.35 ? 82  HIS X CD2 1 
ATOM   642  C  CE1 . HIS A 1 82  ? -2.376  -10.184 7.320   1.00 18.85 ? 82  HIS X CE1 1 
ATOM   643  N  NE2 . HIS A 1 82  ? -3.598  -10.646 7.532   1.00 17.59 ? 82  HIS X NE2 1 
ATOM   644  N  N   . GLU A 1 83  ? -6.044  -10.039 11.732  1.00 18.04 ? 83  GLU X N   1 
ATOM   645  C  CA  . GLU A 1 83  ? -7.488  -10.102 11.447  1.00 18.79 ? 83  GLU X CA  1 
ATOM   646  C  C   . GLU A 1 83  ? -8.246  -8.861  11.930  1.00 19.49 ? 83  GLU X C   1 
ATOM   647  O  O   . GLU A 1 83  ? -8.982  -8.242  11.149  1.00 19.95 ? 83  GLU X O   1 
ATOM   648  C  CB  . GLU A 1 83  ? -8.110  -11.406 11.995  1.00 19.10 ? 83  GLU X CB  1 
ATOM   649  C  CG  . GLU A 1 83  ? -9.643  -11.380 12.112  1.00 18.49 ? 83  GLU X CG  1 
ATOM   650  C  CD  . GLU A 1 83  ? -10.367 -11.470 10.768  1.00 22.94 ? 83  GLU X CD  1 
ATOM   651  O  OE1 . GLU A 1 83  ? -9.737  -11.837 9.733   1.00 24.39 ? 83  GLU X OE1 1 
ATOM   652  O  OE2 . GLU A 1 83  ? -11.586 -11.188 10.738  1.00 22.58 ? 83  GLU X OE2 1 
ATOM   653  N  N   . ALA A 1 84  ? -8.036  -8.462  13.186  1.00 19.80 ? 84  ALA X N   1 
ATOM   654  C  CA  . ALA A 1 84  ? -8.736  -7.282  13.727  1.00 20.29 ? 84  ALA X CA  1 
ATOM   655  C  C   . ALA A 1 84  ? -8.407  -6.003  12.960  1.00 20.55 ? 84  ALA X C   1 
ATOM   656  O  O   . ALA A 1 84  ? -9.281  -5.165  12.733  1.00 20.62 ? 84  ALA X O   1 
ATOM   657  C  CB  . ALA A 1 84  ? -8.450  -7.105  15.194  1.00 20.50 ? 84  ALA X CB  1 
ATOM   658  N  N   . GLU A 1 85  ? -7.147  -5.849  12.566  1.00 19.74 ? 85  GLU X N   1 
ATOM   659  C  CA  . GLU A 1 85  ? -6.721  -4.666  11.824  1.00 20.29 ? 85  GLU X CA  1 
ATOM   660  C  C   . GLU A 1 85  ? -7.187  -4.670  10.375  1.00 20.14 ? 85  GLU X C   1 
ATOM   661  O  O   . GLU A 1 85  ? -7.524  -3.625  9.807   1.00 19.64 ? 85  GLU X O   1 
ATOM   662  C  CB  . GLU A 1 85  ? -5.177  -4.563  11.861  1.00 21.00 ? 85  GLU X CB  1 
ATOM   663  C  CG  . GLU A 1 85  ? -4.559  -4.262  13.227  1.00 23.25 ? 85  GLU X CG  1 
ATOM   664  C  CD  . GLU A 1 85  ? -4.456  -5.501  14.110  1.00 22.69 ? 85  GLU X CD  1 
ATOM   665  O  OE1 . GLU A 1 85  ? -4.740  -6.616  13.637  1.00 20.54 ? 85  GLU X OE1 1 
ATOM   666  O  OE2 . GLU A 1 85  ? -4.092  -5.353  15.293  1.00 28.60 ? 85  GLU X OE2 1 
ATOM   667  N  N   . LEU A 1 86  ? -7.197  -5.850  9.754   1.00 20.12 ? 86  LEU X N   1 
ATOM   668  C  CA  . LEU A 1 86  ? -7.422  -5.952  8.307   1.00 20.35 ? 86  LEU X CA  1 
ATOM   669  C  C   . LEU A 1 86  ? -8.921  -5.976  7.961   1.00 20.54 ? 86  LEU X C   1 
ATOM   670  O  O   . LEU A 1 86  ? -9.378  -5.321  6.997   1.00 20.71 ? 86  LEU X O   1 
ATOM   671  C  CB  . LEU A 1 86  ? -6.689  -7.186  7.786   1.00 20.55 ? 86  LEU X CB  1 
ATOM   672  C  CG  . LEU A 1 86  ? -6.668  -7.438  6.288   1.00 21.30 ? 86  LEU X CG  1 
ATOM   673  C  CD1 . LEU A 1 86  ? -5.310  -7.983  5.894   1.00 21.98 ? 86  LEU X CD1 1 
ATOM   674  C  CD2 . LEU A 1 86  ? -7.820  -8.320  5.828   1.00 19.22 ? 86  LEU X CD2 1 
ATOM   675  N  N   . LYS A 1 87  ? -9.718  -6.653  8.782   1.00 19.74 ? 87  LYS X N   1 
ATOM   676  C  CA  . LYS A 1 87  ? -11.153 -6.763  8.496   1.00 19.63 ? 87  LYS X CA  1 
ATOM   677  C  C   . LYS A 1 87  ? -11.862 -5.388  8.225   1.00 19.00 ? 87  LYS X C   1 
ATOM   678  O  O   . LYS A 1 87  ? -12.498 -5.222  7.156   1.00 19.75 ? 87  LYS X O   1 
ATOM   679  C  CB  . LYS A 1 87  ? -11.850 -7.561  9.596   1.00 19.62 ? 87  LYS X CB  1 
ATOM   680  C  CG  . LYS A 1 87  ? -13.290 -7.964  9.249   1.00 21.11 ? 87  LYS X CG  1 
ATOM   681  C  CD  . LYS A 1 87  ? -14.047 -8.503  10.487  1.00 20.81 ? 87  LYS X CD  1 
ATOM   682  C  CE  . LYS A 1 87  ? -15.544 -8.582  10.171  1.00 24.78 ? 87  LYS X CE  1 
ATOM   683  N  NZ  . LYS A 1 87  ? -16.357 -9.121  11.325  1.00 27.70 ? 87  LYS X NZ  1 
ATOM   684  N  N   . PRO A 1 88  ? -11.752 -4.400  9.159   1.00 18.44 ? 88  PRO X N   1 
ATOM   685  C  CA  . PRO A 1 88  ? -12.398 -3.092  8.920   1.00 18.26 ? 88  PRO X CA  1 
ATOM   686  C  C   . PRO A 1 88  ? -11.875 -2.410  7.678   1.00 17.73 ? 88  PRO X C   1 
ATOM   687  O  O   . PRO A 1 88  ? -12.645 -1.739  6.992   1.00 18.60 ? 88  PRO X O   1 
ATOM   688  C  CB  . PRO A 1 88  ? -12.086 -2.240  10.182  1.00 18.82 ? 88  PRO X CB  1 
ATOM   689  C  CG  . PRO A 1 88  ? -10.925 -3.000  10.900  1.00 17.73 ? 88  PRO X CG  1 
ATOM   690  C  CD  . PRO A 1 88  ? -11.077 -4.460  10.474  1.00 19.58 ? 88  PRO X CD  1 
ATOM   691  N  N   . LEU A 1 89  ? -10.582 -2.571  7.396   1.00 18.42 ? 89  LEU X N   1 
ATOM   692  C  CA  . LEU A 1 89  ? -9.991  -1.992  6.189   1.00 19.06 ? 89  LEU X CA  1 
ATOM   693  C  C   . LEU A 1 89  ? -10.610 -2.621  4.955   1.00 19.27 ? 89  LEU X C   1 
ATOM   694  O  O   . LEU A 1 89  ? -11.040 -1.900  4.053   1.00 18.38 ? 89  LEU X O   1 
ATOM   695  C  CB  . LEU A 1 89  ? -8.466  -2.188  6.178   1.00 19.61 ? 89  LEU X CB  1 
ATOM   696  C  CG  . LEU A 1 89  ? -7.597  -1.102  6.792   1.00 23.43 ? 89  LEU X CG  1 
ATOM   697  C  CD1 . LEU A 1 89  ? -6.338  -1.126  5.930   1.00 27.85 ? 89  LEU X CD1 1 
ATOM   698  C  CD2 . LEU A 1 89  ? -8.247  0.316   6.769   1.00 26.14 ? 89  LEU X CD2 1 
ATOM   699  N  N   . ALA A 1 90  ? -10.661 -3.953  4.923   1.00 18.26 ? 90  ALA X N   1 
ATOM   700  C  CA  . ALA A 1 90  ? -11.290 -4.712  3.850   1.00 19.01 ? 90  ALA X CA  1 
ATOM   701  C  C   . ALA A 1 90  ? -12.700 -4.215  3.624   1.00 18.73 ? 90  ALA X C   1 
ATOM   702  O  O   . ALA A 1 90  ? -13.098 -3.876  2.502   1.00 20.26 ? 90  ALA X O   1 
ATOM   703  C  CB  . ALA A 1 90  ? -11.279 -6.237  4.174   1.00 19.16 ? 90  ALA X CB  1 
ATOM   704  N  N   . GLN A 1 91  ? -13.445 -4.089  4.710   1.00 19.44 ? 91  GLN X N   1 
ATOM   705  C  CA  . GLN A 1 91  ? -14.849 -3.702  4.616   1.00 19.06 ? 91  GLN X CA  1 
ATOM   706  C  C   . GLN A 1 91  ? -15.080 -2.229  4.188   1.00 19.17 ? 91  GLN X C   1 
ATOM   707  O  O   . GLN A 1 91  ? -15.998 -1.953  3.373   1.00 17.20 ? 91  GLN X O   1 
ATOM   708  C  CB  . GLN A 1 91  ? -15.601 -4.127  5.885   1.00 19.42 ? 91  GLN X CB  1 
ATOM   709  C  CG  . GLN A 1 91  ? -15.586 -5.677  6.063   1.00 21.02 ? 91  GLN X CG  1 
ATOM   710  C  CD  . GLN A 1 91  ? -16.662 -6.144  7.026   1.00 26.62 ? 91  GLN X CD  1 
ATOM   711  O  OE1 . GLN A 1 91  ? -17.049 -5.403  7.930   1.00 26.65 ? 91  GLN X OE1 1 
ATOM   712  N  NE2 . GLN A 1 91  ? -17.168 -7.374  6.822   1.00 27.41 ? 91  GLN X NE2 1 
ATOM   713  N  N   . SER A 1 92  ? -14.229 -1.292  4.643   1.00 17.73 ? 92  SER X N   1 
ATOM   714  C  CA  . SER A 1 92  ? -14.447 0.101   4.216   1.00 18.75 ? 92  SER X CA  1 
ATOM   715  C  C   . SER A 1 92  ? -14.082 0.207   2.757   1.00 18.65 ? 92  SER X C   1 
ATOM   716  O  O   . SER A 1 92  ? -14.720 0.945   2.011   1.00 19.43 ? 92  SER X O   1 
ATOM   717  C  CB  . SER A 1 92  ? -13.645 1.108   5.023   1.00 18.81 ? 92  SER X CB  1 
ATOM   718  O  OG  . SER A 1 92  ? -12.290 0.891   4.759   1.00 21.33 ? 92  SER X OG  1 
ATOM   719  N  N   . HIS A 1 93  ? -13.065 -0.537  2.322   1.00 18.45 ? 93  HIS X N   1 
ATOM   720  C  CA  . HIS A 1 93  ? -12.631 -0.404  0.925   1.00 19.36 ? 93  HIS X CA  1 
ATOM   721  C  C   . HIS A 1 93  ? -13.581 -1.027  -0.092  1.00 19.25 ? 93  HIS X C   1 
ATOM   722  O  O   . HIS A 1 93  ? -13.823 -0.430  -1.145  1.00 21.71 ? 93  HIS X O   1 
ATOM   723  C  CB  . HIS A 1 93  ? -11.195 -0.836  0.748   1.00 17.91 ? 93  HIS X CB  1 
ATOM   724  C  CG  . HIS A 1 93  ? -10.225 0.176   1.261   1.00 18.77 ? 93  HIS X CG  1 
ATOM   725  N  ND1 . HIS A 1 93  ? -10.224 0.599   2.577   1.00 19.63 ? 93  HIS X ND1 1 
ATOM   726  C  CD2 . HIS A 1 93  ? -9.241  0.868   0.639   1.00 17.06 ? 93  HIS X CD2 1 
ATOM   727  C  CE1 . HIS A 1 93  ? -9.284  1.515   2.739   1.00 19.94 ? 93  HIS X CE1 1 
ATOM   728  N  NE2 . HIS A 1 93  ? -8.680  1.696   1.580   1.00 18.51 ? 93  HIS X NE2 1 
ATOM   729  N  N   . ALA A 1 94  ? -14.176 -2.164  0.261   1.00 20.01 ? 94  ALA X N   1 
ATOM   730  C  CA  . ALA A 1 94  ? -15.214 -2.758  -0.576  1.00 20.97 ? 94  ALA X CA  1 
ATOM   731  C  C   . ALA A 1 94  ? -16.503 -1.907  -0.560  1.00 21.03 ? 94  ALA X C   1 
ATOM   732  O  O   . ALA A 1 94  ? -16.932 -1.406  -1.611  1.00 21.73 ? 94  ALA X O   1 
ATOM   733  C  CB  . ALA A 1 94  ? -15.509 -4.238  -0.172  1.00 18.99 ? 94  ALA X CB  1 
ATOM   734  N  N   . THR A 1 95  ? -17.062 -1.701  0.637   1.00 21.37 ? 95  THR X N   1 
ATOM   735  C  CA  . THR A 1 95  ? -18.428 -1.205  0.808   1.00 22.63 ? 95  THR X CA  1 
ATOM   736  C  C   . THR A 1 95  ? -18.496 0.304   0.704   1.00 22.32 ? 95  THR X C   1 
ATOM   737  O  O   . THR A 1 95  ? -19.417 0.856   0.091   1.00 23.09 ? 95  THR X O   1 
ATOM   738  C  CB  . THR A 1 95  ? -19.046 -1.684  2.168   1.00 22.73 ? 95  THR X CB  1 
ATOM   739  O  OG1 . THR A 1 95  ? -18.733 -3.071  2.383   1.00 23.59 ? 95  THR X OG1 1 
ATOM   740  C  CG2 . THR A 1 95  ? -20.554 -1.539  2.167   1.00 23.85 ? 95  THR X CG2 1 
ATOM   741  N  N   . LYS A 1 96  ? -17.531 0.993   1.282   1.00 21.45 ? 96  LYS X N   1 
ATOM   742  C  CA  . LYS A 1 96  ? -17.582 2.441   1.209   1.00 22.77 ? 96  LYS X CA  1 
ATOM   743  C  C   . LYS A 1 96  ? -16.917 2.984   -0.038  1.00 21.68 ? 96  LYS X C   1 
ATOM   744  O  O   . LYS A 1 96  ? -17.573 3.671   -0.841  1.00 22.85 ? 96  LYS X O   1 
ATOM   745  C  CB  . LYS A 1 96  ? -17.035 3.099   2.471   1.00 22.67 ? 96  LYS X CB  1 
ATOM   746  C  CG  . LYS A 1 96  ? -17.547 4.498   2.588   1.00 26.35 ? 96  LYS X CG  1 
ATOM   747  C  CD  . LYS A 1 96  ? -17.281 5.080   3.938   1.00 30.87 ? 96  LYS X CD  1 
ATOM   748  C  CE  . LYS A 1 96  ? -17.800 6.476   3.927   1.00 33.71 ? 96  LYS X CE  1 
ATOM   749  N  NZ  . LYS A 1 96  ? -16.962 7.274   2.980   1.00 37.29 ? 96  LYS X NZ  1 
ATOM   750  N  N   . HIS A 1 97  ? -15.635 2.652   -0.215  1.00 20.81 ? 97  HIS X N   1 
ATOM   751  C  CA  . HIS A 1 97  ? -14.820 3.294   -1.240  1.00 19.55 ? 97  HIS X CA  1 
ATOM   752  C  C   . HIS A 1 97  ? -14.929 2.616   -2.582  1.00 19.13 ? 97  HIS X C   1 
ATOM   753  O  O   . HIS A 1 97  ? -14.463 3.162   -3.605  1.00 18.46 ? 97  HIS X O   1 
ATOM   754  C  CB  . HIS A 1 97  ? -13.343 3.372   -0.812  1.00 20.51 ? 97  HIS X CB  1 
ATOM   755  C  CG  . HIS A 1 97  ? -13.141 3.870   0.591   1.00 19.92 ? 97  HIS X CG  1 
ATOM   756  N  ND1 . HIS A 1 97  ? -13.683 5.054   1.048   1.00 20.03 ? 97  HIS X ND1 1 
ATOM   757  C  CD2 . HIS A 1 97  ? -12.471 3.330   1.640   1.00 19.74 ? 97  HIS X CD2 1 
ATOM   758  C  CE1 . HIS A 1 97  ? -13.347 5.234   2.311   1.00 16.66 ? 97  HIS X CE1 1 
ATOM   759  N  NE2 . HIS A 1 97  ? -12.593 4.212   2.691   1.00 16.71 ? 97  HIS X NE2 1 
ATOM   760  N  N   . LYS A 1 98  ? -15.515 1.412   -2.584  1.00 19.12 ? 98  LYS X N   1 
ATOM   761  C  CA  . LYS A 1 98  ? -15.669 0.604   -3.807  1.00 18.74 ? 98  LYS X CA  1 
ATOM   762  C  C   . LYS A 1 98  ? -14.353 0.338   -4.537  1.00 18.45 ? 98  LYS X C   1 
ATOM   763  O  O   . LYS A 1 98  ? -14.263 0.587   -5.741  1.00 18.80 ? 98  LYS X O   1 
ATOM   764  C  CB  . LYS A 1 98  ? -16.623 1.288   -4.805  1.00 19.93 ? 98  LYS X CB  1 
ATOM   765  C  CG  . LYS A 1 98  ? -17.879 1.899   -4.229  1.00 22.88 ? 98  LYS X CG  1 
ATOM   766  C  CD  . LYS A 1 98  ? -18.702 0.937   -3.442  1.00 28.59 ? 98  LYS X CD  1 
ATOM   767  C  CE  . LYS A 1 98  ? -20.008 1.622   -3.033  1.00 32.78 ? 98  LYS X CE  1 
ATOM   768  N  NZ  . LYS A 1 98  ? -20.983 0.583   -2.625  1.00 34.28 ? 98  LYS X NZ  1 
ATOM   769  N  N   . ILE A 1 99  ? -13.362 -0.214  -3.839  1.00 18.03 ? 99  ILE X N   1 
ATOM   770  C  CA  . ILE A 1 99  ? -12.040 -0.374  -4.429  1.00 17.99 ? 99  ILE X CA  1 
ATOM   771  C  C   . ILE A 1 99  ? -11.877 -1.806  -4.938  1.00 18.01 ? 99  ILE X C   1 
ATOM   772  O  O   . ILE A 1 99  ? -11.789 -2.725  -4.118  1.00 19.50 ? 99  ILE X O   1 
ATOM   773  C  CB  . ILE A 1 99  ? -10.916 -0.015  -3.414  1.00 18.23 ? 99  ILE X CB  1 
ATOM   774  C  CG1 . ILE A 1 99  ? -11.082 1.425   -2.861  1.00 14.16 ? 99  ILE X CG1 1 
ATOM   775  C  CG2 . ILE A 1 99  ? -9.544  -0.218  -4.040  1.00 16.77 ? 99  ILE X CG2 1 
ATOM   776  C  CD1 . ILE A 1 99  ? -11.460 2.500   -4.005  1.00 10.56 ? 99  ILE X CD1 1 
ATOM   777  N  N   . PRO A 1 100 ? -11.845 -2.018  -6.264  1.00 18.03 ? 100 PRO X N   1 
ATOM   778  C  CA  . PRO A 1 100 ? -11.616 -3.404  -6.713  1.00 18.46 ? 100 PRO X CA  1 
ATOM   779  C  C   . PRO A 1 100 ? -10.271 -3.983  -6.245  1.00 19.01 ? 100 PRO X C   1 
ATOM   780  O  O   . PRO A 1 100 ? -9.244  -3.248  -6.123  1.00 17.90 ? 100 PRO X O   1 
ATOM   781  C  CB  . PRO A 1 100 ? -11.630 -3.325  -8.256  1.00 18.74 ? 100 PRO X CB  1 
ATOM   782  C  CG  . PRO A 1 100 ? -11.881 -1.968  -8.629  1.00 18.90 ? 100 PRO X CG  1 
ATOM   783  C  CD  . PRO A 1 100 ? -12.058 -1.088  -7.391  1.00 17.86 ? 100 PRO X CD  1 
ATOM   784  N  N   . ILE A 1 101 ? -10.259 -5.294  -5.994  1.00 19.71 ? 101 ILE X N   1 
ATOM   785  C  CA  . ILE A 1 101 ? -9.017  -5.944  -5.593  1.00 20.97 ? 101 ILE X CA  1 
ATOM   786  C  C   . ILE A 1 101 ? -7.801  -5.649  -6.544  1.00 19.87 ? 101 ILE X C   1 
ATOM   787  O  O   . ILE A 1 101 ? -6.655  -5.560  -6.087  1.00 18.84 ? 101 ILE X O   1 
ATOM   788  C  CB  . ILE A 1 101 ? -9.230  -7.474  -5.297  1.00 21.68 ? 101 ILE X CB  1 
ATOM   789  C  CG1 . ILE A 1 101 ? -8.083  -8.049  -4.461  1.00 22.63 ? 101 ILE X CG1 1 
ATOM   790  C  CG2 . ILE A 1 101 ? -9.414  -8.290  -6.566  1.00 24.12 ? 101 ILE X CG2 1 
ATOM   791  C  CD1 . ILE A 1 101 ? -8.066  -7.554  -3.029  1.00 24.70 ? 101 ILE X CD1 1 
ATOM   792  N  N   . LYS A 1 102 ? -8.072  -5.460  -7.844  1.00 19.93 ? 102 LYS X N   1 
ATOM   793  C  CA  . LYS A 1 102 ? -7.036  -5.062  -8.815  1.00 19.68 ? 102 LYS X CA  1 
ATOM   794  C  C   . LYS A 1 102 ? -6.282  -3.808  -8.330  1.00 18.28 ? 102 LYS X C   1 
ATOM   795  O  O   . LYS A 1 102 ? -5.087  -3.644  -8.594  1.00 18.51 ? 102 LYS X O   1 
ATOM   796  C  CB  . LYS A 1 102 ? -7.659  -4.733  -10.190 1.00 19.46 ? 102 LYS X CB  1 
ATOM   797  C  CG  . LYS A 1 102 ? -6.613  -4.625  -11.354 1.00 23.72 ? 102 LYS X CG  1 
ATOM   798  C  CD  . LYS A 1 102 ? -6.401  -5.986  -11.993 1.00 27.36 ? 102 LYS X CD  1 
ATOM   799  C  CE  . LYS A 1 102 ? -5.140  -6.020  -12.842 1.00 27.10 ? 102 LYS X CE  1 
ATOM   800  N  NZ  . LYS A 1 102 ? -4.538  -7.373  -12.840 1.00 23.94 ? 102 LYS X NZ  1 
ATOM   801  N  N   . TYR A 1 103 ? -6.995  -2.895  -7.680  1.00 18.68 ? 103 TYR X N   1 
ATOM   802  C  CA  . TYR A 1 103 ? -6.382  -1.611  -7.297  1.00 18.87 ? 103 TYR X CA  1 
ATOM   803  C  C   . TYR A 1 103 ? -5.387  -1.837  -6.178  1.00 18.81 ? 103 TYR X C   1 
ATOM   804  O  O   . TYR A 1 103 ? -4.364  -1.125  -6.094  1.00 18.77 ? 103 TYR X O   1 
ATOM   805  C  CB  . TYR A 1 103 ? -7.420  -0.533  -6.955  1.00 18.84 ? 103 TYR X CB  1 
ATOM   806  C  CG  . TYR A 1 103 ? -8.229  -0.003  -8.140  1.00 20.34 ? 103 TYR X CG  1 
ATOM   807  C  CD1 . TYR A 1 103 ? -8.113  -0.576  -9.420  1.00 22.01 ? 103 TYR X CD1 1 
ATOM   808  C  CD2 . TYR A 1 103 ? -9.167  1.008   -7.947  1.00 19.57 ? 103 TYR X CD2 1 
ATOM   809  C  CE1 . TYR A 1 103 ? -8.908  -0.110  -10.499 1.00 20.44 ? 103 TYR X CE1 1 
ATOM   810  C  CE2 . TYR A 1 103 ? -9.954  1.484   -8.991  1.00 22.98 ? 103 TYR X CE2 1 
ATOM   811  C  CZ  . TYR A 1 103 ? -9.834  0.910   -10.256 1.00 21.35 ? 103 TYR X CZ  1 
ATOM   812  O  OH  . TYR A 1 103 ? -10.627 1.414   -11.271 1.00 22.71 ? 103 TYR X OH  1 
ATOM   813  N  N   . LEU A 1 104 ? -5.685  -2.859  -5.351  1.00 18.13 ? 104 LEU X N   1 
ATOM   814  C  CA  . LEU A 1 104 ? -4.792  -3.315  -4.289  1.00 18.48 ? 104 LEU X CA  1 
ATOM   815  C  C   . LEU A 1 104 ? -3.564  -4.037  -4.855  1.00 17.28 ? 104 LEU X C   1 
ATOM   816  O  O   . LEU A 1 104 ? -2.460  -3.850  -4.346  1.00 16.91 ? 104 LEU X O   1 
ATOM   817  C  CB  . LEU A 1 104 ? -5.553  -4.117  -3.233  1.00 17.98 ? 104 LEU X CB  1 
ATOM   818  C  CG  . LEU A 1 104 ? -6.411  -3.051  -2.503  1.00 22.17 ? 104 LEU X CG  1 
ATOM   819  C  CD1 . LEU A 1 104 ? -7.832  -3.441  -2.366  1.00 25.71 ? 104 LEU X CD1 1 
ATOM   820  C  CD2 . LEU A 1 104 ? -5.777  -2.645  -1.144  1.00 24.76 ? 104 LEU X CD2 1 
ATOM   821  N  N   . GLU A 1 105 ? -3.737  -4.782  -5.942  1.00 16.40 ? 105 GLU X N   1 
ATOM   822  C  CA  . GLU A 1 105 ? -2.591  -5.248  -6.705  1.00 16.21 ? 105 GLU X CA  1 
ATOM   823  C  C   . GLU A 1 105 ? -1.756  -4.051  -7.195  1.00 16.42 ? 105 GLU X C   1 
ATOM   824  O  O   . GLU A 1 105 ? -0.560  -3.991  -6.948  1.00 16.48 ? 105 GLU X O   1 
ATOM   825  C  CB  . GLU A 1 105 ? -3.040  -6.113  -7.869  1.00 15.91 ? 105 GLU X CB  1 
ATOM   826  C  CG  . GLU A 1 105 ? -1.933  -6.476  -8.792  1.00 17.22 ? 105 GLU X CG  1 
ATOM   827  C  CD  . GLU A 1 105 ? -2.402  -7.302  -9.964  1.00 18.60 ? 105 GLU X CD  1 
ATOM   828  O  OE1 . GLU A 1 105 ? -3.609  -7.324  -10.304 1.00 21.21 ? 105 GLU X OE1 1 
ATOM   829  O  OE2 . GLU A 1 105 ? -1.526  -7.898  -10.583 1.00 22.33 ? 105 GLU X OE2 1 
ATOM   830  N  N   . PHE A 1 106 ? -2.396  -3.079  -7.860  1.00 15.54 ? 106 PHE X N   1 
ATOM   831  C  CA  . PHE A 1 106 ? -1.656  -1.896  -8.323  1.00 17.12 ? 106 PHE X CA  1 
ATOM   832  C  C   . PHE A 1 106 ? -0.838  -1.208  -7.217  1.00 16.60 ? 106 PHE X C   1 
ATOM   833  O  O   . PHE A 1 106 ? 0.303   -0.820  -7.441  1.00 16.33 ? 106 PHE X O   1 
ATOM   834  C  CB  . PHE A 1 106 ? -2.548  -0.820  -8.973  1.00 16.56 ? 106 PHE X CB  1 
ATOM   835  C  CG  . PHE A 1 106 ? -3.345  -1.262  -10.203 1.00 19.49 ? 106 PHE X CG  1 
ATOM   836  C  CD1 . PHE A 1 106 ? -2.870  -2.224  -11.078 1.00 17.21 ? 106 PHE X CD1 1 
ATOM   837  C  CD2 . PHE A 1 106 ? -4.566  -0.619  -10.505 1.00 19.50 ? 106 PHE X CD2 1 
ATOM   838  C  CE1 . PHE A 1 106 ? -3.623  -2.581  -12.228 1.00 21.80 ? 106 PHE X CE1 1 
ATOM   839  C  CE2 . PHE A 1 106 ? -5.333  -0.968  -11.640 1.00 19.63 ? 106 PHE X CE2 1 
ATOM   840  C  CZ  . PHE A 1 106 ? -4.847  -1.939  -12.505 1.00 18.81 ? 106 PHE X CZ  1 
ATOM   841  N  N   . ILE A 1 107 ? -1.420  -1.014  -6.034  1.00 15.50 ? 107 ILE X N   1 
ATOM   842  C  CA  . ILE A 1 107 ? -0.677  -0.286  -5.006  1.00 15.96 ? 107 ILE X CA  1 
ATOM   843  C  C   . ILE A 1 107 ? 0.457   -1.140  -4.402  1.00 15.86 ? 107 ILE X C   1 
ATOM   844  O  O   . ILE A 1 107 ? 1.497   -0.603  -4.055  1.00 16.11 ? 107 ILE X O   1 
ATOM   845  C  CB  . ILE A 1 107 ? -1.620  0.313   -3.932  1.00 16.18 ? 107 ILE X CB  1 
ATOM   846  C  CG1 . ILE A 1 107 ? -0.948  1.533   -3.312  1.00 16.64 ? 107 ILE X CG1 1 
ATOM   847  C  CG2 . ILE A 1 107 ? -2.049  -0.742  -2.864  1.00 14.95 ? 107 ILE X CG2 1 
ATOM   848  C  CD1 . ILE A 1 107 ? -1.764  2.203   -2.232  1.00 16.18 ? 107 ILE X CD1 1 
ATOM   849  N  N   . SER A 1 108 ? 0.271   -2.465  -4.363  1.00 15.42 ? 108 SER X N   1 
ATOM   850  C  CA  . SER A 1 108 ? 1.329   -3.413  -3.958  1.00 16.38 ? 108 SER X CA  1 
ATOM   851  C  C   . SER A 1 108 ? 2.564   -3.260  -4.861  1.00 16.71 ? 108 SER X C   1 
ATOM   852  O  O   . SER A 1 108 ? 3.687   -3.030  -4.378  1.00 14.96 ? 108 SER X O   1 
ATOM   853  C  CB  . SER A 1 108 ? 0.816   -4.875  -3.986  1.00 16.78 ? 108 SER X CB  1 
ATOM   854  O  OG  . SER A 1 108 ? -0.287  -5.034  -3.086  1.00 18.24 ? 108 SER X OG  1 
ATOM   855  N  N   . ASP A 1 109 ? 2.322   -3.307  -6.187  1.00 17.02 ? 109 ASP X N   1 
ATOM   856  C  CA  . ASP A 1 109 ? 3.366   -3.119  -7.199  1.00 17.13 ? 109 ASP X CA  1 
ATOM   857  C  C   . ASP A 1 109 ? 4.004   -1.718  -7.074  1.00 16.42 ? 109 ASP X C   1 
ATOM   858  O  O   . ASP A 1 109 ? 5.209   -1.583  -7.189  1.00 15.42 ? 109 ASP X O   1 
ATOM   859  C  CB  . ASP A 1 109 ? 2.798   -3.315  -8.606  1.00 17.52 ? 109 ASP X CB  1 
ATOM   860  C  CG  . ASP A 1 109 ? 2.441   -4.789  -8.907  1.00 19.06 ? 109 ASP X CG  1 
ATOM   861  O  OD1 . ASP A 1 109 ? 2.785   -5.658  -8.089  1.00 22.88 ? 109 ASP X OD1 1 
ATOM   862  O  OD2 . ASP A 1 109 ? 1.848   -5.071  -9.961  1.00 24.55 ? 109 ASP X OD2 1 
ATOM   863  N  N   . ALA A 1 110 ? 3.191   -0.696  -6.805  1.00 15.70 ? 110 ALA X N   1 
ATOM   864  C  CA  . ALA A 1 110 ? 3.694   0.661   -6.592  1.00 16.87 ? 110 ALA X CA  1 
ATOM   865  C  C   . ALA A 1 110 ? 4.654   0.787   -5.392  1.00 16.84 ? 110 ALA X C   1 
ATOM   866  O  O   . ALA A 1 110 ? 5.679   1.441   -5.493  1.00 17.82 ? 110 ALA X O   1 
ATOM   867  C  CB  . ALA A 1 110 ? 2.521   1.652   -6.487  1.00 17.39 ? 110 ALA X CB  1 
ATOM   868  N  N   . ILE A 1 111 ? 4.344   0.121   -4.282  1.00 16.35 ? 111 ILE X N   1 
ATOM   869  C  CA  . ILE A 1 111 ? 5.257   0.027   -3.107  1.00 15.51 ? 111 ILE X CA  1 
ATOM   870  C  C   . ILE A 1 111 ? 6.628   -0.591  -3.465  1.00 15.80 ? 111 ILE X C   1 
ATOM   871  O  O   . ILE A 1 111 ? 7.697   -0.021  -3.152  1.00 14.82 ? 111 ILE X O   1 
ATOM   872  C  CB  . ILE A 1 111 ? 4.574   -0.737  -1.951  1.00 15.08 ? 111 ILE X CB  1 
ATOM   873  C  CG1 . ILE A 1 111 ? 3.400   0.108   -1.368  1.00 13.94 ? 111 ILE X CG1 1 
ATOM   874  C  CG2 . ILE A 1 111 ? 5.588   -1.164  -0.896  1.00 15.47 ? 111 ILE X CG2 1 
ATOM   875  C  CD1 . ILE A 1 111 ? 2.421   -0.637  -0.383  1.00 14.18 ? 111 ILE X CD1 1 
ATOM   876  N  N   . ILE A 1 112 ? 6.593   -1.765  -4.115  1.00 14.97 ? 112 ILE X N   1 
ATOM   877  C  CA  . ILE A 1 112 ? 7.837   -2.377  -4.607  1.00 15.11 ? 112 ILE X CA  1 
ATOM   878  C  C   . ILE A 1 112 ? 8.602   -1.401  -5.524  1.00 14.04 ? 112 ILE X C   1 
ATOM   879  O  O   . ILE A 1 112 ? 9.794   -1.167  -5.354  1.00 14.45 ? 112 ILE X O   1 
ATOM   880  C  CB  . ILE A 1 112 ? 7.522   -3.652  -5.346  1.00 14.93 ? 112 ILE X CB  1 
ATOM   881  C  CG1 . ILE A 1 112 ? 6.916   -4.683  -4.363  1.00 15.25 ? 112 ILE X CG1 1 
ATOM   882  C  CG2 . ILE A 1 112 ? 8.784   -4.177  -6.120  1.00 14.71 ? 112 ILE X CG2 1 
ATOM   883  C  CD1 . ILE A 1 112 ? 7.836   -5.105  -3.158  1.00 11.87 ? 112 ILE X CD1 1 
ATOM   884  N  N   . HIS A 1 113 ? 7.903   -0.730  -6.437  1.00 14.52 ? 113 HIS X N   1 
ATOM   885  C  CA  . HIS A 1 113 ? 8.592   0.221   -7.303  1.00 15.73 ? 113 HIS X CA  1 
ATOM   886  C  C   . HIS A 1 113 ? 9.255   1.423   -6.566  1.00 14.93 ? 113 HIS X C   1 
ATOM   887  O  O   . HIS A 1 113 ? 10.443  1.791   -6.818  1.00 14.35 ? 113 HIS X O   1 
ATOM   888  C  CB  . HIS A 1 113 ? 7.597   0.799   -8.318  1.00 15.78 ? 113 HIS X CB  1 
ATOM   889  C  CG  . HIS A 1 113 ? 8.210   1.846   -9.194  1.00 21.77 ? 113 HIS X CG  1 
ATOM   890  N  ND1 . HIS A 1 113 ? 8.962   1.529   -10.304 1.00 25.11 ? 113 HIS X ND1 1 
ATOM   891  C  CD2 . HIS A 1 113 ? 8.273   3.193   -9.067  1.00 24.33 ? 113 HIS X CD2 1 
ATOM   892  C  CE1 . HIS A 1 113 ? 9.418   2.641   -10.850 1.00 27.37 ? 113 HIS X CE1 1 
ATOM   893  N  NE2 . HIS A 1 113 ? 9.027   3.663   -10.111 1.00 27.25 ? 113 HIS X NE2 1 
ATOM   894  N  N   . VAL A 1 114 ? 8.441   2.088   -5.747  1.00 14.92 ? 114 VAL X N   1 
ATOM   895  C  CA  . VAL A 1 114 ? 8.943   3.168   -4.865  1.00 15.70 ? 114 VAL X CA  1 
ATOM   896  C  C   . VAL A 1 114 ? 10.176  2.776   -3.967  1.00 15.62 ? 114 VAL X C   1 
ATOM   897  O  O   . VAL A 1 114 ? 11.132  3.567   -3.836  1.00 15.82 ? 114 VAL X O   1 
ATOM   898  C  CB  . VAL A 1 114 ? 7.800   3.766   -4.022  1.00 16.15 ? 114 VAL X CB  1 
ATOM   899  C  CG1 . VAL A 1 114 ? 8.367   4.803   -3.007  1.00 18.01 ? 114 VAL X CG1 1 
ATOM   900  C  CG2 . VAL A 1 114 ? 6.747   4.373   -4.926  1.00 16.99 ? 114 VAL X CG2 1 
ATOM   901  N  N   . LEU A 1 115 ? 10.161  1.576   -3.366  1.00 16.27 ? 115 LEU X N   1 
ATOM   902  C  CA  . LEU A 1 115 ? 11.305  1.064   -2.620  1.00 16.14 ? 115 LEU X CA  1 
ATOM   903  C  C   . LEU A 1 115 ? 12.592  0.991   -3.471  1.00 15.16 ? 115 LEU X C   1 
ATOM   904  O  O   . LEU A 1 115 ? 13.618  1.473   -3.043  1.00 12.45 ? 115 LEU X O   1 
ATOM   905  C  CB  . LEU A 1 115 ? 10.995  -0.283  -1.931  1.00 16.26 ? 115 LEU X CB  1 
ATOM   906  C  CG  . LEU A 1 115 ? 10.045  -0.244  -0.710  1.00 16.48 ? 115 LEU X CG  1 
ATOM   907  C  CD1 . LEU A 1 115 ? 9.536   -1.610  -0.305  1.00 16.18 ? 115 LEU X CD1 1 
ATOM   908  C  CD2 . LEU A 1 115 ? 10.680  0.484   0.478   1.00 18.77 ? 115 LEU X CD2 1 
ATOM   909  N  N   . HIS A 1 116 ? 12.502  0.422   -4.680  1.00 15.70 ? 116 HIS X N   1 
ATOM   910  C  CA  . HIS A 1 116 ? 13.628  0.450   -5.621  1.00 15.65 ? 116 HIS X CA  1 
ATOM   911  C  C   . HIS A 1 116 ? 14.007  1.894   -6.046  1.00 16.48 ? 116 HIS X C   1 
ATOM   912  O  O   . HIS A 1 116 ? 15.189  2.249   -6.145  1.00 14.96 ? 116 HIS X O   1 
ATOM   913  C  CB  . HIS A 1 116 ? 13.340  -0.446  -6.833  1.00 15.65 ? 116 HIS X CB  1 
ATOM   914  C  CG  . HIS A 1 116 ? 13.542  -1.904  -6.558  1.00 16.26 ? 116 HIS X CG  1 
ATOM   915  N  ND1 . HIS A 1 116 ? 14.760  -2.420  -6.166  1.00 17.12 ? 116 HIS X ND1 1 
ATOM   916  C  CD2 . HIS A 1 116 ? 12.690  -2.960  -6.633  1.00 16.38 ? 116 HIS X CD2 1 
ATOM   917  C  CE1 . HIS A 1 116 ? 14.650  -3.725  -6.009  1.00 14.44 ? 116 HIS X CE1 1 
ATOM   918  N  NE2 . HIS A 1 116 ? 13.404  -4.076  -6.265  1.00 15.08 ? 116 HIS X NE2 1 
ATOM   919  N  N   . SER A 1 117 ? 13.001  2.759   -6.209  1.00 16.45 ? 117 SER X N   1 
ATOM   920  C  CA  . SER A 1 117 ? 13.292  4.083   -6.687  1.00 17.77 ? 117 SER X CA  1 
ATOM   921  C  C   . SER A 1 117 ? 13.987  4.958   -5.650  1.00 17.20 ? 117 SER X C   1 
ATOM   922  O  O   . SER A 1 117 ? 14.930  5.680   -5.980  1.00 15.53 ? 117 SER X O   1 
ATOM   923  C  CB  . SER A 1 117 ? 12.034  4.760   -7.204  1.00 17.15 ? 117 SER X CB  1 
ATOM   924  O  OG  . SER A 1 117 ? 12.345  6.086   -7.556  1.00 21.43 ? 117 SER X OG  1 
ATOM   925  N  N   . LYS A 1 118 ? 13.496  4.903   -4.396  1.00 17.48 ? 118 LYS X N   1 
ATOM   926  C  CA  . LYS A 1 118 ? 14.117  5.605   -3.248  1.00 17.82 ? 118 LYS X CA  1 
ATOM   927  C  C   . LYS A 1 118 ? 15.410  4.941   -2.689  1.00 16.94 ? 118 LYS X C   1 
ATOM   928  O  O   . LYS A 1 118 ? 16.220  5.613   -2.054  1.00 16.68 ? 118 LYS X O   1 
ATOM   929  C  CB  . LYS A 1 118 ? 13.083  5.826   -2.134  1.00 17.33 ? 118 LYS X CB  1 
ATOM   930  C  CG  . LYS A 1 118 ? 11.918  6.680   -2.652  1.00 18.11 ? 118 LYS X CG  1 
ATOM   931  C  CD  . LYS A 1 118 ? 10.766  6.892   -1.691  1.00 19.49 ? 118 LYS X CD  1 
ATOM   932  C  CE  . LYS A 1 118 ? 11.152  7.934   -0.645  1.00 24.75 ? 118 LYS X CE  1 
ATOM   933  N  NZ  . LYS A 1 118 ? 11.547  9.243   -1.294  1.00 26.23 ? 118 LYS X NZ  1 
ATOM   934  N  N   . HIS A 1 119 ? 15.602  3.638   -2.958  1.00 16.56 ? 119 HIS X N   1 
ATOM   935  C  CA  . HIS A 1 119 ? 16.681  2.904   -2.297  1.00 17.31 ? 119 HIS X CA  1 
ATOM   936  C  C   . HIS A 1 119 ? 17.402  1.998   -3.296  1.00 16.80 ? 119 HIS X C   1 
ATOM   937  O  O   . HIS A 1 119 ? 17.558  0.811   -3.020  1.00 16.70 ? 119 HIS X O   1 
ATOM   938  C  CB  . HIS A 1 119 ? 16.151  2.088   -1.108  1.00 17.46 ? 119 HIS X CB  1 
ATOM   939  C  CG  . HIS A 1 119 ? 15.232  2.862   -0.205  1.00 18.98 ? 119 HIS X CG  1 
ATOM   940  N  ND1 . HIS A 1 119 ? 15.696  3.747   0.742   1.00 17.98 ? 119 HIS X ND1 1 
ATOM   941  C  CD2 . HIS A 1 119 ? 13.875  2.921   -0.145  1.00 20.18 ? 119 HIS X CD2 1 
ATOM   942  C  CE1 . HIS A 1 119 ? 14.668  4.313   1.356   1.00 19.84 ? 119 HIS X CE1 1 
ATOM   943  N  NE2 . HIS A 1 119 ? 13.552  3.820   0.842   1.00 18.42 ? 119 HIS X NE2 1 
ATOM   944  N  N   . PRO A 1 120 ? 17.870  2.574   -4.437  1.00 16.96 ? 120 PRO X N   1 
ATOM   945  C  CA  . PRO A 1 120 ? 18.432  1.688   -5.484  1.00 16.97 ? 120 PRO X CA  1 
ATOM   946  C  C   . PRO A 1 120 ? 19.662  0.973   -4.979  1.00 17.10 ? 120 PRO X C   1 
ATOM   947  O  O   . PRO A 1 120 ? 20.511  1.602   -4.356  1.00 17.66 ? 120 PRO X O   1 
ATOM   948  C  CB  . PRO A 1 120 ? 18.827  2.648   -6.605  1.00 15.97 ? 120 PRO X CB  1 
ATOM   949  C  CG  . PRO A 1 120 ? 19.103  4.034   -5.867  1.00 16.17 ? 120 PRO X CG  1 
ATOM   950  C  CD  . PRO A 1 120 ? 17.962  4.014   -4.811  1.00 16.33 ? 120 PRO X CD  1 
ATOM   951  N  N   . GLY A 1 121 ? 19.729  -0.338  -5.201  1.00 17.50 ? 121 GLY X N   1 
ATOM   952  C  CA  . GLY A 1 121 ? 20.865  -1.113  -4.698  1.00 17.96 ? 121 GLY X CA  1 
ATOM   953  C  C   . GLY A 1 121 ? 20.829  -1.420  -3.230  1.00 19.73 ? 121 GLY X C   1 
ATOM   954  O  O   . GLY A 1 121 ? 21.743  -2.069  -2.728  1.00 20.42 ? 121 GLY X O   1 
ATOM   955  N  N   . ASP A 1 122 ? 19.786  -0.969  -2.528  1.00 19.44 ? 122 ASP X N   1 
ATOM   956  C  CA  . ASP A 1 122 ? 19.655  -1.219  -1.102  1.00 18.78 ? 122 ASP X CA  1 
ATOM   957  C  C   . ASP A 1 122 ? 18.316  -1.897  -0.794  1.00 19.01 ? 122 ASP X C   1 
ATOM   958  O  O   . ASP A 1 122 ? 17.810  -1.789  0.322   1.00 19.74 ? 122 ASP X O   1 
ATOM   959  C  CB  . ASP A 1 122 ? 19.773  0.092   -0.318  1.00 20.31 ? 122 ASP X CB  1 
ATOM   960  C  CG  . ASP A 1 122 ? 19.819  -0.123  1.173   1.00 25.19 ? 122 ASP X CG  1 
ATOM   961  O  OD1 . ASP A 1 122 ? 20.464  -1.103  1.624   1.00 27.45 ? 122 ASP X OD1 1 
ATOM   962  O  OD2 . ASP A 1 122 ? 19.208  0.690   1.910   1.00 29.20 ? 122 ASP X OD2 1 
ATOM   963  N  N   . PHE A 1 123 ? 17.765  -2.617  -1.778  1.00 18.24 ? 123 PHE X N   1 
ATOM   964  C  CA  . PHE A 1 123 ? 16.515  -3.369  -1.607  1.00 17.63 ? 123 PHE X CA  1 
ATOM   965  C  C   . PHE A 1 123 ? 16.778  -4.677  -2.345  1.00 17.89 ? 123 PHE X C   1 
ATOM   966  O  O   . PHE A 1 123 ? 16.455  -4.815  -3.525  1.00 18.35 ? 123 PHE X O   1 
ATOM   967  C  CB  . PHE A 1 123 ? 15.344  -2.566  -2.200  1.00 18.12 ? 123 PHE X CB  1 
ATOM   968  C  CG  . PHE A 1 123 ? 13.970  -3.232  -2.085  1.00 17.22 ? 123 PHE X CG  1 
ATOM   969  C  CD1 . PHE A 1 123 ? 13.624  -3.948  -0.944  1.00 15.03 ? 123 PHE X CD1 1 
ATOM   970  C  CD2 . PHE A 1 123 ? 13.004  -3.050  -3.103  1.00 16.71 ? 123 PHE X CD2 1 
ATOM   971  C  CE1 . PHE A 1 123 ? 12.346  -4.546  -0.837  1.00 16.53 ? 123 PHE X CE1 1 
ATOM   972  C  CE2 . PHE A 1 123 ? 11.752  -3.592  -2.991  1.00 17.07 ? 123 PHE X CE2 1 
ATOM   973  C  CZ  . PHE A 1 123 ? 11.418  -4.341  -1.855  1.00 17.58 ? 123 PHE X CZ  1 
ATOM   974  N  N   . GLY A 1 124 ? 17.429  -5.602  -1.645  1.00 16.87 ? 124 GLY X N   1 
ATOM   975  C  CA  . GLY A 1 124 ? 18.031  -6.801  -2.246  1.00 17.47 ? 124 GLY X CA  1 
ATOM   976  C  C   . GLY A 1 124 ? 16.981  -7.795  -2.705  1.00 17.42 ? 124 GLY X C   1 
ATOM   977  O  O   . GLY A 1 124 ? 15.760  -7.628  -2.435  1.00 16.87 ? 124 GLY X O   1 
ATOM   978  N  N   . ALA A 1 125 ? 17.438  -8.813  -3.428  1.00 16.74 ? 125 ALA X N   1 
ATOM   979  C  CA  . ALA A 1 125 ? 16.536  -9.857  -3.913  1.00 17.65 ? 125 ALA X CA  1 
ATOM   980  C  C   . ALA A 1 125 ? 15.736  -10.537 -2.797  1.00 17.75 ? 125 ALA X C   1 
ATOM   981  O  O   . ALA A 1 125 ? 14.538  -10.782 -2.950  1.00 18.12 ? 125 ALA X O   1 
ATOM   982  C  CB  . ALA A 1 125 ? 17.338  -10.897 -4.748  1.00 17.67 ? 125 ALA X CB  1 
ATOM   983  N  N   . ASP A 1 126 ? 16.413  -10.837 -1.687  1.00 16.91 ? 126 ASP X N   1 
ATOM   984  C  CA  . ASP A 1 126 ? 15.781  -11.476 -0.531  1.00 17.49 ? 126 ASP X CA  1 
ATOM   985  C  C   . ASP A 1 126 ? 14.721  -10.523 0.096   1.00 15.85 ? 126 ASP X C   1 
ATOM   986  O  O   . ASP A 1 126 ? 13.573  -10.943 0.334   1.00 14.93 ? 126 ASP X O   1 
ATOM   987  C  CB  . ASP A 1 126 ? 16.834  -12.031 0.476   1.00 18.47 ? 126 ASP X CB  1 
ATOM   988  C  CG  . ASP A 1 126 ? 17.781  -10.948 1.059   1.00 23.11 ? 126 ASP X CG  1 
ATOM   989  O  OD1 . ASP A 1 126 ? 17.766  -9.752  0.641   1.00 25.56 ? 126 ASP X OD1 1 
ATOM   990  O  OD2 . ASP A 1 126 ? 18.565  -11.322 1.979   1.00 29.54 ? 126 ASP X OD2 1 
ATOM   991  N  N   . ALA A 1 127 ? 15.088  -9.251  0.302   1.00 15.41 ? 127 ALA X N   1 
ATOM   992  C  CA  . ALA A 1 127 ? 14.126  -8.222  0.771   1.00 16.05 ? 127 ALA X CA  1 
ATOM   993  C  C   . ALA A 1 127 ? 12.875  -8.050  -0.148  1.00 17.12 ? 127 ALA X C   1 
ATOM   994  O  O   . ALA A 1 127 ? 11.722  -8.046  0.321   1.00 15.69 ? 127 ALA X O   1 
ATOM   995  C  CB  . ALA A 1 127 ? 14.838  -6.883  1.007   1.00 15.59 ? 127 ALA X CB  1 
ATOM   996  N  N   . GLN A 1 128 ? 13.111  -7.910  -1.448  1.00 17.24 ? 128 GLN X N   1 
ATOM   997  C  CA  . GLN A 1 128 ? 12.002  -7.873  -2.396  1.00 17.34 ? 128 GLN X CA  1 
ATOM   998  C  C   . GLN A 1 128 ? 11.084  -9.104  -2.275  1.00 16.08 ? 128 GLN X C   1 
ATOM   999  O  O   . GLN A 1 128 ? 9.874   -8.943  -2.193  1.00 14.07 ? 128 GLN X O   1 
ATOM   1000 C  CB  . GLN A 1 128 ? 12.461  -7.694  -3.861  1.00 17.29 ? 128 GLN X CB  1 
ATOM   1001 C  CG  . GLN A 1 128 ? 11.274  -7.438  -4.790  1.00 17.50 ? 128 GLN X CG  1 
ATOM   1002 C  CD  . GLN A 1 128 ? 11.650  -7.307  -6.255  1.00 18.77 ? 128 GLN X CD  1 
ATOM   1003 O  OE1 . GLN A 1 128 ? 10.845  -7.677  -7.161  1.00 20.96 ? 128 GLN X OE1 1 
ATOM   1004 N  NE2 . GLN A 1 128 ? 12.836  -6.775  -6.515  1.00 17.79 ? 128 GLN X NE2 1 
ATOM   1005 N  N   . GLY A 1 129 ? 11.650  -10.322 -2.304  1.00 16.15 ? 129 GLY X N   1 
ATOM   1006 C  CA  . GLY A 1 129 ? 10.864  -11.562 -2.059  1.00 16.48 ? 129 GLY X CA  1 
ATOM   1007 C  C   . GLY A 1 129 ? 9.999   -11.483 -0.786  1.00 15.96 ? 129 GLY X C   1 
ATOM   1008 O  O   . GLY A 1 129 ? 8.762   -11.701 -0.824  1.00 15.76 ? 129 GLY X O   1 
ATOM   1009 N  N   . ALA A 1 130 ? 10.630  -11.154 0.335   1.00 15.09 ? 130 ALA X N   1 
ATOM   1010 C  CA  . ALA A 1 130 ? 9.934   -11.054 1.626   1.00 16.14 ? 130 ALA X CA  1 
ATOM   1011 C  C   . ALA A 1 130 ? 8.786   -10.048 1.607   1.00 15.90 ? 130 ALA X C   1 
ATOM   1012 O  O   . ALA A 1 130 ? 7.620   -10.388 1.945   1.00 15.31 ? 130 ALA X O   1 
ATOM   1013 C  CB  . ALA A 1 130 ? 10.934  -10.729 2.757   1.00 16.29 ? 130 ALA X CB  1 
ATOM   1014 N  N   . MET A 1 131 ? 9.120   -8.817  1.243   1.00 15.09 ? 131 MET X N   1 
ATOM   1015 C  CA  . MET A 1 131 ? 8.108   -7.734  1.073   1.00 15.72 ? 131 MET X CA  1 
ATOM   1016 C  C   . MET A 1 131 ? 6.948   -8.107  0.108   1.00 16.60 ? 131 MET X C   1 
ATOM   1017 O  O   . MET A 1 131 ? 5.768   -7.853  0.395   1.00 13.83 ? 131 MET X O   1 
ATOM   1018 C  CB  . MET A 1 131 ? 8.779   -6.400  0.685   1.00 15.67 ? 131 MET X CB  1 
ATOM   1019 C  CG  . MET A 1 131 ? 7.812   -5.249  0.659   1.00 17.96 ? 131 MET X CG  1 
ATOM   1020 S  SD  . MET A 1 131 ? 7.046   -4.917  2.290   1.00 22.85 ? 131 MET X SD  1 
ATOM   1021 C  CE  . MET A 1 131 ? 8.472   -4.606  3.280   1.00 21.47 ? 131 MET X CE  1 
ATOM   1022 N  N   . THR A 1 132 ? 7.284   -8.749  -1.022  1.00 15.70 ? 132 THR X N   1 
ATOM   1023 C  CA  . THR A 1 132 ? 6.267   -9.210  -1.952  1.00 16.31 ? 132 THR X CA  1 
ATOM   1024 C  C   . THR A 1 132 ? 5.307   -10.213 -1.316  1.00 16.56 ? 132 THR X C   1 
ATOM   1025 O  O   . THR A 1 132 ? 4.113   -10.085 -1.487  1.00 17.52 ? 132 THR X O   1 
ATOM   1026 C  CB  . THR A 1 132 ? 6.926   -9.801  -3.212  1.00 16.57 ? 132 THR X CB  1 
ATOM   1027 O  OG1 . THR A 1 132 ? 7.674   -8.768  -3.865  1.00 16.77 ? 132 THR X OG1 1 
ATOM   1028 C  CG2 . THR A 1 132 ? 5.886   -10.423 -4.163  1.00 17.95 ? 132 THR X CG2 1 
ATOM   1029 N  N   . LYS A 1 133 ? 5.829   -11.200 -0.557  1.00 16.80 ? 133 LYS X N   1 
ATOM   1030 C  CA  . LYS A 1 133 ? 5.030   -12.166 0.178   1.00 16.63 ? 133 LYS X CA  1 
ATOM   1031 C  C   . LYS A 1 133 ? 4.120   -11.521 1.218   1.00 15.41 ? 133 LYS X C   1 
ATOM   1032 O  O   . LYS A 1 133 ? 2.949   -11.887 1.356   1.00 13.77 ? 133 LYS X O   1 
ATOM   1033 C  CB  . LYS A 1 133 ? 5.953   -13.112 0.936   1.00 16.94 ? 133 LYS X CB  1 
ATOM   1034 C  CG  . LYS A 1 133 ? 6.421   -14.325 0.103   1.00 18.02 ? 133 LYS X CG  1 
ATOM   1035 C  CD  . LYS A 1 133 ? 7.097   -15.388 0.984   1.00 17.71 ? 133 LYS X CD  1 
ATOM   1036 C  CE  . LYS A 1 133 ? 6.096   -16.350 1.581   1.00 23.11 ? 133 LYS X CE  1 
ATOM   1037 N  NZ  . LYS A 1 133 ? 6.837   -17.517 2.243   1.00 28.02 ? 133 LYS X NZ  1 
ATOM   1038 N  N   . ALA A 1 134 ? 4.674   -10.551 1.930   1.00 14.33 ? 134 ALA X N   1 
ATOM   1039 C  CA  . ALA A 1 134 ? 3.884   -9.853  2.961   1.00 15.55 ? 134 ALA X CA  1 
ATOM   1040 C  C   . ALA A 1 134 ? 2.690   -9.111  2.329   1.00 15.60 ? 134 ALA X C   1 
ATOM   1041 O  O   . ALA A 1 134 ? 1.577   -9.137  2.866   1.00 15.94 ? 134 ALA X O   1 
ATOM   1042 C  CB  . ALA A 1 134 ? 4.767   -8.901  3.727   1.00 15.03 ? 134 ALA X CB  1 
ATOM   1043 N  N   . LEU A 1 135 ? 2.944   -8.479  1.188   1.00 15.17 ? 135 LEU X N   1 
ATOM   1044 C  CA  . LEU A 1 135 ? 1.945   -7.708  0.424   1.00 15.54 ? 135 LEU X CA  1 
ATOM   1045 C  C   . LEU A 1 135 ? 0.908   -8.596  -0.239  1.00 15.48 ? 135 LEU X C   1 
ATOM   1046 O  O   . LEU A 1 135 ? -0.282  -8.232  -0.331  1.00 17.41 ? 135 LEU X O   1 
ATOM   1047 C  CB  . LEU A 1 135 ? 2.627   -6.819  -0.627  1.00 15.26 ? 135 LEU X CB  1 
ATOM   1048 C  CG  . LEU A 1 135 ? 3.386   -5.587  -0.107  1.00 13.06 ? 135 LEU X CG  1 
ATOM   1049 C  CD1 . LEU A 1 135 ? 4.165   -4.849  -1.237  1.00 15.01 ? 135 LEU X CD1 1 
ATOM   1050 C  CD2 . LEU A 1 135 ? 2.487   -4.589  0.702   1.00 13.14 ? 135 LEU X CD2 1 
ATOM   1051 N  N   . GLU A 1 136 ? 1.355   -9.743  -0.741  1.00 15.70 ? 136 GLU X N   1 
ATOM   1052 C  CA  . GLU A 1 136 ? 0.402   -10.749 -1.225  1.00 16.44 ? 136 GLU X CA  1 
ATOM   1053 C  C   . GLU A 1 136 ? -0.504  -11.259 -0.105  1.00 16.94 ? 136 GLU X C   1 
ATOM   1054 O  O   . GLU A 1 136 ? -1.704  -11.427 -0.291  1.00 16.31 ? 136 GLU X O   1 
ATOM   1055 C  CB  . GLU A 1 136 ? 1.129   -11.914 -1.907  1.00 16.78 ? 136 GLU X CB  1 
ATOM   1056 C  CG  . GLU A 1 136 ? 1.861   -11.473 -3.157  1.00 18.43 ? 136 GLU X CG  1 
ATOM   1057 C  CD  . GLU A 1 136 ? 2.763   -12.567 -3.738  1.00 20.33 ? 136 GLU X CD  1 
ATOM   1058 O  OE1 . GLU A 1 136 ? 3.358   -13.349 -2.974  1.00 20.69 ? 136 GLU X OE1 1 
ATOM   1059 O  OE2 . GLU A 1 136 ? 2.877   -12.632 -4.960  1.00 24.14 ? 136 GLU X OE2 1 
ATOM   1060 N  N   . LEU A 1 137 ? 0.090   -11.578 1.043   1.00 16.05 ? 137 LEU X N   1 
ATOM   1061 C  CA  . LEU A 1 137 ? -0.667  -11.976 2.246   1.00 17.45 ? 137 LEU X CA  1 
ATOM   1062 C  C   . LEU A 1 137 ? -1.776  -10.985 2.598   1.00 16.57 ? 137 LEU X C   1 
ATOM   1063 O  O   . LEU A 1 137 ? -2.938  -11.390 2.772   1.00 16.07 ? 137 LEU X O   1 
ATOM   1064 C  CB  . LEU A 1 137 ? 0.271   -12.224 3.444   1.00 17.48 ? 137 LEU X CB  1 
ATOM   1065 C  CG  . LEU A 1 137 ? -0.385  -12.875 4.667   1.00 18.12 ? 137 LEU X CG  1 
ATOM   1066 C  CD1 . LEU A 1 137 ? -1.047  -14.248 4.340   1.00 18.72 ? 137 LEU X CD1 1 
ATOM   1067 C  CD2 . LEU A 1 137 ? 0.586   -13.001 5.829   1.00 17.46 ? 137 LEU X CD2 1 
ATOM   1068 N  N   . PHE A 1 138 ? -1.382  -9.709  2.670   1.00 17.11 ? 138 PHE X N   1 
ATOM   1069 C  CA  . PHE A 1 138 ? -2.279  -8.569  2.896   1.00 17.63 ? 138 PHE X CA  1 
ATOM   1070 C  C   . PHE A 1 138 ? -3.398  -8.562  1.869   1.00 18.00 ? 138 PHE X C   1 
ATOM   1071 O  O   . PHE A 1 138 ? -4.571  -8.667  2.232   1.00 17.57 ? 138 PHE X O   1 
ATOM   1072 C  CB  . PHE A 1 138 ? -1.453  -7.292  2.863   1.00 17.73 ? 138 PHE X CB  1 
ATOM   1073 C  CG  . PHE A 1 138 ? -2.258  -6.035  2.808   1.00 17.28 ? 138 PHE X CG  1 
ATOM   1074 C  CD1 . PHE A 1 138 ? -2.903  -5.553  3.930   1.00 21.99 ? 138 PHE X CD1 1 
ATOM   1075 C  CD2 . PHE A 1 138 ? -2.320  -5.299  1.638   1.00 20.20 ? 138 PHE X CD2 1 
ATOM   1076 C  CE1 . PHE A 1 138 ? -3.625  -4.371  3.884   1.00 21.26 ? 138 PHE X CE1 1 
ATOM   1077 C  CE2 . PHE A 1 138 ? -3.032  -4.108  1.588   1.00 20.33 ? 138 PHE X CE2 1 
ATOM   1078 C  CZ  . PHE A 1 138 ? -3.688  -3.643  2.706   1.00 22.50 ? 138 PHE X CZ  1 
ATOM   1079 N  N   . ARG A 1 139 ? -3.014  -8.538  0.582   1.00 17.22 ? 139 ARG X N   1 
ATOM   1080 C  CA  . ARG A 1 139 ? -3.936  -8.577  -0.546  1.00 18.61 ? 139 ARG X CA  1 
ATOM   1081 C  C   . ARG A 1 139 ? -4.891  -9.800  -0.517  1.00 18.20 ? 139 ARG X C   1 
ATOM   1082 O  O   . ARG A 1 139 ? -6.108  -9.682  -0.711  1.00 18.22 ? 139 ARG X O   1 
ATOM   1083 C  CB  . ARG A 1 139 ? -3.088  -8.567  -1.822  1.00 18.10 ? 139 ARG X CB  1 
ATOM   1084 C  CG  . ARG A 1 139 ? -3.899  -8.341  -3.032  1.00 21.76 ? 139 ARG X CG  1 
ATOM   1085 C  CD  . ARG A 1 139 ? -3.095  -7.671  -4.109  1.00 19.02 ? 139 ARG X CD  1 
ATOM   1086 N  NE  . ARG A 1 139 ? -2.306  -8.593  -4.917  1.00 15.64 ? 139 ARG X NE  1 
ATOM   1087 C  CZ  . ARG A 1 139 ? -0.979  -8.649  -4.893  1.00 20.97 ? 139 ARG X CZ  1 
ATOM   1088 N  NH1 . ARG A 1 139 ? -0.276  -7.871  -4.077  1.00 19.97 ? 139 ARG X NH1 1 
ATOM   1089 N  NH2 . ARG A 1 139 ? -0.347  -9.509  -5.667  1.00 22.11 ? 139 ARG X NH2 1 
ATOM   1090 N  N   . ASN A 1 140 ? -4.330  -10.978 -0.272  1.00 17.71 ? 140 ASN X N   1 
ATOM   1091 C  CA  . ASN A 1 140 ? -5.108  -12.220 -0.249  1.00 17.81 ? 140 ASN X CA  1 
ATOM   1092 C  C   . ASN A 1 140 ? -6.134  -12.291 0.919   1.00 17.18 ? 140 ASN X C   1 
ATOM   1093 O  O   . ASN A 1 140 ? -7.244  -12.834 0.778   1.00 16.34 ? 140 ASN X O   1 
ATOM   1094 C  CB  . ASN A 1 140 ? -4.153  -13.406 -0.212  1.00 18.36 ? 140 ASN X CB  1 
ATOM   1095 C  CG  . ASN A 1 140 ? -4.834  -14.701 -0.598  1.00 21.00 ? 140 ASN X CG  1 
ATOM   1096 O  OD1 . ASN A 1 140 ? -5.326  -14.848 -1.732  1.00 25.69 ? 140 ASN X OD1 1 
ATOM   1097 N  ND2 . ASN A 1 140 ? -4.864  -15.658 0.340   1.00 20.36 ? 140 ASN X ND2 1 
ATOM   1098 N  N   . ASP A 1 141 ? -5.757  -11.738 2.060   1.00 16.83 ? 141 ASP X N   1 
ATOM   1099 C  CA  . ASP A 1 141 ? -6.631  -11.735 3.236   1.00 17.54 ? 141 ASP X CA  1 
ATOM   1100 C  C   . ASP A 1 141 ? -7.758  -10.742 3.025   1.00 17.51 ? 141 ASP X C   1 
ATOM   1101 O  O   . ASP A 1 141 ? -8.908  -11.017 3.384   1.00 16.74 ? 141 ASP X O   1 
ATOM   1102 C  CB  . ASP A 1 141 ? -5.857  -11.484 4.554   1.00 17.80 ? 141 ASP X CB  1 
ATOM   1103 C  CG  . ASP A 1 141 ? -5.075  -12.719 5.019   1.00 18.32 ? 141 ASP X CG  1 
ATOM   1104 O  OD1 . ASP A 1 141 ? -5.213  -13.830 4.454   1.00 17.55 ? 141 ASP X OD1 1 
ATOM   1105 O  OD2 . ASP A 1 141 ? -4.289  -12.579 5.948   1.00 18.77 ? 141 ASP X OD2 1 
ATOM   1106 N  N   . ILE A 1 142 ? -7.435  -9.639  2.335   1.00 16.45 ? 142 ILE X N   1 
ATOM   1107 C  CA  . ILE A 1 142 ? -8.478  -8.671  1.907   1.00 17.35 ? 142 ILE X CA  1 
ATOM   1108 C  C   . ILE A 1 142 ? -9.429  -9.352  0.889   1.00 16.88 ? 142 ILE X C   1 
ATOM   1109 O  O   . ILE A 1 142 ? -10.667 -9.244  0.997   1.00 16.33 ? 142 ILE X O   1 
ATOM   1110 C  CB  . ILE A 1 142 ? -7.865  -7.388  1.329   1.00 17.90 ? 142 ILE X CB  1 
ATOM   1111 C  CG1 . ILE A 1 142 ? -7.242  -6.569  2.462   1.00 18.01 ? 142 ILE X CG1 1 
ATOM   1112 C  CG2 . ILE A 1 142 ? -8.952  -6.555  0.558   1.00 17.01 ? 142 ILE X CG2 1 
ATOM   1113 C  CD1 . ILE A 1 142 ? -6.463  -5.360  2.005   1.00 22.13 ? 142 ILE X CD1 1 
ATOM   1114 N  N   . ALA A 1 143 ? -8.852  -10.034 -0.111  1.00 16.41 ? 143 ALA X N   1 
ATOM   1115 C  CA  . ALA A 1 143 ? -9.666  -10.756 -1.097  1.00 17.33 ? 143 ALA X CA  1 
ATOM   1116 C  C   . ALA A 1 143 ? -10.658 -11.731 -0.448  1.00 17.10 ? 143 ALA X C   1 
ATOM   1117 O  O   . ALA A 1 143 ? -11.792 -11.852 -0.912  1.00 17.97 ? 143 ALA X O   1 
ATOM   1118 C  CB  . ALA A 1 143 ? -8.804  -11.447 -2.153  1.00 16.47 ? 143 ALA X CB  1 
ATOM   1119 N  N   . ALA A 1 144 ? -10.253 -12.428 0.622   1.00 16.55 ? 144 ALA X N   1 
ATOM   1120 C  CA  . ALA A 1 144 ? -11.190 -13.311 1.334   1.00 17.17 ? 144 ALA X CA  1 
ATOM   1121 C  C   . ALA A 1 144 ? -12.392 -12.508 1.903   1.00 16.76 ? 144 ALA X C   1 
ATOM   1122 O  O   . ALA A 1 144 ? -13.542 -12.941 1.789   1.00 17.10 ? 144 ALA X O   1 
ATOM   1123 C  CB  . ALA A 1 144 ? -10.457 -14.110 2.434   1.00 16.16 ? 144 ALA X CB  1 
ATOM   1124 N  N   . LYS A 1 145 ? -12.124 -11.322 2.460   1.00 16.65 ? 145 LYS X N   1 
ATOM   1125 C  CA  . LYS A 1 145 ? -13.213 -10.425 2.923   1.00 16.36 ? 145 LYS X CA  1 
ATOM   1126 C  C   . LYS A 1 145 ? -14.086 -9.926  1.811   1.00 16.62 ? 145 LYS X C   1 
ATOM   1127 O  O   . LYS A 1 145 ? -15.307 -9.856  1.982   1.00 15.29 ? 145 LYS X O   1 
ATOM   1128 C  CB  . LYS A 1 145 ? -12.675 -9.262  3.751   1.00 17.52 ? 145 LYS X CB  1 
ATOM   1129 C  CG  . LYS A 1 145 ? -11.727 -9.746  4.873   1.00 17.04 ? 145 LYS X CG  1 
ATOM   1130 C  CD  . LYS A 1 145 ? -12.503 -10.452 5.991   1.00 23.90 ? 145 LYS X CD  1 
ATOM   1131 C  CE  . LYS A 1 145 ? -11.542 -10.916 7.072   1.00 27.29 ? 145 LYS X CE  1 
ATOM   1132 N  NZ  . LYS A 1 145 ? -12.139 -12.003 7.871   1.00 30.49 ? 145 LYS X NZ  1 
ATOM   1133 N  N   . TYR A 1 146 ? -13.480 -9.653  0.658   1.00 16.33 ? 146 TYR X N   1 
ATOM   1134 C  CA  . TYR A 1 146 ? -14.241 -9.153  -0.485  1.00 15.79 ? 146 TYR X CA  1 
ATOM   1135 C  C   . TYR A 1 146 ? -15.195 -10.237 -0.968  1.00 16.71 ? 146 TYR X C   1 
ATOM   1136 O  O   . TYR A 1 146 ? -16.380 -9.936  -1.258  1.00 16.84 ? 146 TYR X O   1 
ATOM   1137 C  CB  . TYR A 1 146 ? -13.320 -8.748  -1.603  1.00 16.20 ? 146 TYR X CB  1 
ATOM   1138 C  CG  . TYR A 1 146 ? -12.791 -7.334  -1.538  1.00 16.19 ? 146 TYR X CG  1 
ATOM   1139 C  CD1 . TYR A 1 146 ? -12.640 -6.650  -0.311  1.00 17.07 ? 146 TYR X CD1 1 
ATOM   1140 C  CD2 . TYR A 1 146 ? -12.420 -6.677  -2.714  1.00 18.13 ? 146 TYR X CD2 1 
ATOM   1141 C  CE1 . TYR A 1 146 ? -12.102 -5.345  -0.265  1.00 17.74 ? 146 TYR X CE1 1 
ATOM   1142 C  CE2 . TYR A 1 146 ? -11.906 -5.365  -2.685  1.00 19.79 ? 146 TYR X CE2 1 
ATOM   1143 C  CZ  . TYR A 1 146 ? -11.753 -4.701  -1.468  1.00 17.46 ? 146 TYR X CZ  1 
ATOM   1144 O  OH  . TYR A 1 146 ? -11.276 -3.399  -1.479  1.00 18.12 ? 146 TYR X OH  1 
ATOM   1145 N  N   . LYS A 1 147 ? -14.704 -11.488 -1.039  1.00 16.43 ? 147 LYS X N   1 
ATOM   1146 C  CA  . LYS A 1 147 ? -15.541 -12.636 -1.452  1.00 17.34 ? 147 LYS X CA  1 
ATOM   1147 C  C   . LYS A 1 147 ? -16.742 -12.800 -0.499  1.00 18.34 ? 147 LYS X C   1 
ATOM   1148 O  O   . LYS A 1 147 ? -17.867 -13.064 -0.951  1.00 18.84 ? 147 LYS X O   1 
ATOM   1149 C  CB  . LYS A 1 147 ? -14.760 -13.950 -1.505  1.00 16.67 ? 147 LYS X CB  1 
ATOM   1150 C  CG  . LYS A 1 147 ? -15.625 -15.090 -2.073  1.00 17.10 ? 147 LYS X CG  1 
ATOM   1151 C  CD  . LYS A 1 147 ? -14.846 -16.387 -2.243  1.00 21.43 ? 147 LYS X CD  1 
ATOM   1152 C  CE  . LYS A 1 147 ? -15.763 -17.570 -2.629  1.00 19.91 ? 147 LYS X CE  1 
ATOM   1153 N  NZ  . LYS A 1 147 ? -16.027 -18.428 -1.426  1.00 22.34 ? 147 LYS X NZ  1 
ATOM   1154 N  N   . GLU A 1 148 ? -16.485 -12.669 0.805   1.00 18.76 ? 148 GLU X N   1 
ATOM   1155 C  CA  . GLU A 1 148 ? -17.532 -12.723 1.825   1.00 20.69 ? 148 GLU X CA  1 
ATOM   1156 C  C   . GLU A 1 148 ? -18.653 -11.726 1.478   1.00 19.79 ? 148 GLU X C   1 
ATOM   1157 O  O   . GLU A 1 148 ? -19.868 -12.091 1.449   1.00 17.63 ? 148 GLU X O   1 
ATOM   1158 C  CB  . GLU A 1 148 ? -16.893 -12.470 3.195   1.00 19.96 ? 148 GLU X CB  1 
ATOM   1159 C  CG  . GLU A 1 148 ? -17.796 -12.407 4.358   1.00 23.97 ? 148 GLU X CG  1 
ATOM   1160 C  CD  . GLU A 1 148 ? -17.045 -12.193 5.675   1.00 24.62 ? 148 GLU X CD  1 
ATOM   1161 O  OE1 . GLU A 1 148 ? -15.813 -12.027 5.678   1.00 28.13 ? 148 GLU X OE1 1 
ATOM   1162 O  OE2 . GLU A 1 148 ? -17.714 -12.211 6.726   1.00 33.15 ? 148 GLU X OE2 1 
ATOM   1163 N  N   . LEU A 1 149 ? -18.222 -10.510 1.128   1.00 18.41 ? 149 LEU X N   1 
ATOM   1164 C  CA  . LEU A 1 149 ? -19.143 -9.432  0.767   1.00 18.14 ? 149 LEU X CA  1 
ATOM   1165 C  C   . LEU A 1 149 ? -19.721 -9.568  -0.628  1.00 19.11 ? 149 LEU X C   1 
ATOM   1166 O  O   . LEU A 1 149 ? -20.672 -8.856  -0.939  1.00 17.59 ? 149 LEU X O   1 
ATOM   1167 C  CB  . LEU A 1 149 ? -18.460 -8.064  0.908   1.00 19.01 ? 149 LEU X CB  1 
ATOM   1168 C  CG  . LEU A 1 149 ? -17.930 -7.763  2.315   1.00 17.15 ? 149 LEU X CG  1 
ATOM   1169 C  CD1 . LEU A 1 149 ? -17.003 -6.550  2.298   1.00 16.79 ? 149 LEU X CD1 1 
ATOM   1170 C  CD2 . LEU A 1 149 ? -19.000 -7.609  3.453   1.00 19.13 ? 149 LEU X CD2 1 
ATOM   1171 N  N   . GLY A 1 150 ? -19.165 -10.460 -1.454  1.00 18.38 ? 150 GLY X N   1 
ATOM   1172 C  CA  . GLY A 1 150 ? -19.537 -10.548 -2.867  1.00 20.16 ? 150 GLY X CA  1 
ATOM   1173 C  C   . GLY A 1 150 ? -19.178 -9.294  -3.632  1.00 20.69 ? 150 GLY X C   1 
ATOM   1174 O  O   . GLY A 1 150 ? -19.841 -8.951  -4.613  1.00 20.95 ? 150 GLY X O   1 
ATOM   1175 N  N   . PHE A 1 151 ? -18.119 -8.610  -3.205  1.00 21.80 ? 151 PHE X N   1 
ATOM   1176 C  CA  . PHE A 1 151 ? -17.738 -7.369  -3.857  1.00 23.67 ? 151 PHE X CA  1 
ATOM   1177 C  C   . PHE A 1 151 ? -16.790 -7.638  -5.011  1.00 25.87 ? 151 PHE X C   1 
ATOM   1178 O  O   . PHE A 1 151 ? -15.755 -8.281  -4.822  1.00 25.77 ? 151 PHE X O   1 
ATOM   1179 C  CB  . PHE A 1 151 ? -17.139 -6.338  -2.885  1.00 23.14 ? 151 PHE X CB  1 
ATOM   1180 C  CG  . PHE A 1 151 ? -16.637 -5.112  -3.571  1.00 23.62 ? 151 PHE X CG  1 
ATOM   1181 C  CD1 . PHE A 1 151 ? -17.529 -4.187  -4.093  1.00 25.18 ? 151 PHE X CD1 1 
ATOM   1182 C  CD2 . PHE A 1 151 ? -15.275 -4.879  -3.710  1.00 24.30 ? 151 PHE X CD2 1 
ATOM   1183 C  CE1 . PHE A 1 151 ? -17.075 -3.049  -4.742  1.00 24.61 ? 151 PHE X CE1 1 
ATOM   1184 C  CE2 . PHE A 1 151 ? -14.822 -3.739  -4.355  1.00 24.60 ? 151 PHE X CE2 1 
ATOM   1185 C  CZ  . PHE A 1 151 ? -15.737 -2.832  -4.888  1.00 23.37 ? 151 PHE X CZ  1 
ATOM   1186 N  N   . GLN A 1 152 ? -17.165 -7.113  -6.191  1.00 28.66 ? 152 GLN X N   1 
ATOM   1187 C  CA  . GLN A 1 152 ? -16.440 -7.270  -7.490  1.00 30.68 ? 152 GLN X CA  1 
ATOM   1188 C  C   . GLN A 1 152 ? -16.476 -8.639  -8.181  1.00 31.34 ? 152 GLN X C   1 
ATOM   1189 O  O   . GLN A 1 152 ? -17.478 -9.362  -8.142  1.00 32.20 ? 152 GLN X O   1 
ATOM   1190 C  CB  . GLN A 1 152 ? -14.995 -6.775  -7.360  1.00 31.83 ? 152 GLN X CB  1 
ATOM   1191 C  CG  . GLN A 1 152 ? -14.685 -5.386  -7.902  1.00 32.98 ? 152 GLN X CG  1 
ATOM   1192 C  CD  . GLN A 1 152 ? -15.821 -4.400  -7.768  1.00 36.87 ? 152 GLN X CD  1 
ATOM   1193 O  OE1 . GLN A 1 152 ? -16.977 -4.746  -7.932  1.00 38.53 ? 152 GLN X OE1 1 
ATOM   1194 N  NE2 . GLN A 1 152 ? -15.487 -3.153  -7.483  1.00 38.67 ? 152 GLN X NE2 1 
HETATM 1195 S  S   . SO4 B 2 .   ? -3.576  20.798  -0.698  1.00 32.31 ? 157 SO4 X S   1 
HETATM 1196 O  O1  . SO4 B 2 .   ? -4.278  21.631  -1.666  1.00 34.46 ? 157 SO4 X O1  1 
HETATM 1197 O  O2  . SO4 B 2 .   ? -4.129  21.109  0.618   1.00 36.61 ? 157 SO4 X O2  1 
HETATM 1198 O  O3  . SO4 B 2 .   ? -3.825  19.417  -1.117  1.00 35.82 ? 157 SO4 X O3  1 
HETATM 1199 O  O4  . SO4 B 2 .   ? -2.143  21.104  -0.726  1.00 31.86 ? 157 SO4 X O4  1 
HETATM 1200 S  S   . SO4 C 2 .   ? -5.426  -13.257 14.033  1.00 34.57 ? 158 SO4 X S   1 
HETATM 1201 O  O1  . SO4 C 2 .   ? -5.149  -12.861 12.661  1.00 37.95 ? 158 SO4 X O1  1 
HETATM 1202 O  O2  . SO4 C 2 .   ? -4.335  -14.074 14.570  1.00 36.71 ? 158 SO4 X O2  1 
HETATM 1203 O  O3  . SO4 C 2 .   ? -5.502  -12.048 14.819  1.00 38.27 ? 158 SO4 X O3  1 
HETATM 1204 O  O4  . SO4 C 2 .   ? -6.705  -13.968 14.081  1.00 36.58 ? 158 SO4 X O4  1 
HETATM 1205 CO CO  . COH D 3 .   ? -7.347  3.333   1.149   1.00 19.85 ? 154 COH X CO  1 
HETATM 1206 C  CHA . COH D 3 .   ? -9.274  5.636   2.926   1.00 15.33 ? 154 COH X CHA 1 
HETATM 1207 C  CHB . COH D 3 .   ? -5.667  2.431   4.112   1.00 13.61 ? 154 COH X CHB 1 
HETATM 1208 C  CHC . COH D 3 .   ? -5.500  1.209   -0.589  1.00 17.08 ? 154 COH X CHC 1 
HETATM 1209 C  CHD . COH D 3 .   ? -8.845  4.223   -1.776  1.00 17.89 ? 154 COH X CHD 1 
HETATM 1210 N  NA  . COH D 3 .   ? -7.445  3.958   3.139   1.00 16.40 ? 154 COH X NA  1 
HETATM 1211 C  C1A . COH D 3 .   ? -8.309  4.859   3.698   1.00 16.22 ? 154 COH X C1A 1 
HETATM 1212 C  C2A . COH D 3 .   ? -8.188  5.020   5.086   1.00 16.87 ? 154 COH X C2A 1 
HETATM 1213 C  C3A . COH D 3 .   ? -7.047  4.150   5.422   1.00 15.15 ? 154 COH X C3A 1 
HETATM 1214 C  C4A . COH D 3 .   ? -6.697  3.482   4.154   1.00 15.16 ? 154 COH X C4A 1 
HETATM 1215 C  CMA . COH D 3 .   ? -6.385  3.828   6.746   1.00 13.56 ? 154 COH X CMA 1 
HETATM 1216 C  CAA . COH D 3 .   ? -8.995  5.887   6.058   1.00 16.28 ? 154 COH X CAA 1 
HETATM 1217 C  CBA . COH D 3 .   ? -9.987  5.055   6.867   1.00 22.34 ? 154 COH X CBA 1 
HETATM 1218 C  CGA . COH D 3 .   ? -10.932 4.293   5.948   1.00 23.66 ? 154 COH X CGA 1 
HETATM 1219 O  O1A . COH D 3 .   ? -11.685 4.984   5.230   1.00 23.89 ? 154 COH X O1A 1 
HETATM 1220 O  O2A . COH D 3 .   ? -10.878 3.024   5.930   1.00 24.44 ? 154 COH X O2A 1 
HETATM 1221 N  NB  . COH D 3 .   ? -5.835  2.006   1.647   1.00 20.05 ? 154 COH X NB  1 
HETATM 1222 C  C1B . COH D 3 .   ? -5.262  1.770   2.858   1.00 18.17 ? 154 COH X C1B 1 
HETATM 1223 C  C2B . COH D 3 .   ? -4.245  0.822   2.844   1.00 18.25 ? 154 COH X C2B 1 
HETATM 1224 C  C3B . COH D 3 .   ? -4.204  0.429   1.414   1.00 17.35 ? 154 COH X C3B 1 
HETATM 1225 C  C4B . COH D 3 .   ? -5.232  1.235   0.721   1.00 18.54 ? 154 COH X C4B 1 
HETATM 1226 C  CMB . COH D 3 .   ? -3.422  0.309   4.014   1.00 17.02 ? 154 COH X CMB 1 
HETATM 1227 C  CAB . COH D 3 .   ? -3.273  -0.537  0.785   1.00 14.84 ? 154 COH X CAB 1 
HETATM 1228 C  CBB . COH D 3 .   ? -2.004  -0.560  1.182   1.00 19.48 ? 154 COH X CBB 1 
HETATM 1229 N  NC  . COH D 3 .   ? -7.177  2.821   -0.801  1.00 17.07 ? 154 COH X NC  1 
HETATM 1230 C  C1C . COH D 3 .   ? -6.291  1.937   -1.278  1.00 15.00 ? 154 COH X C1C 1 
HETATM 1231 C  C2C . COH D 3 .   ? -6.342  1.840   -2.761  1.00 14.72 ? 154 COH X C2C 1 
HETATM 1232 C  C3C . COH D 3 .   ? -7.525  2.695   -3.154  1.00 17.56 ? 154 COH X C3C 1 
HETATM 1233 C  C4C . COH D 3 .   ? -7.883  3.324   -1.839  1.00 15.60 ? 154 COH X C4C 1 
HETATM 1234 C  CMC . COH D 3 .   ? -5.515  0.855   -3.580  1.00 14.98 ? 154 COH X CMC 1 
HETATM 1235 C  CAC . COH D 3 .   ? -7.797  3.471   -4.447  1.00 18.31 ? 154 COH X CAC 1 
HETATM 1236 C  CBC . COH D 3 .   ? -7.537  2.984   -5.652  1.00 20.79 ? 154 COH X CBC 1 
HETATM 1237 N  ND  . COH D 3 .   ? -8.832  4.672   0.650   1.00 18.80 ? 154 COH X ND  1 
HETATM 1238 C  C1D . COH D 3 .   ? -9.317  4.909   -0.586  1.00 20.22 ? 154 COH X C1D 1 
HETATM 1239 C  C2D . COH D 3 .   ? -10.384 5.932   -0.601  1.00 19.27 ? 154 COH X C2D 1 
HETATM 1240 C  C3D . COH D 3 .   ? -10.431 6.396   0.780   1.00 19.48 ? 154 COH X C3D 1 
HETATM 1241 C  C4D . COH D 3 .   ? -9.460  5.533   1.479   1.00 18.60 ? 154 COH X C4D 1 
HETATM 1242 C  CMD . COH D 3 .   ? -11.079 6.526   -1.796  1.00 17.28 ? 154 COH X CMD 1 
HETATM 1243 C  CAD . COH D 3 .   ? -11.228 7.585   1.316   1.00 19.24 ? 154 COH X CAD 1 
HETATM 1244 C  CBD . COH D 3 .   ? -10.332 8.781   1.084   1.00 21.25 ? 154 COH X CBD 1 
HETATM 1245 C  CGD . COH D 3 .   ? -10.911 10.007  1.763   1.00 24.70 ? 154 COH X CGD 1 
HETATM 1246 O  O1D . COH D 3 .   ? -10.554 10.336  2.906   1.00 25.74 ? 154 COH X O1D 1 
HETATM 1247 O  O2D . COH D 3 .   ? -11.752 10.666  1.124   1.00 27.32 ? 154 COH X O2D 1 
HETATM 1248 O  O   . HOH E 4 .   ? -5.941  5.196   0.358   1.00 27.15 ? 159 HOH X O   1 
HETATM 1249 O  O   . HOH E 4 .   ? -4.775  2.865   -16.393 1.00 17.14 ? 160 HOH X O   1 
HETATM 1250 O  O   . HOH E 4 .   ? -4.834  0.369   -15.181 1.00 22.28 ? 161 HOH X O   1 
HETATM 1251 O  O   . HOH E 4 .   ? -9.208  -12.602 5.477   1.00 18.14 ? 162 HOH X O   1 
HETATM 1252 O  O   . HOH E 4 .   ? 10.724  -14.449 0.492   1.00 15.50 ? 163 HOH X O   1 
HETATM 1253 O  O   . HOH E 4 .   ? -3.288  5.191   9.711   1.00 19.00 ? 164 HOH X O   1 
HETATM 1254 O  O   . HOH E 4 .   ? -1.377  1.144   12.218  1.00 19.88 ? 165 HOH X O   1 
HETATM 1255 O  O   . HOH E 4 .   ? 8.054   -13.352 -2.969  1.00 18.47 ? 166 HOH X O   1 
HETATM 1256 O  O   . HOH E 4 .   ? -12.425 -6.964  -6.376  1.00 23.23 ? 167 HOH X O   1 
HETATM 1257 O  O   . HOH E 4 .   ? -19.452 -12.604 8.199   1.00 23.35 ? 168 HOH X O   1 
HETATM 1258 O  O   . HOH E 4 .   ? -7.832  -0.998  10.434  1.00 17.31 ? 169 HOH X O   1 
HETATM 1259 O  O   . HOH E 4 .   ? 13.331  -18.375 9.072   1.00 29.79 ? 170 HOH X O   1 
HETATM 1260 O  O   . HOH E 4 .   ? -15.909 -9.199  4.989   1.00 17.74 ? 171 HOH X O   1 
HETATM 1261 O  O   . HOH E 4 .   ? 14.742  -8.566  -6.828  1.00 21.24 ? 172 HOH X O   1 
HETATM 1262 O  O   . HOH E 4 .   ? 0.753   -8.759  8.572   1.00 18.48 ? 173 HOH X O   1 
HETATM 1263 O  O   . HOH E 4 .   ? 5.746   -14.419 -3.952  1.00 20.95 ? 174 HOH X O   1 
HETATM 1264 O  O   . HOH E 4 .   ? 13.368  -6.795  11.234  1.00 21.71 ? 175 HOH X O   1 
HETATM 1265 O  O   . HOH E 4 .   ? 13.130  3.995   10.675  1.00 23.17 ? 176 HOH X O   1 
HETATM 1266 O  O   . HOH E 4 .   ? -11.642 -5.438  13.981  1.00 16.17 ? 177 HOH X O   1 
HETATM 1267 O  O   . HOH E 4 .   ? 1.702   15.375  -2.545  1.00 22.33 ? 178 HOH X O   1 
HETATM 1268 O  O   . HOH E 4 .   ? 1.404   17.374  4.019   1.00 23.97 ? 179 HOH X O   1 
HETATM 1269 O  O   . HOH E 4 .   ? -17.215 9.426   4.942   1.00 31.34 ? 180 HOH X O   1 
HETATM 1270 O  O   . HOH E 4 .   ? 16.197  -6.687  -5.562  1.00 22.76 ? 181 HOH X O   1 
HETATM 1271 O  O   . HOH E 4 .   ? 2.399   -9.677  -6.211  1.00 22.26 ? 182 HOH X O   1 
HETATM 1272 O  O   . HOH E 4 .   ? 2.797   -15.318 -1.084  1.00 28.21 ? 183 HOH X O   1 
HETATM 1273 O  O   . HOH E 4 .   ? 8.217   12.143  6.555   1.00 25.16 ? 184 HOH X O   1 
HETATM 1274 O  O   . HOH E 4 .   ? 9.574   -1.968  11.213  1.00 23.70 ? 185 HOH X O   1 
HETATM 1275 O  O   . HOH E 4 .   ? -2.510  -9.348  -12.560 1.00 20.32 ? 186 HOH X O   1 
HETATM 1276 O  O   . HOH E 4 .   ? 15.835  -0.691  8.671   1.00 28.72 ? 187 HOH X O   1 
HETATM 1277 O  O   . HOH E 4 .   ? 20.497  3.689   -2.471  1.00 22.17 ? 188 HOH X O   1 
HETATM 1278 O  O   . HOH E 4 .   ? 0.905   -3.310  14.867  1.00 20.83 ? 189 HOH X O   1 
HETATM 1279 O  O   . HOH E 4 .   ? 2.688   -7.943  -4.152  1.00 23.66 ? 190 HOH X O   1 
HETATM 1280 O  O   . HOH E 4 .   ? -15.115 -11.239 8.334   1.00 30.33 ? 191 HOH X O   1 
HETATM 1281 O  O   . HOH E 4 .   ? 8.021   -8.672  -6.474  1.00 21.92 ? 192 HOH X O   1 
HETATM 1282 O  O   . HOH E 4 .   ? 13.077  -13.460 0.875   1.00 22.45 ? 193 HOH X O   1 
HETATM 1283 O  O   . HOH E 4 .   ? 11.674  -13.198 12.844  1.00 21.88 ? 194 HOH X O   1 
HETATM 1284 O  O   . HOH E 4 .   ? -8.368  10.003  -13.493 1.00 25.85 ? 195 HOH X O   1 
HETATM 1285 O  O   . HOH E 4 .   ? -7.478  16.606  -0.888  1.00 28.74 ? 196 HOH X O   1 
HETATM 1286 O  O   . HOH E 4 .   ? 10.241  6.455   -10.277 1.00 30.59 ? 197 HOH X O   1 
HETATM 1287 O  O   . HOH E 4 .   ? 2.544   -15.303 7.855   1.00 28.79 ? 198 HOH X O   1 
HETATM 1288 O  O   . HOH E 4 .   ? 14.162  6.385   4.221   1.00 20.07 ? 199 HOH X O   1 
HETATM 1289 O  O   . HOH E 4 .   ? 19.476  -11.202 -1.956  1.00 27.93 ? 200 HOH X O   1 
HETATM 1290 O  O   . HOH E 4 .   ? -4.628  18.554  4.521   1.00 26.47 ? 201 HOH X O   1 
HETATM 1291 O  O   . HOH E 4 .   ? 9.420   -19.773 10.281  1.00 26.80 ? 202 HOH X O   1 
HETATM 1292 O  O   . HOH E 4 .   ? -4.067  20.034  -4.524  1.00 30.80 ? 203 HOH X O   1 
HETATM 1293 O  O   . HOH E 4 .   ? 3.747   -14.376 12.970  1.00 26.68 ? 204 HOH X O   1 
HETATM 1294 O  O   . HOH E 4 .   ? -14.809 -0.701  8.144   1.00 20.38 ? 205 HOH X O   1 
HETATM 1295 O  O   . HOH E 4 .   ? 6.777   -2.847  -9.101  1.00 27.50 ? 206 HOH X O   1 
HETATM 1296 O  O   . HOH E 4 .   ? 8.551   9.344   8.968   1.00 24.76 ? 207 HOH X O   1 
HETATM 1297 O  O   . HOH E 4 .   ? 17.467  -2.021  -5.230  1.00 25.24 ? 208 HOH X O   1 
HETATM 1298 O  O   . HOH E 4 .   ? 7.774   15.129  1.383   1.00 33.68 ? 209 HOH X O   1 
HETATM 1299 O  O   . HOH E 4 .   ? 6.148   8.221   -7.518  1.00 25.48 ? 210 HOH X O   1 
HETATM 1300 O  O   . HOH E 4 .   ? 13.331  -17.947 5.770   1.00 31.91 ? 211 HOH X O   1 
HETATM 1301 O  O   . HOH E 4 .   ? -11.486 -14.125 6.392   1.00 26.32 ? 212 HOH X O   1 
HETATM 1302 O  O   . HOH E 4 .   ? -14.653 5.922   -3.819  1.00 23.89 ? 213 HOH X O   1 
HETATM 1303 O  O   . HOH E 4 .   ? -11.445 11.102  -1.463  1.00 39.06 ? 214 HOH X O   1 
HETATM 1304 O  O   . HOH E 4 .   ? -1.031  5.963   -17.457 1.00 28.66 ? 215 HOH X O   1 
HETATM 1305 O  O   . HOH E 4 .   ? 1.188   0.704   -9.365  1.00 38.37 ? 216 HOH X O   1 
HETATM 1306 O  O   . HOH E 4 .   ? -7.560  -16.273 -2.755  1.00 27.31 ? 217 HOH X O   1 
HETATM 1307 O  O   . HOH E 4 .   ? 13.906  -13.317 4.113   1.00 30.19 ? 218 HOH X O   1 
HETATM 1308 O  O   . HOH E 4 .   ? 2.907   22.245  -1.586  1.00 30.34 ? 219 HOH X O   1 
HETATM 1309 O  O   . HOH E 4 .   ? -21.224 -7.696  -6.912  1.00 27.30 ? 220 HOH X O   1 
HETATM 1310 O  O   . HOH E 4 .   ? 4.715   20.314  -7.694  1.00 26.94 ? 221 HOH X O   1 
HETATM 1311 O  O   . HOH E 4 .   ? 15.408  7.896   -0.688  1.00 25.63 ? 222 HOH X O   1 
HETATM 1312 O  O   . HOH E 4 .   ? 13.662  3.580   -10.061 1.00 22.93 ? 223 HOH X O   1 
HETATM 1313 O  O   . HOH E 4 .   ? 21.545  -7.223  -1.839  1.00 27.74 ? 224 HOH X O   1 
HETATM 1314 O  O   . HOH E 4 .   ? -5.801  -13.395 8.648   1.00 30.00 ? 225 HOH X O   1 
HETATM 1315 O  O   . HOH E 4 .   ? -5.753  13.313  3.464   1.00 31.45 ? 226 HOH X O   1 
HETATM 1316 O  O   . HOH E 4 .   ? -3.669  20.618  2.927   1.00 26.11 ? 227 HOH X O   1 
HETATM 1317 O  O   . HOH E 4 .   ? 0.162   -3.415  -11.004 1.00 31.21 ? 228 HOH X O   1 
HETATM 1318 O  O   . HOH E 4 .   ? -13.719 9.423   -2.709  1.00 33.07 ? 229 HOH X O   1 
HETATM 1319 O  O   . HOH E 4 .   ? -15.798 -7.397  13.216  1.00 32.50 ? 230 HOH X O   1 
HETATM 1320 O  O   . HOH E 4 .   ? -7.977  -15.011 4.654   1.00 27.91 ? 231 HOH X O   1 
HETATM 1321 O  O   . HOH E 4 .   ? -2.830  -5.906  -14.548 1.00 33.57 ? 232 HOH X O   1 
HETATM 1322 O  O   . HOH E 4 .   ? 8.725   6.924   -7.100  1.00 32.02 ? 233 HOH X O   1 
HETATM 1323 O  O   . HOH E 4 .   ? 7.715   -18.734 14.713  1.00 35.70 ? 234 HOH X O   1 
HETATM 1324 O  O   . HOH E 4 .   ? -14.463 -10.854 -4.586  1.00 24.93 ? 235 HOH X O   1 
HETATM 1325 O  O   . HOH E 4 .   ? -6.496  19.062  -1.865  1.00 28.97 ? 236 HOH X O   1 
HETATM 1326 O  O   . HOH E 4 .   ? 2.664   2.026   12.017  1.00 28.65 ? 237 HOH X O   1 
HETATM 1327 O  O   . HOH E 4 .   ? 2.194   -14.519 1.036   1.00 22.43 ? 238 HOH X O   1 
HETATM 1328 O  O   . HOH E 4 .   ? -1.579  -3.851  15.925  1.00 44.03 ? 239 HOH X O   1 
HETATM 1329 O  O   . HOH E 4 .   ? -15.283 7.070   -0.412  1.00 31.47 ? 240 HOH X O   1 
HETATM 1330 O  O   . HOH E 4 .   ? -2.598  -14.158 8.146   1.00 28.56 ? 241 HOH X O   1 
HETATM 1331 O  O   . HOH E 4 .   ? -10.902 16.860  -5.756  1.00 35.51 ? 242 HOH X O   1 
HETATM 1332 O  O   . HOH E 4 .   ? -12.081 -11.754 -3.884  1.00 28.21 ? 243 HOH X O   1 
HETATM 1333 O  O   . HOH E 4 .   ? 16.328  -3.926  2.266   1.00 39.21 ? 244 HOH X O   1 
HETATM 1334 O  O   . HOH E 4 .   ? -13.017 12.704  1.653   1.00 28.16 ? 245 HOH X O   1 
HETATM 1335 O  O   . HOH E 4 .   ? -0.918  23.644  0.983   1.00 34.05 ? 246 HOH X O   1 
HETATM 1336 O  O   . HOH E 4 .   ? -17.137 0.617   6.277   1.00 38.23 ? 247 HOH X O   1 
HETATM 1337 O  O   . HOH E 4 .   ? 0.877   21.580  -13.326 1.00 29.79 ? 248 HOH X O   1 
HETATM 1338 O  O   . HOH E 4 .   ? -14.589 4.455   5.994   1.00 31.38 ? 249 HOH X O   1 
HETATM 1339 O  O   . HOH E 4 .   ? 4.185   -6.314  -5.907  1.00 33.89 ? 250 HOH X O   1 
HETATM 1340 O  O   . HOH E 4 .   ? 2.337   7.509   11.489  1.00 31.38 ? 251 HOH X O   1 
HETATM 1341 O  O   . HOH E 4 .   ? 4.892   2.300   10.593  1.00 29.54 ? 252 HOH X O   1 
HETATM 1342 O  O   . HOH E 4 .   ? -12.101 4.001   -11.258 1.00 31.99 ? 253 HOH X O   1 
HETATM 1343 O  O   . HOH E 4 .   ? -19.529 -5.514  -6.559  1.00 29.16 ? 254 HOH X O   1 
HETATM 1344 O  O   . HOH E 4 .   ? -13.915 -19.396 0.106   1.00 28.27 ? 255 HOH X O   1 
HETATM 1345 O  O   . HOH E 4 .   ? 9.140   -14.008 13.593  1.00 34.80 ? 256 HOH X O   1 
HETATM 1346 O  O   . HOH E 4 .   ? 6.636   -6.829  -7.581  1.00 29.87 ? 257 HOH X O   1 
HETATM 1347 O  O   . HOH E 4 .   ? 11.997  8.143   -5.950  1.00 30.93 ? 258 HOH X O   1 
HETATM 1348 O  O   . HOH E 4 .   ? -7.677  -11.487 7.947   1.00 30.57 ? 259 HOH X O   1 
HETATM 1349 O  O   . HOH E 4 .   ? -15.705 -3.720  9.445   1.00 32.75 ? 260 HOH X O   1 
HETATM 1350 O  O   . HOH E 4 .   ? -2.561  10.512  -13.674 1.00 33.33 ? 261 HOH X O   1 
HETATM 1351 O  O   . HOH E 4 .   ? 10.143  16.637  -5.601  1.00 44.00 ? 262 HOH X O   1 
HETATM 1352 O  O   . HOH E 4 .   ? -17.114 4.288   -7.663  1.00 32.93 ? 263 HOH X O   1 
HETATM 1353 O  O   . HOH E 4 .   ? -9.038  9.552   4.968   1.00 32.91 ? 264 HOH X O   1 
HETATM 1354 O  O   . HOH E 4 .   ? 12.097  1.650   -9.246  1.00 34.08 ? 265 HOH X O   1 
HETATM 1355 O  O   . HOH E 4 .   ? -6.537  -9.693  15.040  1.00 27.22 ? 266 HOH X O   1 
HETATM 1356 O  O   . HOH E 4 .   ? -15.416 -12.082 12.192  1.00 39.32 ? 267 HOH X O   1 
HETATM 1357 O  O   . HOH E 4 .   ? -22.669 0.581   1.202   1.00 35.56 ? 268 HOH X O   1 
HETATM 1358 O  O   . HOH E 4 .   ? -19.306 -4.230  4.718   1.00 30.97 ? 270 HOH X O   1 
HETATM 1359 O  O   . HOH E 4 .   ? -19.501 -2.004  -2.688  1.00 47.37 ? 271 HOH X O   1 
HETATM 1360 O  O   . HOH E 4 .   ? 15.930  -11.957 8.189   1.00 34.18 ? 272 HOH X O   1 
HETATM 1361 O  O   . HOH E 4 .   ? 12.667  -17.598 2.490   1.00 30.99 ? 273 HOH X O   1 
HETATM 1362 O  O   . HOH E 4 .   ? 20.405  -3.947  1.214   1.00 28.65 ? 274 HOH X O   1 
HETATM 1363 O  O   . HOH E 4 .   ? -14.534 8.714   2.858   1.00 38.92 ? 275 HOH X O   1 
HETATM 1364 O  O   . HOH E 4 .   ? 12.880  9.797   1.967   1.00 38.15 ? 276 HOH X O   1 
HETATM 1365 O  O   . HOH E 4 .   ? -1.861  20.700  -5.594  1.00 30.54 ? 277 HOH X O   1 
HETATM 1366 O  O   . HOH E 4 .   ? 1.610   -16.359 2.771   1.00 37.80 ? 278 HOH X O   1 
HETATM 1367 O  O   . HOH E 4 .   ? -14.674 -0.302  -9.470  1.00 34.12 ? 279 HOH X O   1 
HETATM 1368 O  O   . HOH E 4 .   ? -12.803 -10.258 13.111  1.00 31.29 ? 280 HOH X O   1 
HETATM 1369 O  O   . HOH E 4 .   ? 1.515   2.575   -11.003 1.00 37.74 ? 281 HOH X O   1 
HETATM 1370 O  O   . HOH E 4 .   ? -5.790  11.434  -13.756 1.00 29.79 ? 282 HOH X O   1 
HETATM 1371 O  O   . HOH E 4 .   ? -12.060 7.416   6.292   1.00 32.02 ? 283 HOH X O   1 
HETATM 1372 O  O   . HOH E 4 .   ? -0.172  -15.647 7.953   1.00 32.11 ? 284 HOH X O   1 
HETATM 1373 O  O   . HOH E 4 .   ? -2.404  -3.396  -15.534 1.00 36.42 ? 285 HOH X O   1 
HETATM 1374 O  O   . HOH E 4 .   ? 5.054   8.224   -10.114 1.00 35.07 ? 286 HOH X O   1 
HETATM 1375 O  O   . HOH E 4 .   ? 6.424   -13.974 16.789  1.00 41.47 ? 287 HOH X O   1 
HETATM 1376 O  O   . HOH E 4 .   ? -18.627 2.760   -9.027  1.00 42.37 ? 288 HOH X O   1 
HETATM 1377 O  O   . HOH E 4 .   ? 0.560   -15.465 11.103  1.00 32.00 ? 290 HOH X O   1 
HETATM 1378 O  O   . HOH E 4 .   ? 9.015   14.398  -7.754  1.00 42.58 ? 291 HOH X O   1 
HETATM 1379 O  O   . HOH E 4 .   ? 4.142   -13.357 16.177  1.00 42.63 ? 292 HOH X O   1 
HETATM 1380 O  O   . HOH E 4 .   ? 21.428  -4.631  -1.360  1.00 31.78 ? 293 HOH X O   1 
HETATM 1381 O  O   . HOH E 4 .   ? -14.777 10.385  -13.519 1.00 34.47 ? 294 HOH X O   1 
HETATM 1382 O  O   . HOH E 4 .   ? -8.701  -14.886 -0.577  1.00 37.79 ? 295 HOH X O   1 
HETATM 1383 O  O   . HOH E 4 .   ? 2.694   14.283  6.008   1.00 60.90 ? 296 HOH X O   1 
HETATM 1384 O  O   . HOH E 4 .   ? -18.795 -10.938 10.291  1.00 31.08 ? 297 HOH X O   1 
HETATM 1385 O  O   . HOH E 4 .   ? -14.018 -14.054 5.314   1.00 38.61 ? 298 HOH X O   1 
HETATM 1386 O  O   . HOH E 4 .   ? 13.644  -1.645  10.937  1.00 36.34 ? 299 HOH X O   1 
HETATM 1387 O  O   . HOH E 4 .   ? 1.098   13.553  7.641   1.00 41.84 ? 300 HOH X O   1 
HETATM 1388 O  O   . HOH E 4 .   ? -9.179  19.166  -12.471 1.00 56.74 ? 301 HOH X O   1 
HETATM 1389 O  O   . HOH E 4 .   ? -7.199  16.532  4.873   1.00 31.31 ? 302 HOH X O   1 
HETATM 1390 O  O   . HOH E 4 .   ? 5.453   13.917  0.667   1.00 67.73 ? 303 HOH X O   1 
HETATM 1391 O  O   . HOH E 4 .   ? 18.247  -5.138  0.902   1.00 33.87 ? 304 HOH X O   1 
HETATM 1392 O  O   . HOH E 4 .   ? 8.834   12.183  -2.018  1.00 49.70 ? 305 HOH X O   1 
HETATM 1393 O  O   . HOH E 4 .   ? 0.110   -13.603 -6.188  1.00 40.32 ? 306 HOH X O   1 
HETATM 1394 O  O   . HOH E 4 .   ? 3.794   9.973   10.790  1.00 34.71 ? 307 HOH X O   1 
# 
